data_5LY1
#
_entry.id   5LY1
#
_cell.length_a   57.265
_cell.length_b   101.482
_cell.length_c   140.330
_cell.angle_alpha   90.00
_cell.angle_beta   99.56
_cell.angle_gamma   90.00
#
_symmetry.space_group_name_H-M   'P 1 21 1'
#
loop_
_entity.id
_entity.type
_entity.pdbx_description
1 polymer 'Lysine-specific demethylase 4A'
2 polymer CP2
3 non-polymer 'NICKEL (II) ION'
4 non-polymer 'ZINC ION'
5 non-polymer 'CHLORIDE ION'
6 non-polymer GLYCEROL
7 non-polymer 'PROPANOIC ACID'
8 water water
#
loop_
_entity_poly.entity_id
_entity_poly.type
_entity_poly.pdbx_seq_one_letter_code
_entity_poly.pdbx_strand_id
1 'polypeptide(L)'
;MHHHHHHSSGVDLGTENLYFQSMASESETLNPSARIMTFYPTMEEFRNFSRYIAYIESQGAHRAGLAKVVPPKEWKPRAS
YDDIDDLVIPAPIQQLVTGQSGLFTQYNIQKKAMTVREFRKIANSDKYCTPRYSEFEELERKYWKNLTFNPPIYGADVNG
TLYEKHVDEWNIGRLRTILDLVEKESGITIEGVNTPYLYFGMWKTSFAWHTEDMDLYSINYLHFGEPKSWYSVPPEHGKR
LERLAKGFFPGSAQSCEAFLRHKMTLISPLMLKKYGIPFDKVTQEAGEFMITFPYGYHAGFNHGFNCAESTNFATRRWIE
YGKQAVLCSCRKDMVKISMDVFVRKFQPERYKLWKAGKDNTVIDHTLPTPEAAEFLKESEL
;
A,B,C,D
2 'polypeptide(L)' (48V)(DTY)VYNTRSGWRWYT E
#
# COMPACT_ATOMS: atom_id res chain seq x y z
N THR A 29 45.30 -44.08 29.80
CA THR A 29 44.62 -45.36 30.00
C THR A 29 43.11 -45.15 30.13
N LEU A 30 42.69 -43.90 30.36
CA LEU A 30 41.29 -43.58 30.54
C LEU A 30 40.64 -43.26 29.19
N ASN A 31 39.61 -44.03 28.84
CA ASN A 31 38.89 -43.88 27.58
C ASN A 31 39.85 -43.89 26.38
N PRO A 32 40.68 -44.93 26.24
CA PRO A 32 41.55 -45.02 25.06
C PRO A 32 40.80 -44.94 23.75
N SER A 33 39.67 -45.65 23.65
CA SER A 33 38.86 -45.63 22.43
C SER A 33 38.36 -44.22 22.11
N ALA A 34 38.33 -43.33 23.09
CA ALA A 34 37.84 -41.96 22.88
C ALA A 34 36.40 -41.97 22.38
N ARG A 35 35.56 -42.77 23.03
CA ARG A 35 34.18 -42.90 22.62
C ARG A 35 33.26 -42.12 23.55
N ILE A 36 32.11 -41.74 23.03
CA ILE A 36 31.22 -40.84 23.74
C ILE A 36 30.66 -41.56 24.96
N MET A 37 30.88 -40.97 26.12
CA MET A 37 30.48 -41.56 27.38
C MET A 37 29.19 -40.89 27.86
N THR A 38 28.32 -41.71 28.45
CA THR A 38 27.05 -41.24 28.99
C THR A 38 27.12 -41.35 30.51
N PHE A 39 26.53 -40.38 31.19
CA PHE A 39 26.58 -40.33 32.64
C PHE A 39 25.18 -40.23 33.20
N TYR A 40 25.00 -40.83 34.37
CA TYR A 40 23.71 -40.90 35.05
C TYR A 40 23.89 -40.43 36.48
N PRO A 41 24.26 -39.16 36.67
CA PRO A 41 24.50 -38.66 38.03
C PRO A 41 23.25 -38.80 38.90
N THR A 42 23.50 -39.06 40.18
CA THR A 42 22.45 -38.91 41.18
C THR A 42 22.26 -37.42 41.46
N MET A 43 21.15 -37.10 42.13
CA MET A 43 20.84 -35.70 42.37
C MET A 43 21.97 -35.00 43.13
N GLU A 44 22.69 -35.72 43.99
CA GLU A 44 23.76 -35.10 44.76
C GLU A 44 25.03 -34.94 43.94
N GLU A 45 25.34 -35.91 43.08
CA GLU A 45 26.45 -35.74 42.15
C GLU A 45 26.17 -34.64 41.14
N PHE A 46 24.89 -34.44 40.83
CA PHE A 46 24.47 -33.52 39.78
C PHE A 46 24.66 -32.06 40.18
N ARG A 47 24.46 -31.75 41.47
CA ARG A 47 24.30 -30.37 41.91
C ARG A 47 25.39 -29.46 41.34
N ASN A 48 26.66 -29.74 41.65
CA ASN A 48 27.75 -28.85 41.31
C ASN A 48 28.17 -29.14 39.87
N PHE A 49 27.66 -28.33 38.94
CA PHE A 49 27.93 -28.53 37.52
C PHE A 49 29.43 -28.58 37.25
N SER A 50 30.15 -27.51 37.60
CA SER A 50 31.59 -27.45 37.34
C SER A 50 32.29 -28.67 37.92
N ARG A 51 31.90 -29.06 39.14
CA ARG A 51 32.49 -30.23 39.76
C ARG A 51 32.20 -31.49 38.95
N TYR A 52 30.98 -31.62 38.44
CA TYR A 52 30.65 -32.82 37.67
C TYR A 52 31.40 -32.84 36.35
N ILE A 53 31.65 -31.68 35.74
CA ILE A 53 32.48 -31.65 34.54
C ILE A 53 33.88 -32.14 34.88
N ALA A 54 34.41 -31.69 36.01
CA ALA A 54 35.70 -32.23 36.44
C ALA A 54 35.64 -33.75 36.56
N TYR A 55 34.55 -34.27 37.15
CA TYR A 55 34.44 -35.72 37.30
C TYR A 55 34.45 -36.44 35.96
N ILE A 56 33.59 -36.02 35.03
CA ILE A 56 33.50 -36.76 33.78
C ILE A 56 34.80 -36.62 33.01
N GLU A 57 35.57 -35.55 33.24
CA GLU A 57 36.90 -35.50 32.66
C GLU A 57 37.84 -36.48 33.33
N SER A 58 37.71 -36.65 34.65
CA SER A 58 38.48 -37.67 35.35
C SER A 58 38.28 -39.04 34.69
N GLN A 59 37.10 -39.29 34.15
CA GLN A 59 36.78 -40.56 33.50
C GLN A 59 37.17 -40.58 32.03
N GLY A 60 37.82 -39.53 31.53
CA GLY A 60 38.20 -39.49 30.13
C GLY A 60 37.10 -39.13 29.17
N ALA A 61 36.01 -38.51 29.66
CA ALA A 61 34.91 -38.16 28.76
C ALA A 61 35.36 -37.18 27.70
N HIS A 62 36.21 -36.22 28.08
CA HIS A 62 36.65 -35.17 27.16
C HIS A 62 37.34 -35.72 25.92
N ARG A 63 37.81 -36.97 25.96
CA ARG A 63 38.59 -37.48 24.85
C ARG A 63 37.73 -37.73 23.62
N ALA A 64 36.45 -38.03 23.81
CA ALA A 64 35.54 -38.13 22.68
C ALA A 64 35.23 -36.77 22.08
N GLY A 65 35.43 -35.70 22.84
CA GLY A 65 35.03 -34.37 22.43
C GLY A 65 33.58 -34.06 22.71
N LEU A 66 32.81 -35.08 23.08
CA LEU A 66 31.38 -34.98 23.29
C LEU A 66 31.00 -35.99 24.35
N ALA A 67 30.12 -35.60 25.26
CA ALA A 67 29.66 -36.48 26.32
C ALA A 67 28.20 -36.22 26.59
N LYS A 68 27.45 -37.26 26.91
CA LYS A 68 26.05 -37.09 27.28
C LYS A 68 25.92 -37.25 28.79
N VAL A 69 25.07 -36.43 29.38
CA VAL A 69 24.76 -36.51 30.80
C VAL A 69 23.24 -36.55 30.94
N VAL A 70 22.74 -37.66 31.46
CA VAL A 70 21.32 -37.83 31.72
C VAL A 70 21.05 -37.38 33.15
N PRO A 71 20.26 -36.33 33.37
CA PRO A 71 20.00 -35.88 34.73
C PRO A 71 19.08 -36.84 35.45
N PRO A 72 19.08 -36.84 36.78
CA PRO A 72 18.12 -37.66 37.53
C PRO A 72 16.69 -37.30 37.17
N LYS A 73 15.83 -38.32 37.17
CA LYS A 73 14.46 -38.13 36.71
C LYS A 73 13.71 -37.11 37.57
N GLU A 74 14.10 -36.96 38.84
CA GLU A 74 13.46 -35.94 39.67
C GLU A 74 13.70 -34.54 39.11
N TRP A 75 14.82 -34.33 38.41
CA TRP A 75 15.23 -32.99 38.01
C TRP A 75 14.46 -32.50 36.80
N LYS A 76 13.95 -31.27 36.87
CA LYS A 76 13.32 -30.61 35.73
C LYS A 76 13.68 -29.12 35.77
N PRO A 77 14.12 -28.55 34.64
CA PRO A 77 14.42 -27.10 34.62
C PRO A 77 13.19 -26.22 34.45
N ARG A 78 12.03 -26.78 34.11
CA ARG A 78 10.83 -26.00 33.88
C ARG A 78 9.63 -26.92 34.05
N ALA A 79 8.59 -26.41 34.72
CA ALA A 79 7.43 -27.24 35.03
C ALA A 79 6.67 -27.65 33.77
N SER A 80 6.49 -26.73 32.83
CA SER A 80 5.81 -27.07 31.58
C SER A 80 6.27 -26.12 30.49
N TYR A 81 6.09 -26.57 29.25
CA TYR A 81 6.39 -25.78 28.06
C TYR A 81 5.11 -25.36 27.35
N ASP A 82 4.03 -25.20 28.12
CA ASP A 82 2.73 -24.89 27.56
C ASP A 82 2.56 -23.41 27.20
N ASP A 83 3.39 -22.53 27.76
CA ASP A 83 3.18 -21.10 27.68
C ASP A 83 4.21 -20.39 26.78
N ILE A 84 4.74 -21.08 25.76
CA ILE A 84 5.77 -20.51 24.92
C ILE A 84 5.33 -20.34 23.47
N ASP A 85 4.08 -20.64 23.13
CA ASP A 85 3.65 -20.56 21.75
C ASP A 85 3.88 -19.17 21.16
N ASP A 86 3.78 -18.12 21.97
CA ASP A 86 3.96 -16.76 21.49
C ASP A 86 5.35 -16.23 21.74
N LEU A 87 6.29 -17.10 22.10
CA LEU A 87 7.69 -16.72 22.14
C LEU A 87 8.18 -16.47 20.72
N VAL A 88 8.88 -15.37 20.50
CA VAL A 88 9.28 -14.97 19.16
C VAL A 88 10.66 -15.52 18.87
N ILE A 89 10.81 -16.07 17.66
CA ILE A 89 12.11 -16.44 17.10
C ILE A 89 12.54 -15.28 16.22
N PRO A 90 13.41 -14.38 16.69
CA PRO A 90 13.68 -13.16 15.91
C PRO A 90 14.17 -13.42 14.49
N ALA A 91 15.06 -14.39 14.31
CA ALA A 91 15.76 -14.57 13.04
C ALA A 91 15.77 -16.05 12.68
N PRO A 92 14.63 -16.61 12.32
CA PRO A 92 14.63 -17.97 11.77
C PRO A 92 15.51 -18.00 10.53
N ILE A 93 16.18 -19.12 10.31
CA ILE A 93 17.08 -19.26 9.18
C ILE A 93 16.65 -20.48 8.38
N GLN A 94 16.35 -20.27 7.11
CA GLN A 94 16.16 -21.35 6.18
C GLN A 94 17.52 -21.86 5.73
N GLN A 95 17.75 -23.15 5.85
CA GLN A 95 19.07 -23.73 5.62
C GLN A 95 19.09 -24.30 4.21
N LEU A 96 19.67 -23.56 3.28
CA LEU A 96 19.94 -24.06 1.95
C LEU A 96 21.24 -24.82 1.97
N VAL A 97 21.25 -26.01 1.39
CA VAL A 97 22.44 -26.84 1.40
C VAL A 97 22.78 -27.19 -0.04
N THR A 98 24.03 -26.97 -0.42
CA THR A 98 24.54 -27.31 -1.73
C THR A 98 25.71 -28.27 -1.57
N GLY A 99 25.79 -29.27 -2.41
CA GLY A 99 26.92 -30.17 -2.35
C GLY A 99 26.53 -31.57 -2.79
N GLN A 100 27.52 -32.45 -2.71
CA GLN A 100 27.40 -33.81 -3.20
C GLN A 100 28.51 -34.64 -2.57
N SER A 101 28.38 -35.96 -2.67
CA SER A 101 29.44 -36.87 -2.25
C SER A 101 29.82 -36.63 -0.80
N GLY A 102 28.82 -36.47 0.06
CA GLY A 102 29.07 -36.26 1.48
C GLY A 102 29.74 -34.95 1.82
N LEU A 103 29.85 -34.02 0.87
CA LEU A 103 30.45 -32.72 1.10
C LEU A 103 29.46 -31.63 0.75
N PHE A 104 29.10 -30.83 1.75
CA PHE A 104 28.07 -29.81 1.55
C PHE A 104 28.47 -28.52 2.23
N THR A 105 27.89 -27.45 1.73
CA THR A 105 27.96 -26.12 2.30
C THR A 105 26.55 -25.66 2.61
N GLN A 106 26.36 -25.09 3.79
CA GLN A 106 25.05 -24.67 4.25
C GLN A 106 25.02 -23.15 4.33
N TYR A 107 24.07 -22.55 3.63
CA TYR A 107 23.82 -21.12 3.64
C TYR A 107 22.54 -20.85 4.42
N ASN A 108 22.64 -19.94 5.40
CA ASN A 108 21.51 -19.56 6.23
C ASN A 108 20.84 -18.34 5.63
N ILE A 109 19.58 -18.48 5.24
CA ILE A 109 18.76 -17.37 4.75
C ILE A 109 17.92 -16.87 5.90
N GLN A 110 18.16 -15.64 6.33
CA GLN A 110 17.36 -15.08 7.41
C GLN A 110 15.93 -14.88 6.95
N LYS A 111 14.99 -15.18 7.83
CA LYS A 111 13.57 -14.98 7.55
C LYS A 111 12.97 -14.08 8.62
N LYS A 112 11.76 -13.61 8.37
CA LYS A 112 11.10 -12.72 9.30
C LYS A 112 10.78 -13.45 10.59
N ALA A 113 10.73 -12.68 11.69
CA ALA A 113 10.45 -13.27 12.99
C ALA A 113 9.16 -14.08 12.94
N MET A 114 9.18 -15.25 13.57
CA MET A 114 7.99 -16.06 13.71
C MET A 114 7.93 -16.59 15.13
N THR A 115 6.71 -16.95 15.54
CA THR A 115 6.49 -17.46 16.87
C THR A 115 6.79 -18.96 16.91
N VAL A 116 6.98 -19.47 18.13
CA VAL A 116 7.15 -20.90 18.31
C VAL A 116 5.95 -21.65 17.77
N ARG A 117 4.76 -21.07 17.90
CA ARG A 117 3.55 -21.72 17.38
C ARG A 117 3.62 -21.88 15.87
N GLU A 118 3.93 -20.78 15.17
CA GLU A 118 4.06 -20.83 13.72
C GLU A 118 5.17 -21.78 13.31
N PHE A 119 6.31 -21.72 14.02
CA PHE A 119 7.42 -22.61 13.73
C PHE A 119 7.01 -24.07 13.88
N ARG A 120 6.22 -24.39 14.92
CA ARG A 120 5.84 -25.77 15.14
C ARG A 120 4.83 -26.23 14.09
N LYS A 121 3.90 -25.35 13.72
CA LYS A 121 2.98 -25.69 12.65
C LYS A 121 3.75 -26.03 11.37
N ILE A 122 4.78 -25.24 11.05
CA ILE A 122 5.60 -25.53 9.88
C ILE A 122 6.34 -26.85 10.07
N ALA A 123 6.98 -27.01 11.23
CA ALA A 123 7.83 -28.17 11.48
C ALA A 123 7.04 -29.47 11.38
N ASN A 124 5.84 -29.49 11.93
CA ASN A 124 5.02 -30.69 11.98
C ASN A 124 4.17 -30.87 10.73
N SER A 125 4.21 -29.93 9.80
CA SER A 125 3.45 -30.04 8.57
C SER A 125 4.00 -31.19 7.72
N ASP A 126 3.20 -31.62 6.75
CA ASP A 126 3.60 -32.74 5.90
C ASP A 126 4.83 -32.39 5.08
N LYS A 127 5.00 -31.12 4.73
CA LYS A 127 6.15 -30.73 3.91
C LYS A 127 7.46 -30.90 4.66
N TYR A 128 7.47 -30.61 5.97
CA TYR A 128 8.69 -30.54 6.75
C TYR A 128 8.80 -31.57 7.85
N CYS A 129 7.77 -32.38 8.10
CA CYS A 129 7.81 -33.26 9.26
C CYS A 129 8.83 -34.38 9.08
N THR A 130 9.21 -34.99 10.20
CA THR A 130 10.10 -36.13 10.16
C THR A 130 9.53 -37.22 9.27
N PRO A 131 10.33 -37.80 8.37
CA PRO A 131 9.80 -38.92 7.58
C PRO A 131 9.69 -40.18 8.42
N ARG A 132 8.87 -41.12 7.93
CA ARG A 132 8.70 -42.39 8.62
C ARG A 132 9.96 -43.22 8.49
N TYR A 133 10.39 -43.83 9.60
CA TYR A 133 11.60 -44.63 9.58
C TYR A 133 11.53 -45.68 10.67
N SER A 134 12.13 -46.84 10.38
CA SER A 134 12.18 -47.93 11.34
C SER A 134 13.24 -47.67 12.41
N GLU A 135 14.51 -47.72 12.03
CA GLU A 135 15.63 -47.62 12.94
C GLU A 135 16.44 -46.37 12.62
N PHE A 136 17.20 -45.91 13.62
CA PHE A 136 17.92 -44.65 13.48
C PHE A 136 18.74 -44.59 12.21
N GLU A 137 19.46 -45.67 11.88
CA GLU A 137 20.30 -45.66 10.69
C GLU A 137 19.50 -45.27 9.45
N GLU A 138 18.22 -45.65 9.39
CA GLU A 138 17.38 -45.28 8.26
C GLU A 138 17.18 -43.77 8.21
N LEU A 139 16.92 -43.15 9.37
CA LEU A 139 16.71 -41.71 9.41
C LEU A 139 18.00 -40.96 9.11
N GLU A 140 19.14 -41.51 9.55
CA GLU A 140 20.43 -40.93 9.22
C GLU A 140 20.69 -40.98 7.71
N ARG A 141 20.36 -42.12 7.08
CA ARG A 141 20.47 -42.23 5.64
C ARG A 141 19.58 -41.22 4.95
N LYS A 142 18.34 -41.06 5.43
CA LYS A 142 17.44 -40.10 4.82
C LYS A 142 17.96 -38.68 5.00
N TYR A 143 18.54 -38.37 6.15
CA TYR A 143 19.13 -37.06 6.36
C TYR A 143 20.20 -36.78 5.32
N TRP A 144 21.19 -37.67 5.21
CA TRP A 144 22.27 -37.42 4.24
C TRP A 144 21.81 -37.58 2.80
N LYS A 145 20.67 -38.22 2.56
CA LYS A 145 20.16 -38.36 1.20
C LYS A 145 19.38 -37.13 0.76
N ASN A 146 18.64 -36.50 1.68
CA ASN A 146 17.75 -35.40 1.35
C ASN A 146 18.26 -34.09 1.92
N LEU A 147 19.55 -34.02 2.26
CA LEU A 147 20.11 -32.85 2.91
C LEU A 147 19.92 -31.58 2.07
N THR A 148 20.03 -31.69 0.75
CA THR A 148 19.96 -30.52 -0.12
C THR A 148 18.55 -30.19 -0.58
N PHE A 149 17.57 -31.05 -0.30
CA PHE A 149 16.21 -30.89 -0.80
C PHE A 149 15.31 -30.30 0.28
N ASN A 150 14.29 -29.56 -0.16
CA ASN A 150 13.27 -29.01 0.73
C ASN A 150 13.90 -28.35 1.95
N PRO A 151 14.55 -27.21 1.78
CA PRO A 151 15.32 -26.61 2.87
C PRO A 151 14.45 -26.33 4.10
N PRO A 152 14.88 -26.77 5.27
CA PRO A 152 14.11 -26.53 6.49
C PRO A 152 14.42 -25.15 7.08
N ILE A 153 13.56 -24.75 8.02
CA ILE A 153 13.78 -23.53 8.80
C ILE A 153 14.29 -23.93 10.17
N TYR A 154 15.29 -23.20 10.65
CA TYR A 154 15.87 -23.44 11.95
C TYR A 154 15.63 -22.21 12.83
N GLY A 155 14.97 -22.41 13.96
CA GLY A 155 14.75 -21.33 14.89
C GLY A 155 15.96 -21.16 15.79
N ALA A 156 17.06 -20.70 15.19
CA ALA A 156 18.37 -20.74 15.84
C ALA A 156 18.74 -19.40 16.45
N ASP A 157 19.66 -19.46 17.41
CA ASP A 157 20.31 -18.28 17.99
C ASP A 157 19.29 -17.35 18.63
N VAL A 158 18.34 -17.92 19.36
CA VAL A 158 17.31 -17.15 20.04
C VAL A 158 17.83 -16.81 21.43
N ASN A 159 17.89 -15.52 21.74
CA ASN A 159 18.32 -15.09 23.07
C ASN A 159 17.21 -15.39 24.07
N GLY A 160 17.55 -16.15 25.10
CA GLY A 160 16.57 -16.48 26.12
C GLY A 160 16.91 -17.80 26.76
N THR A 161 16.13 -18.11 27.79
CA THR A 161 16.25 -19.36 28.53
C THR A 161 14.85 -19.87 28.82
N LEU A 162 14.70 -21.18 28.85
CA LEU A 162 13.47 -21.80 29.33
C LEU A 162 13.62 -22.35 30.75
N TYR A 163 14.79 -22.20 31.36
CA TYR A 163 14.96 -22.53 32.76
C TYR A 163 14.13 -21.60 33.63
N GLU A 164 13.49 -22.17 34.64
CA GLU A 164 12.82 -21.36 35.65
C GLU A 164 13.85 -20.79 36.62
N LYS A 165 13.50 -19.67 37.24
CA LYS A 165 14.48 -18.91 38.02
C LYS A 165 15.05 -19.72 39.18
N HIS A 166 14.19 -20.51 39.86
CA HIS A 166 14.61 -21.18 41.09
C HIS A 166 15.66 -22.25 40.85
N VAL A 167 15.76 -22.80 39.65
CA VAL A 167 16.67 -23.92 39.38
C VAL A 167 18.11 -23.45 39.55
N ASP A 168 18.83 -24.08 40.48
CA ASP A 168 20.24 -23.78 40.70
C ASP A 168 21.17 -24.83 40.11
N GLU A 169 20.66 -25.99 39.70
CA GLU A 169 21.49 -27.09 39.23
C GLU A 169 21.53 -27.10 37.72
N TRP A 170 22.72 -26.94 37.15
CA TRP A 170 22.93 -27.00 35.71
C TRP A 170 22.11 -25.94 34.97
N ASN A 171 21.96 -24.77 35.59
CA ASN A 171 21.25 -23.68 34.94
C ASN A 171 22.12 -23.09 33.84
N ILE A 172 21.71 -23.28 32.59
CA ILE A 172 22.49 -22.74 31.48
C ILE A 172 22.54 -21.22 31.56
N GLY A 173 21.63 -20.60 32.30
CA GLY A 173 21.74 -19.18 32.57
C GLY A 173 22.90 -18.84 33.49
N ARG A 174 23.12 -19.65 34.55
CA ARG A 174 24.18 -19.38 35.53
C ARG A 174 24.91 -20.69 35.87
N LEU A 175 25.77 -21.13 34.95
CA LEU A 175 26.63 -22.28 35.24
C LEU A 175 27.76 -21.92 36.20
N ARG A 176 28.07 -20.64 36.33
CA ARG A 176 29.09 -20.12 37.25
C ARG A 176 30.41 -20.88 37.12
N THR A 177 30.92 -20.93 35.90
CA THR A 177 32.25 -21.46 35.62
C THR A 177 33.25 -20.30 35.61
N ILE A 178 34.51 -20.56 35.25
CA ILE A 178 35.45 -19.45 35.19
C ILE A 178 35.15 -18.51 34.04
N LEU A 179 34.37 -18.96 33.04
CA LEU A 179 34.06 -18.10 31.91
C LEU A 179 33.34 -16.83 32.35
N ASP A 180 32.67 -16.86 33.50
CA ASP A 180 32.00 -15.66 34.00
C ASP A 180 32.93 -14.47 34.00
N LEU A 181 34.24 -14.70 34.17
CA LEU A 181 35.18 -13.59 34.24
C LEU A 181 35.12 -12.69 33.02
N VAL A 182 34.66 -13.19 31.87
CA VAL A 182 34.57 -12.33 30.69
C VAL A 182 33.55 -11.21 30.94
N GLU A 183 32.40 -11.55 31.51
CA GLU A 183 31.38 -10.54 31.77
C GLU A 183 31.59 -9.83 33.11
N LYS A 184 32.13 -10.55 34.10
CA LYS A 184 32.30 -9.98 35.43
C LYS A 184 33.39 -8.93 35.44
N GLU A 185 34.61 -9.32 35.05
CA GLU A 185 35.77 -8.43 35.11
C GLU A 185 35.94 -7.64 33.82
N SER A 186 36.07 -8.34 32.69
CA SER A 186 36.25 -7.68 31.41
C SER A 186 35.01 -6.95 30.93
N GLY A 187 33.85 -7.21 31.53
CA GLY A 187 32.64 -6.49 31.21
C GLY A 187 32.03 -6.82 29.86
N ILE A 188 32.42 -7.93 29.24
CA ILE A 188 32.08 -8.23 27.86
C ILE A 188 30.96 -9.26 27.81
N THR A 189 29.90 -8.95 27.07
CA THR A 189 28.76 -9.84 26.85
C THR A 189 28.82 -10.36 25.43
N ILE A 190 28.74 -11.68 25.28
CA ILE A 190 28.81 -12.35 23.98
C ILE A 190 27.61 -13.29 23.89
N GLU A 191 26.66 -12.97 23.02
CA GLU A 191 25.41 -13.72 22.96
C GLU A 191 25.66 -15.16 22.52
N GLY A 192 25.07 -16.10 23.27
CA GLY A 192 25.26 -17.51 23.02
C GLY A 192 26.51 -18.10 23.61
N VAL A 193 27.45 -17.26 24.04
CA VAL A 193 28.70 -17.69 24.65
C VAL A 193 28.60 -17.42 26.15
N ASN A 194 28.54 -16.13 26.51
CA ASN A 194 28.24 -15.75 27.89
C ASN A 194 26.80 -16.09 28.24
N THR A 195 25.88 -15.87 27.32
CA THR A 195 24.46 -15.93 27.61
C THR A 195 23.82 -17.15 26.95
N PRO A 196 22.62 -17.52 27.38
CA PRO A 196 21.97 -18.70 26.80
C PRO A 196 21.31 -18.42 25.45
N TYR A 197 21.32 -19.44 24.61
CA TYR A 197 20.68 -19.42 23.31
C TYR A 197 19.66 -20.54 23.25
N LEU A 198 18.48 -20.24 22.70
CA LEU A 198 17.47 -21.25 22.44
C LEU A 198 17.49 -21.62 20.96
N TYR A 199 17.05 -22.84 20.66
CA TYR A 199 17.12 -23.41 19.32
C TYR A 199 15.86 -24.20 19.08
N PHE A 200 15.04 -23.76 18.13
CA PHE A 200 13.87 -24.52 17.73
C PHE A 200 14.20 -25.19 16.41
N GLY A 201 14.25 -26.52 16.42
CA GLY A 201 14.64 -27.27 15.27
C GLY A 201 13.50 -28.05 14.68
N MET A 202 13.67 -28.46 13.42
CA MET A 202 12.72 -29.31 12.72
C MET A 202 13.54 -30.38 12.01
N TRP A 203 12.86 -31.27 11.31
CA TRP A 203 13.54 -32.38 10.66
C TRP A 203 14.60 -31.87 9.68
N LYS A 204 15.80 -32.45 9.81
CA LYS A 204 16.98 -32.20 8.98
C LYS A 204 17.44 -30.74 9.00
N THR A 205 17.18 -30.03 10.09
CA THR A 205 17.97 -28.85 10.43
C THR A 205 19.31 -29.29 10.97
N SER A 206 20.38 -28.62 10.56
CA SER A 206 21.73 -29.10 10.82
C SER A 206 22.53 -28.05 11.56
N PHE A 207 23.53 -28.53 12.29
CA PHE A 207 24.64 -27.68 12.70
C PHE A 207 25.91 -28.26 12.07
N ALA A 208 26.70 -27.38 11.47
CA ALA A 208 27.84 -27.81 10.69
C ALA A 208 29.02 -28.15 11.59
N TRP A 209 30.02 -28.80 11.00
CA TRP A 209 31.22 -29.15 11.75
C TRP A 209 31.88 -27.89 12.26
N HIS A 210 32.24 -27.90 13.53
CA HIS A 210 32.85 -26.73 14.14
C HIS A 210 33.27 -27.11 15.55
N THR A 211 34.19 -26.33 16.09
CA THR A 211 34.38 -26.26 17.54
C THR A 211 33.72 -24.98 18.05
N GLU A 212 33.60 -24.90 19.36
CA GLU A 212 33.00 -23.71 19.94
C GLU A 212 33.88 -22.50 19.71
N ASP A 213 33.28 -21.32 19.77
CA ASP A 213 34.05 -20.10 19.76
C ASP A 213 35.13 -20.17 20.82
N MET A 214 36.33 -19.72 20.47
CA MET A 214 37.49 -19.76 21.36
C MET A 214 37.81 -21.17 21.86
N ASP A 215 37.29 -22.19 21.17
CA ASP A 215 37.49 -23.59 21.55
C ASP A 215 37.01 -23.85 22.99
N LEU A 216 35.89 -23.23 23.34
CA LEU A 216 35.33 -23.35 24.68
C LEU A 216 34.58 -24.67 24.86
N TYR A 217 34.07 -24.88 26.06
CA TYR A 217 33.11 -25.95 26.29
C TYR A 217 31.72 -25.51 25.84
N SER A 218 30.90 -26.51 25.53
CA SER A 218 29.51 -26.27 25.20
C SER A 218 28.63 -27.13 26.08
N ILE A 219 27.48 -26.58 26.46
CA ILE A 219 26.44 -27.31 27.14
C ILE A 219 25.17 -27.13 26.33
N ASN A 220 24.50 -28.25 26.05
CA ASN A 220 23.29 -28.30 25.23
C ASN A 220 22.27 -29.17 25.93
N TYR A 221 21.16 -28.59 26.36
CA TYR A 221 20.11 -29.33 27.01
C TYR A 221 18.90 -29.37 26.09
N LEU A 222 18.39 -30.57 25.82
CA LEU A 222 17.22 -30.69 24.95
C LEU A 222 15.98 -30.65 25.83
N HIS A 223 15.30 -29.50 25.83
CA HIS A 223 14.12 -29.30 26.68
C HIS A 223 13.01 -30.26 26.31
N PHE A 224 12.64 -30.32 25.04
CA PHE A 224 11.50 -31.12 24.62
C PHE A 224 11.62 -31.41 23.13
N GLY A 225 10.80 -32.34 22.67
CA GLY A 225 10.70 -32.63 21.27
C GLY A 225 11.54 -33.82 20.86
N GLU A 226 11.76 -33.91 19.56
CA GLU A 226 12.43 -35.05 18.97
C GLU A 226 13.94 -34.98 19.19
N PRO A 227 14.64 -36.09 19.00
CA PRO A 227 16.08 -36.12 19.32
C PRO A 227 16.89 -35.23 18.39
N LYS A 228 18.13 -35.00 18.83
CA LYS A 228 19.16 -34.33 18.06
C LYS A 228 20.35 -35.28 17.98
N SER A 229 20.76 -35.61 16.77
CA SER A 229 21.90 -36.51 16.57
C SER A 229 23.17 -35.71 16.37
N TRP A 230 24.25 -36.23 16.95
CA TRP A 230 25.56 -35.59 16.99
C TRP A 230 26.62 -36.52 16.43
N TYR A 231 27.54 -35.92 15.69
CA TYR A 231 28.81 -36.51 15.32
C TYR A 231 29.91 -35.76 16.05
N SER A 232 30.89 -36.50 16.54
CA SER A 232 31.97 -35.92 17.34
C SER A 232 33.29 -36.50 16.88
N VAL A 233 34.24 -35.63 16.59
CA VAL A 233 35.61 -36.02 16.29
C VAL A 233 36.43 -35.78 17.55
N PRO A 234 37.21 -36.77 18.02
CA PRO A 234 38.02 -36.55 19.22
C PRO A 234 38.91 -35.34 19.07
N PRO A 235 39.02 -34.50 20.09
CA PRO A 235 39.96 -33.37 20.01
C PRO A 235 41.33 -33.79 19.55
N GLU A 236 41.79 -34.96 19.99
CA GLU A 236 43.11 -35.46 19.60
C GLU A 236 43.24 -35.52 18.09
N HIS A 237 42.13 -35.72 17.39
CA HIS A 237 42.12 -35.88 15.94
C HIS A 237 41.50 -34.68 15.24
N GLY A 238 41.23 -33.60 15.97
CA GLY A 238 40.64 -32.42 15.35
C GLY A 238 41.47 -31.91 14.19
N LYS A 239 42.79 -31.80 14.39
CA LYS A 239 43.65 -31.31 13.32
C LYS A 239 43.49 -32.15 12.06
N ARG A 240 43.19 -33.44 12.21
CA ARG A 240 42.97 -34.27 11.04
C ARG A 240 41.72 -33.82 10.29
N LEU A 241 40.61 -33.64 10.99
CA LEU A 241 39.40 -33.16 10.33
C LEU A 241 39.68 -31.86 9.59
N GLU A 242 40.24 -30.87 10.30
CA GLU A 242 40.65 -29.63 9.66
C GLU A 242 41.42 -29.91 8.38
N ARG A 243 42.46 -30.75 8.47
CA ARG A 243 43.28 -31.00 7.29
C ARG A 243 42.44 -31.57 6.16
N LEU A 244 41.51 -32.46 6.50
CA LEU A 244 40.60 -32.97 5.48
C LEU A 244 39.74 -31.85 4.93
N ALA A 245 39.14 -31.06 5.82
CA ALA A 245 38.25 -29.99 5.37
C ALA A 245 38.97 -29.04 4.43
N LYS A 246 40.16 -28.58 4.82
CA LYS A 246 40.96 -27.72 3.95
C LYS A 246 41.17 -28.36 2.59
N GLY A 247 41.40 -29.67 2.56
CA GLY A 247 41.58 -30.33 1.28
C GLY A 247 40.32 -30.26 0.42
N PHE A 248 39.16 -30.40 1.05
CA PHE A 248 37.91 -30.44 0.31
C PHE A 248 37.41 -29.06 -0.08
N PHE A 249 37.75 -28.03 0.69
CA PHE A 249 37.31 -26.66 0.44
C PHE A 249 38.52 -25.75 0.36
N PRO A 250 39.40 -25.97 -0.62
CA PRO A 250 40.65 -25.19 -0.68
C PRO A 250 40.42 -23.69 -0.73
N GLY A 251 39.44 -23.24 -1.52
CA GLY A 251 39.16 -21.81 -1.60
C GLY A 251 38.77 -21.23 -0.24
N SER A 252 37.85 -21.90 0.46
CA SER A 252 37.45 -21.44 1.78
C SER A 252 38.65 -21.36 2.72
N ALA A 253 39.57 -22.32 2.61
CA ALA A 253 40.72 -22.33 3.49
C ALA A 253 41.65 -21.15 3.19
N GLN A 254 41.86 -20.85 1.91
CA GLN A 254 42.66 -19.68 1.58
C GLN A 254 42.01 -18.40 2.11
N SER A 255 40.68 -18.30 2.01
CA SER A 255 40.02 -17.08 2.46
C SER A 255 40.11 -16.90 3.97
N CYS A 256 40.08 -17.98 4.75
CA CYS A 256 40.02 -17.85 6.20
C CYS A 256 40.83 -18.94 6.88
N GLU A 257 41.54 -18.56 7.95
CA GLU A 257 42.35 -19.51 8.70
C GLU A 257 41.48 -20.58 9.34
N ALA A 258 40.30 -20.20 9.83
CA ALA A 258 39.39 -21.09 10.53
C ALA A 258 38.02 -21.03 9.87
N PHE A 259 37.97 -21.46 8.60
CA PHE A 259 36.73 -21.32 7.85
C PHE A 259 35.62 -22.21 8.42
N LEU A 260 36.00 -23.30 9.10
CA LEU A 260 34.99 -24.13 9.74
C LEU A 260 34.21 -23.35 10.79
N ARG A 261 34.77 -22.27 11.33
CA ARG A 261 34.06 -21.46 12.30
C ARG A 261 32.90 -20.70 11.70
N HIS A 262 32.80 -20.61 10.37
CA HIS A 262 31.59 -20.05 9.79
C HIS A 262 30.40 -20.98 9.96
N LYS A 263 30.64 -22.23 10.37
CA LYS A 263 29.57 -23.19 10.63
C LYS A 263 28.70 -23.39 9.40
N MET A 264 29.35 -23.53 8.25
CA MET A 264 28.66 -23.79 6.99
C MET A 264 29.00 -25.15 6.41
N THR A 265 30.02 -25.83 6.92
CA THR A 265 30.59 -27.01 6.28
C THR A 265 29.98 -28.28 6.86
N LEU A 266 29.27 -29.04 6.03
CA LEU A 266 28.73 -30.33 6.40
C LEU A 266 29.55 -31.42 5.72
N ILE A 267 29.99 -32.40 6.51
CA ILE A 267 30.79 -33.52 6.02
C ILE A 267 30.17 -34.79 6.57
N SER A 268 29.73 -35.67 5.68
CA SER A 268 29.01 -36.86 6.13
C SER A 268 29.97 -37.81 6.86
N PRO A 269 29.45 -38.62 7.78
CA PRO A 269 30.31 -39.60 8.45
C PRO A 269 30.99 -40.55 7.48
N LEU A 270 30.35 -40.86 6.35
CA LEU A 270 30.99 -41.74 5.36
C LEU A 270 32.26 -41.12 4.79
N MET A 271 32.32 -39.80 4.69
CA MET A 271 33.56 -39.15 4.26
C MET A 271 34.61 -39.20 5.36
N LEU A 272 34.21 -39.06 6.62
CA LEU A 272 35.16 -39.19 7.72
C LEU A 272 35.75 -40.60 7.75
N LYS A 273 34.91 -41.62 7.54
CA LYS A 273 35.41 -42.99 7.45
C LYS A 273 36.29 -43.18 6.23
N LYS A 274 35.86 -42.64 5.08
CA LYS A 274 36.61 -42.82 3.85
C LYS A 274 38.03 -42.27 3.96
N TYR A 275 38.22 -41.21 4.73
CA TYR A 275 39.53 -40.62 4.91
C TYR A 275 40.05 -40.82 6.33
N GLY A 276 39.56 -41.84 7.02
CA GLY A 276 40.14 -42.26 8.29
C GLY A 276 40.14 -41.20 9.36
N ILE A 277 39.05 -40.44 9.49
CA ILE A 277 38.87 -39.53 10.62
C ILE A 277 38.11 -40.29 11.71
N PRO A 278 38.70 -40.53 12.88
CA PRO A 278 37.92 -41.14 13.96
C PRO A 278 36.78 -40.22 14.39
N PHE A 279 35.60 -40.80 14.56
CA PHE A 279 34.46 -40.06 15.03
C PHE A 279 33.53 -41.01 15.75
N ASP A 280 32.54 -40.44 16.43
CA ASP A 280 31.54 -41.21 17.14
C ASP A 280 30.21 -40.50 16.95
N LYS A 281 29.14 -41.28 17.08
CA LYS A 281 27.78 -40.77 16.98
C LYS A 281 27.10 -40.91 18.32
N VAL A 282 26.21 -39.97 18.61
CA VAL A 282 25.36 -40.09 19.79
C VAL A 282 24.08 -39.35 19.51
N THR A 283 22.96 -39.94 19.89
CA THR A 283 21.68 -39.29 19.76
C THR A 283 21.24 -38.80 21.13
N GLN A 284 20.90 -37.52 21.19
CA GLN A 284 20.46 -36.84 22.39
C GLN A 284 18.95 -36.74 22.38
N GLU A 285 18.33 -37.05 23.51
CA GLU A 285 16.89 -37.07 23.60
C GLU A 285 16.42 -36.06 24.64
N ALA A 286 15.15 -35.70 24.55
CA ALA A 286 14.60 -34.69 25.44
C ALA A 286 14.94 -35.01 26.88
N GLY A 287 15.33 -33.97 27.63
CA GLY A 287 15.75 -34.14 29.00
C GLY A 287 17.22 -34.46 29.18
N GLU A 288 17.99 -34.54 28.10
CA GLU A 288 19.39 -34.93 28.17
C GLU A 288 20.30 -33.75 27.85
N PHE A 289 21.46 -33.77 28.51
CA PHE A 289 22.53 -32.80 28.32
C PHE A 289 23.60 -33.38 27.41
N MET A 290 24.16 -32.52 26.56
CA MET A 290 25.35 -32.83 25.78
C MET A 290 26.41 -31.79 26.11
N ILE A 291 27.58 -32.26 26.52
CA ILE A 291 28.74 -31.44 26.78
C ILE A 291 29.69 -31.62 25.61
N THR A 292 30.10 -30.52 24.98
CA THR A 292 31.18 -30.58 24.02
C THR A 292 32.43 -30.01 24.67
N PHE A 293 33.55 -30.63 24.41
CA PHE A 293 34.76 -30.28 25.09
C PHE A 293 35.66 -29.42 24.21
N PRO A 294 36.56 -28.65 24.82
CA PRO A 294 37.46 -27.79 24.05
C PRO A 294 38.08 -28.51 22.86
N TYR A 295 38.02 -27.85 21.71
CA TYR A 295 38.53 -28.38 20.45
C TYR A 295 37.87 -29.69 20.06
N GLY A 296 36.66 -29.93 20.55
CA GLY A 296 35.88 -31.07 20.11
C GLY A 296 35.01 -30.70 18.92
N TYR A 297 35.42 -31.13 17.73
CA TYR A 297 34.60 -30.88 16.55
C TYR A 297 33.35 -31.72 16.60
N HIS A 298 32.21 -31.10 16.28
CA HIS A 298 30.97 -31.84 16.25
C HIS A 298 30.05 -31.24 15.21
N ALA A 299 29.08 -32.07 14.79
CA ALA A 299 28.07 -31.67 13.84
C ALA A 299 26.81 -32.45 14.16
N GLY A 300 25.75 -32.23 13.41
CA GLY A 300 24.59 -33.09 13.58
C GLY A 300 23.34 -32.47 13.00
N PHE A 301 22.21 -33.05 13.38
CA PHE A 301 20.93 -32.66 12.81
C PHE A 301 19.84 -32.98 13.80
N ASN A 302 18.69 -32.34 13.60
CA ASN A 302 17.52 -32.56 14.44
C ASN A 302 16.55 -33.51 13.76
N HIS A 303 16.02 -34.46 14.53
CA HIS A 303 15.10 -35.44 13.97
C HIS A 303 13.77 -34.81 13.62
N GLY A 304 13.34 -33.82 14.39
CA GLY A 304 12.06 -33.18 14.16
C GLY A 304 11.93 -31.97 15.04
N PHE A 305 10.69 -31.56 15.25
CA PHE A 305 10.46 -30.37 16.06
C PHE A 305 11.03 -30.58 17.46
N ASN A 306 11.92 -29.68 17.87
CA ASN A 306 12.43 -29.75 19.23
C ASN A 306 12.91 -28.37 19.66
N CYS A 307 13.21 -28.25 20.95
CA CYS A 307 13.76 -27.04 21.53
C CYS A 307 14.97 -27.40 22.38
N ALA A 308 16.10 -26.77 22.09
CA ALA A 308 17.33 -26.98 22.82
C ALA A 308 17.83 -25.65 23.35
N GLU A 309 18.57 -25.69 24.46
CA GLU A 309 19.17 -24.50 25.04
C GLU A 309 20.64 -24.77 25.23
N SER A 310 21.48 -23.84 24.81
CA SER A 310 22.91 -24.07 24.92
C SER A 310 23.63 -22.80 25.34
N THR A 311 24.80 -23.00 25.92
CA THR A 311 25.73 -21.89 26.13
C THR A 311 27.12 -22.48 26.17
N ASN A 312 28.10 -21.59 26.26
CA ASN A 312 29.49 -22.00 26.40
C ASN A 312 29.90 -21.87 27.86
N PHE A 313 30.83 -22.71 28.26
CA PHE A 313 31.39 -22.60 29.61
C PHE A 313 32.87 -22.97 29.53
N ALA A 314 33.54 -22.89 30.68
CA ALA A 314 34.98 -23.11 30.72
C ALA A 314 35.39 -23.81 32.01
N THR A 315 36.58 -24.41 31.93
CA THR A 315 37.32 -24.91 33.07
C THR A 315 38.74 -24.37 32.93
N ARG A 316 39.54 -24.51 33.99
CA ARG A 316 40.91 -24.03 33.90
C ARG A 316 41.64 -24.68 32.73
N ARG A 317 41.33 -25.95 32.44
CA ARG A 317 41.94 -26.63 31.31
C ARG A 317 41.70 -25.89 30.01
N TRP A 318 40.55 -25.22 29.89
CA TRP A 318 40.24 -24.51 28.66
C TRP A 318 41.20 -23.36 28.39
N ILE A 319 41.82 -22.80 29.44
CA ILE A 319 42.59 -21.57 29.23
C ILE A 319 43.61 -21.77 28.12
N GLU A 320 44.36 -22.87 28.17
CA GLU A 320 45.37 -23.11 27.14
C GLU A 320 44.76 -23.17 25.75
N TYR A 321 43.59 -23.81 25.62
CA TYR A 321 42.87 -23.79 24.36
C TYR A 321 42.56 -22.36 23.93
N GLY A 322 42.00 -21.55 24.85
CA GLY A 322 41.68 -20.19 24.49
C GLY A 322 42.88 -19.42 24.00
N LYS A 323 43.99 -19.49 24.74
CA LYS A 323 45.23 -18.88 24.32
C LYS A 323 45.63 -19.32 22.91
N GLN A 324 45.39 -20.59 22.58
CA GLN A 324 45.91 -21.17 21.35
C GLN A 324 44.86 -21.32 20.26
N ALA A 325 43.60 -20.96 20.52
CA ALA A 325 42.55 -21.22 19.55
C ALA A 325 42.76 -20.42 18.28
N VAL A 326 42.80 -21.10 17.13
CA VAL A 326 42.90 -20.44 15.84
C VAL A 326 41.53 -19.88 15.48
N LEU A 327 41.50 -18.65 15.00
CA LEU A 327 40.26 -17.90 14.92
C LEU A 327 39.98 -17.44 13.50
N CYS A 328 38.70 -17.12 13.28
CA CYS A 328 38.28 -16.54 12.02
C CYS A 328 38.95 -15.18 11.82
N SER A 329 39.67 -15.04 10.73
CA SER A 329 40.30 -13.76 10.38
C SER A 329 39.48 -12.94 9.40
N CYS A 330 38.62 -13.59 8.61
CA CYS A 330 37.96 -12.94 7.49
C CYS A 330 36.78 -12.07 7.91
N ARG A 331 36.30 -12.16 9.14
CA ARG A 331 35.13 -11.41 9.59
C ARG A 331 35.50 -10.56 10.80
N LYS A 332 35.12 -9.28 10.77
CA LYS A 332 35.46 -8.35 11.83
C LYS A 332 34.64 -8.57 13.10
N ASP A 333 33.50 -9.26 13.00
CA ASP A 333 32.60 -9.44 14.13
C ASP A 333 32.74 -10.80 14.80
N MET A 334 33.74 -11.59 14.42
CA MET A 334 33.90 -12.92 15.00
C MET A 334 34.17 -12.83 16.50
N VAL A 335 33.87 -13.92 17.21
CA VAL A 335 33.97 -13.95 18.66
C VAL A 335 35.43 -14.11 19.06
N LYS A 336 35.95 -13.12 19.78
CA LYS A 336 37.28 -13.19 20.36
C LYS A 336 37.18 -12.80 21.83
N ILE A 337 37.79 -13.61 22.69
CA ILE A 337 37.84 -13.33 24.11
C ILE A 337 39.28 -12.99 24.47
N SER A 338 39.46 -11.90 25.21
CA SER A 338 40.79 -11.55 25.70
C SER A 338 41.20 -12.55 26.77
N MET A 339 42.29 -13.29 26.51
CA MET A 339 42.75 -14.29 27.45
C MET A 339 43.61 -13.72 28.57
N ASP A 340 43.98 -12.44 28.50
CA ASP A 340 44.89 -11.88 29.48
C ASP A 340 44.36 -12.08 30.89
N VAL A 341 43.12 -11.66 31.13
CA VAL A 341 42.53 -11.78 32.47
C VAL A 341 42.65 -13.22 32.98
N PHE A 342 42.39 -14.21 32.11
CA PHE A 342 42.47 -15.61 32.53
C PHE A 342 43.89 -16.01 32.88
N VAL A 343 44.85 -15.69 32.02
CA VAL A 343 46.23 -16.05 32.29
C VAL A 343 46.71 -15.39 33.58
N ARG A 344 46.37 -14.12 33.77
CA ARG A 344 46.73 -13.41 34.99
C ARG A 344 46.21 -14.15 36.22
N LYS A 345 44.95 -14.60 36.17
CA LYS A 345 44.36 -15.17 37.38
C LYS A 345 44.79 -16.62 37.61
N PHE A 346 44.83 -17.43 36.55
CA PHE A 346 45.04 -18.87 36.67
C PHE A 346 46.38 -19.35 36.15
N GLN A 347 47.14 -18.50 35.44
CA GLN A 347 48.52 -18.81 35.09
C GLN A 347 49.44 -17.64 35.43
N PRO A 348 49.34 -17.09 36.66
CA PRO A 348 50.19 -15.95 37.04
C PRO A 348 51.64 -16.06 36.60
N GLU A 349 52.28 -17.22 36.82
CA GLU A 349 53.70 -17.33 36.53
C GLU A 349 53.99 -17.17 35.04
N ARG A 350 53.05 -17.54 34.18
CA ARG A 350 53.31 -17.62 32.75
C ARG A 350 52.95 -16.35 31.99
N TYR A 351 52.21 -15.40 32.59
CA TYR A 351 51.77 -14.23 31.83
C TYR A 351 52.92 -13.62 31.06
N LYS A 352 53.97 -13.23 31.76
CA LYS A 352 55.06 -12.51 31.11
C LYS A 352 55.63 -13.31 29.95
N LEU A 353 55.76 -14.62 30.11
CA LEU A 353 56.20 -15.44 28.99
C LEU A 353 55.16 -15.38 27.87
N TRP A 354 53.90 -15.67 28.20
CA TRP A 354 52.83 -15.65 27.21
C TRP A 354 52.69 -14.28 26.57
N LYS A 355 52.76 -13.21 27.38
CA LYS A 355 52.69 -11.87 26.82
C LYS A 355 53.90 -11.57 25.93
N ALA A 356 55.06 -12.15 26.26
CA ALA A 356 56.22 -12.00 25.38
C ALA A 356 55.98 -12.72 24.06
N GLY A 357 55.28 -13.84 24.10
CA GLY A 357 55.05 -14.66 22.93
C GLY A 357 55.90 -15.90 22.84
N LYS A 358 56.55 -16.30 23.93
CA LYS A 358 57.40 -17.49 23.95
C LYS A 358 56.81 -18.60 24.82
N ASP A 359 55.51 -18.51 25.16
CA ASP A 359 54.84 -19.57 25.92
C ASP A 359 54.38 -20.65 24.94
N ASN A 360 55.33 -21.48 24.52
CA ASN A 360 55.04 -22.57 23.59
C ASN A 360 54.63 -23.83 24.36
N THR A 361 53.60 -23.69 25.18
CA THR A 361 53.00 -24.86 25.81
C THR A 361 52.27 -25.68 24.74
N VAL A 362 52.31 -27.00 24.90
CA VAL A 362 51.67 -27.91 23.95
C VAL A 362 50.56 -28.63 24.69
N ILE A 363 49.34 -28.49 24.18
CA ILE A 363 48.18 -29.11 24.82
C ILE A 363 48.21 -30.61 24.60
N ASP A 364 48.05 -31.35 25.69
CA ASP A 364 47.76 -32.78 25.63
C ASP A 364 46.25 -32.95 25.79
N HIS A 365 45.57 -33.30 24.71
CA HIS A 365 44.12 -33.31 24.73
C HIS A 365 43.56 -34.38 25.67
N THR A 366 44.38 -35.34 26.11
CA THR A 366 43.94 -36.41 26.99
C THR A 366 43.96 -36.02 28.47
N LEU A 367 44.77 -35.03 28.85
CA LEU A 367 44.90 -34.71 30.26
C LEU A 367 43.61 -34.09 30.79
N PRO A 368 43.05 -34.60 31.89
CA PRO A 368 41.84 -33.98 32.45
C PRO A 368 42.07 -32.56 32.92
N THR A 369 41.00 -31.91 33.35
CA THR A 369 41.14 -30.57 33.90
C THR A 369 41.73 -30.65 35.31
N PRO A 370 42.55 -29.67 35.69
CA PRO A 370 43.13 -29.71 37.05
C PRO A 370 42.11 -29.96 38.14
N GLU A 371 40.90 -29.40 38.02
CA GLU A 371 39.87 -29.60 39.03
C GLU A 371 39.51 -31.06 39.24
N ALA A 372 39.94 -31.95 38.34
CA ALA A 372 39.64 -33.37 38.48
C ALA A 372 40.58 -34.08 39.46
N ALA A 373 41.54 -33.37 40.05
CA ALA A 373 42.48 -34.01 40.95
C ALA A 373 41.76 -34.85 42.00
N GLU A 374 40.75 -34.28 42.66
CA GLU A 374 40.06 -34.97 43.74
C GLU A 374 39.39 -36.25 43.28
N PHE A 375 39.05 -36.37 42.00
CA PHE A 375 38.44 -37.58 41.48
C PHE A 375 39.46 -38.57 40.96
N LEU A 376 40.72 -38.16 40.81
CA LEU A 376 41.79 -39.06 40.42
C LEU A 376 42.61 -39.57 41.59
N LYS A 377 42.38 -39.04 42.80
CA LYS A 377 43.06 -39.50 43.99
C LYS A 377 42.50 -40.84 44.46
N ASN B 31 6.90 -26.27 -34.90
CA ASN B 31 5.97 -25.20 -35.25
C ASN B 31 6.72 -23.89 -35.53
N PRO B 32 7.38 -23.83 -36.70
CA PRO B 32 8.11 -22.60 -37.06
C PRO B 32 7.30 -21.33 -36.93
N SER B 33 5.98 -21.44 -37.05
CA SER B 33 5.13 -20.30 -36.76
C SER B 33 5.39 -19.75 -35.35
N ALA B 34 5.83 -20.61 -34.43
CA ALA B 34 6.09 -20.23 -33.05
C ALA B 34 7.53 -20.49 -32.63
N ARG B 35 8.47 -20.42 -33.57
CA ARG B 35 9.89 -20.58 -33.27
C ARG B 35 10.57 -19.22 -33.17
N ILE B 36 11.66 -19.19 -32.40
CA ILE B 36 12.37 -17.94 -32.16
C ILE B 36 13.03 -17.47 -33.45
N MET B 37 12.78 -16.21 -33.81
CA MET B 37 13.30 -15.64 -35.04
C MET B 37 14.38 -14.62 -34.72
N THR B 38 15.33 -14.51 -35.64
CA THR B 38 16.41 -13.54 -35.55
C THR B 38 16.27 -12.56 -36.71
N PHE B 39 16.47 -11.29 -36.42
CA PHE B 39 16.29 -10.23 -37.40
C PHE B 39 17.56 -9.42 -37.51
N TYR B 40 17.87 -8.99 -38.74
CA TYR B 40 19.09 -8.26 -39.07
C TYR B 40 18.70 -6.95 -39.75
N PRO B 41 18.18 -5.99 -39.00
CA PRO B 41 17.77 -4.73 -39.62
C PRO B 41 18.93 -3.97 -40.20
N THR B 42 18.68 -3.28 -41.31
CA THR B 42 19.61 -2.27 -41.76
C THR B 42 19.52 -1.07 -40.83
N MET B 43 20.54 -0.21 -40.90
CA MET B 43 20.61 0.93 -40.00
C MET B 43 19.37 1.81 -40.10
N GLU B 44 18.85 2.02 -41.32
CA GLU B 44 17.70 2.89 -41.50
C GLU B 44 16.46 2.33 -40.79
N GLU B 45 16.22 1.03 -40.93
CA GLU B 45 15.08 0.41 -40.26
C GLU B 45 15.35 0.15 -38.77
N PHE B 46 16.62 0.16 -38.36
CA PHE B 46 16.98 0.01 -36.95
C PHE B 46 16.61 1.25 -36.14
N ARG B 47 16.65 2.43 -36.76
CA ARG B 47 16.62 3.67 -36.00
C ARG B 47 15.35 3.82 -35.17
N ASN B 48 14.19 3.58 -35.77
CA ASN B 48 12.92 3.68 -35.05
C ASN B 48 12.67 2.34 -34.38
N PHE B 49 12.99 2.26 -33.10
CA PHE B 49 12.82 1.01 -32.34
C PHE B 49 11.36 0.55 -32.34
N SER B 50 10.46 1.40 -31.85
CA SER B 50 9.06 1.01 -31.72
C SER B 50 8.50 0.50 -33.04
N ARG B 51 8.84 1.20 -34.13
CA ARG B 51 8.42 0.78 -35.46
C ARG B 51 8.97 -0.60 -35.78
N TYR B 52 10.24 -0.84 -35.45
CA TYR B 52 10.85 -2.13 -35.78
C TYR B 52 10.23 -3.25 -34.98
N ILE B 53 9.83 -2.98 -33.73
CA ILE B 53 9.07 -3.97 -32.97
C ILE B 53 7.77 -4.29 -33.69
N ALA B 54 7.07 -3.25 -34.16
CA ALA B 54 5.87 -3.49 -34.94
C ALA B 54 6.17 -4.37 -36.16
N TYR B 55 7.31 -4.15 -36.80
CA TYR B 55 7.67 -4.94 -37.98
C TYR B 55 7.88 -6.40 -37.61
N ILE B 56 8.74 -6.67 -36.63
CA ILE B 56 9.00 -8.07 -36.28
C ILE B 56 7.72 -8.76 -35.83
N GLU B 57 6.77 -7.99 -35.26
CA GLU B 57 5.47 -8.59 -34.98
C GLU B 57 4.74 -8.93 -36.28
N SER B 58 4.82 -8.05 -37.28
CA SER B 58 4.21 -8.36 -38.57
C SER B 58 4.74 -9.67 -39.12
N GLN B 59 5.97 -10.03 -38.79
CA GLN B 59 6.59 -11.29 -39.22
C GLN B 59 6.29 -12.44 -38.27
N GLY B 60 5.48 -12.22 -37.22
CA GLY B 60 5.13 -13.29 -36.31
C GLY B 60 6.16 -13.61 -35.25
N ALA B 61 7.09 -12.70 -34.97
CA ALA B 61 8.11 -12.98 -33.96
C ALA B 61 7.51 -13.11 -32.57
N HIS B 62 6.44 -12.36 -32.29
CA HIS B 62 5.81 -12.40 -30.98
C HIS B 62 5.25 -13.77 -30.62
N ARG B 63 5.00 -14.63 -31.61
CA ARG B 63 4.39 -15.91 -31.31
C ARG B 63 5.33 -16.80 -30.51
N ALA B 64 6.63 -16.74 -30.80
CA ALA B 64 7.59 -17.50 -30.01
C ALA B 64 7.68 -17.00 -28.58
N GLY B 65 7.29 -15.74 -28.35
CA GLY B 65 7.49 -15.10 -27.07
C GLY B 65 8.85 -14.49 -26.90
N LEU B 66 9.78 -14.83 -27.78
CA LEU B 66 11.17 -14.41 -27.71
C LEU B 66 11.66 -14.21 -29.13
N ALA B 67 12.48 -13.18 -29.33
CA ALA B 67 13.01 -12.87 -30.65
C ALA B 67 14.41 -12.31 -30.48
N LYS B 68 15.24 -12.53 -31.48
CA LYS B 68 16.57 -11.95 -31.49
C LYS B 68 16.63 -10.85 -32.54
N VAL B 69 17.31 -9.76 -32.19
CA VAL B 69 17.55 -8.65 -33.11
C VAL B 69 19.05 -8.39 -33.10
N VAL B 70 19.72 -8.72 -34.21
CA VAL B 70 21.13 -8.44 -34.39
C VAL B 70 21.25 -7.04 -34.97
N PRO B 71 21.86 -6.09 -34.26
CA PRO B 71 21.90 -4.73 -34.76
C PRO B 71 22.88 -4.59 -35.91
N PRO B 72 22.82 -3.49 -36.65
CA PRO B 72 23.84 -3.22 -37.66
C PRO B 72 25.24 -3.30 -37.06
N LYS B 73 26.19 -3.79 -37.85
CA LYS B 73 27.56 -3.93 -37.36
C LYS B 73 28.19 -2.57 -37.05
N GLU B 74 27.76 -1.50 -37.73
CA GLU B 74 28.30 -0.18 -37.46
C GLU B 74 27.75 0.39 -36.15
N TRP B 75 26.54 -0.02 -35.76
CA TRP B 75 25.94 0.52 -34.54
C TRP B 75 26.65 -0.03 -33.32
N LYS B 76 27.01 0.86 -32.40
CA LYS B 76 27.60 0.46 -31.14
C LYS B 76 27.06 1.36 -30.04
N PRO B 77 26.65 0.78 -28.90
CA PRO B 77 26.08 1.60 -27.83
C PRO B 77 27.15 2.34 -27.04
N ARG B 78 28.36 1.78 -27.05
CA ARG B 78 29.44 2.32 -26.22
C ARG B 78 30.78 1.90 -26.80
N ALA B 79 31.72 2.84 -26.81
CA ALA B 79 32.99 2.63 -27.50
C ALA B 79 33.85 1.59 -26.80
N SER B 80 33.94 1.64 -25.47
CA SER B 80 34.81 0.74 -24.73
C SER B 80 34.13 0.30 -23.44
N TYR B 81 34.54 -0.87 -22.95
CA TYR B 81 34.03 -1.44 -21.71
C TYR B 81 35.12 -1.64 -20.67
N ASP B 82 36.24 -0.93 -20.78
CA ASP B 82 37.35 -1.07 -19.85
C ASP B 82 37.34 -0.02 -18.74
N ASP B 83 36.41 0.93 -18.78
CA ASP B 83 36.33 2.00 -17.79
C ASP B 83 35.26 1.76 -16.73
N ILE B 84 34.67 0.56 -16.70
CA ILE B 84 33.60 0.26 -15.76
C ILE B 84 34.04 -0.74 -14.69
N ASP B 85 35.34 -1.05 -14.62
CA ASP B 85 35.82 -2.02 -13.63
C ASP B 85 35.50 -1.58 -12.21
N ASP B 86 35.46 -0.27 -11.97
CA ASP B 86 35.19 0.25 -10.64
C ASP B 86 33.71 0.41 -10.36
N LEU B 87 32.86 0.21 -11.37
CA LEU B 87 31.42 0.24 -11.16
C LEU B 87 31.03 -0.73 -10.06
N VAL B 88 30.19 -0.27 -9.14
CA VAL B 88 29.84 -1.05 -7.96
C VAL B 88 28.58 -1.84 -8.25
N ILE B 89 28.61 -3.12 -7.88
CA ILE B 89 27.41 -3.96 -7.86
C ILE B 89 26.90 -3.91 -6.43
N PRO B 90 25.87 -3.11 -6.13
CA PRO B 90 25.48 -2.94 -4.72
C PRO B 90 25.10 -4.24 -4.04
N ALA B 91 24.23 -5.03 -4.66
CA ALA B 91 23.60 -6.18 -4.01
C ALA B 91 23.78 -7.43 -4.86
N PRO B 92 25.02 -7.87 -5.09
CA PRO B 92 25.24 -9.13 -5.81
C PRO B 92 24.61 -10.28 -5.04
N ILE B 93 23.95 -11.18 -5.77
CA ILE B 93 23.22 -12.29 -5.17
C ILE B 93 23.91 -13.58 -5.55
N GLN B 94 24.19 -14.40 -4.54
CA GLN B 94 24.62 -15.78 -4.73
C GLN B 94 23.38 -16.64 -4.93
N GLN B 95 23.41 -17.48 -5.95
CA GLN B 95 22.22 -18.21 -6.37
C GLN B 95 22.30 -19.64 -5.87
N LEU B 96 21.68 -19.88 -4.71
CA LEU B 96 21.54 -21.24 -4.20
C LEU B 96 20.35 -21.90 -4.90
N VAL B 97 20.54 -23.09 -5.43
CA VAL B 97 19.48 -23.81 -6.11
C VAL B 97 19.27 -25.14 -5.41
N THR B 98 18.01 -25.44 -5.08
CA THR B 98 17.64 -26.71 -4.48
C THR B 98 16.60 -27.39 -5.35
N GLY B 99 16.75 -28.69 -5.56
CA GLY B 99 15.77 -29.43 -6.31
C GLY B 99 16.39 -30.66 -6.95
N GLN B 100 15.58 -31.31 -7.80
CA GLN B 100 15.97 -32.55 -8.45
C GLN B 100 15.01 -32.81 -9.59
N SER B 101 15.38 -33.76 -10.45
CA SER B 101 14.52 -34.22 -11.55
C SER B 101 13.99 -33.05 -12.38
N GLY B 102 14.87 -32.09 -12.66
CA GLY B 102 14.51 -30.98 -13.52
C GLY B 102 13.59 -29.96 -12.90
N LEU B 103 13.24 -30.08 -11.62
CA LEU B 103 12.45 -29.08 -10.92
C LEU B 103 13.32 -28.51 -9.80
N PHE B 104 13.48 -27.19 -9.79
CA PHE B 104 14.34 -26.53 -8.83
C PHE B 104 13.72 -25.22 -8.37
N THR B 105 14.20 -24.76 -7.23
CA THR B 105 13.86 -23.47 -6.65
C THR B 105 15.16 -22.74 -6.39
N GLN B 106 15.22 -21.48 -6.84
CA GLN B 106 16.40 -20.65 -6.72
C GLN B 106 16.19 -19.60 -5.64
N TYR B 107 17.11 -19.56 -4.68
CA TYR B 107 17.13 -18.58 -3.61
C TYR B 107 18.31 -17.64 -3.84
N ASN B 108 18.06 -16.35 -3.71
CA ASN B 108 19.04 -15.32 -4.01
C ASN B 108 19.54 -14.74 -2.69
N ILE B 109 20.77 -15.07 -2.34
CA ILE B 109 21.38 -14.65 -1.09
C ILE B 109 22.18 -13.38 -1.37
N GLN B 110 21.73 -12.26 -0.84
CA GLN B 110 22.48 -11.04 -1.04
C GLN B 110 23.86 -11.15 -0.40
N LYS B 111 24.87 -10.71 -1.14
CA LYS B 111 26.25 -10.71 -0.70
C LYS B 111 26.74 -9.28 -0.60
N LYS B 112 27.94 -9.10 -0.04
CA LYS B 112 28.45 -7.75 0.13
C LYS B 112 28.69 -7.10 -1.23
N ALA B 113 28.45 -5.79 -1.29
CA ALA B 113 28.70 -5.04 -2.51
C ALA B 113 30.11 -5.31 -3.02
N MET B 114 30.24 -5.36 -4.35
CA MET B 114 31.55 -5.58 -4.95
C MET B 114 31.61 -4.82 -6.27
N THR B 115 32.84 -4.52 -6.69
CA THR B 115 33.08 -3.87 -7.96
C THR B 115 33.01 -4.89 -9.10
N VAL B 116 32.78 -4.37 -10.31
CA VAL B 116 32.87 -5.22 -11.50
C VAL B 116 34.19 -5.97 -11.50
N ARG B 117 35.27 -5.28 -11.13
CA ARG B 117 36.60 -5.91 -11.11
C ARG B 117 36.60 -7.16 -10.23
N GLU B 118 36.16 -7.02 -8.98
CA GLU B 118 36.10 -8.18 -8.09
C GLU B 118 35.21 -9.27 -8.68
N PHE B 119 34.05 -8.87 -9.20
CA PHE B 119 33.09 -9.82 -9.74
C PHE B 119 33.72 -10.64 -10.86
N ARG B 120 34.30 -9.95 -11.85
CA ARG B 120 34.93 -10.65 -12.97
C ARG B 120 36.07 -11.53 -12.48
N LYS B 121 36.84 -11.07 -11.51
CA LYS B 121 37.92 -11.90 -10.98
C LYS B 121 37.35 -13.23 -10.50
N ILE B 122 36.33 -13.19 -9.64
CA ILE B 122 35.68 -14.43 -9.20
C ILE B 122 35.14 -15.21 -10.40
N ALA B 123 34.40 -14.52 -11.27
CA ALA B 123 33.70 -15.17 -12.38
C ALA B 123 34.68 -15.94 -13.27
N ASN B 124 35.83 -15.35 -13.56
CA ASN B 124 36.86 -15.95 -14.39
C ASN B 124 37.81 -16.84 -13.57
N SER B 125 37.63 -16.90 -12.25
CA SER B 125 38.47 -17.73 -11.42
C SER B 125 38.25 -19.21 -11.75
N ASP B 126 39.06 -20.06 -11.12
CA ASP B 126 39.02 -21.48 -11.43
C ASP B 126 37.72 -22.12 -10.93
N LYS B 127 37.23 -21.70 -9.78
CA LYS B 127 36.06 -22.34 -9.19
C LYS B 127 34.75 -21.93 -9.84
N TYR B 128 34.72 -20.78 -10.51
CA TYR B 128 33.49 -20.28 -11.10
C TYR B 128 33.56 -20.08 -12.61
N CYS B 129 34.67 -20.42 -13.25
CA CYS B 129 34.78 -20.21 -14.69
C CYS B 129 33.88 -21.19 -15.44
N THR B 130 33.67 -20.88 -16.70
CA THR B 130 32.89 -21.77 -17.55
C THR B 130 33.60 -23.11 -17.69
N PRO B 131 32.88 -24.23 -17.62
CA PRO B 131 33.51 -25.52 -17.87
C PRO B 131 33.93 -25.66 -19.33
N ARG B 132 34.75 -26.67 -19.58
CA ARG B 132 35.22 -26.94 -20.93
C ARG B 132 34.14 -27.69 -21.70
N TYR B 133 33.86 -27.24 -22.93
CA TYR B 133 32.79 -27.82 -23.72
C TYR B 133 33.03 -27.51 -25.19
N SER B 134 32.49 -28.38 -26.05
CA SER B 134 32.61 -28.24 -27.49
C SER B 134 31.30 -27.76 -28.13
N GLU B 135 30.22 -28.51 -27.96
CA GLU B 135 28.92 -28.13 -28.48
C GLU B 135 28.11 -27.44 -27.39
N PHE B 136 27.24 -26.52 -27.81
CA PHE B 136 26.37 -25.85 -26.85
C PHE B 136 25.61 -26.85 -26.00
N GLU B 137 25.10 -27.92 -26.63
CA GLU B 137 24.32 -28.91 -25.89
C GLU B 137 25.12 -29.49 -24.73
N GLU B 138 26.44 -29.60 -24.87
CA GLU B 138 27.26 -30.09 -23.76
C GLU B 138 27.21 -29.11 -22.59
N LEU B 139 27.29 -27.81 -22.87
CA LEU B 139 27.22 -26.83 -21.81
C LEU B 139 25.85 -26.80 -21.16
N GLU B 140 24.79 -26.84 -21.97
CA GLU B 140 23.44 -26.94 -21.40
C GLU B 140 23.33 -28.14 -20.47
N ARG B 141 23.83 -29.29 -20.92
CA ARG B 141 23.81 -30.50 -20.09
C ARG B 141 24.53 -30.27 -18.78
N LYS B 142 25.72 -29.67 -18.84
CA LYS B 142 26.47 -29.39 -17.62
C LYS B 142 25.72 -28.42 -16.72
N TYR B 143 25.12 -27.39 -17.31
CA TYR B 143 24.33 -26.45 -16.54
C TYR B 143 23.26 -27.17 -15.73
N TRP B 144 22.40 -27.94 -16.42
CA TRP B 144 21.31 -28.62 -15.74
C TRP B 144 21.80 -29.70 -14.80
N LYS B 145 23.00 -30.23 -15.04
CA LYS B 145 23.56 -31.26 -14.17
C LYS B 145 24.17 -30.65 -12.92
N ASN B 146 24.77 -29.47 -13.04
CA ASN B 146 25.50 -28.85 -11.95
C ASN B 146 24.78 -27.63 -11.38
N LEU B 147 23.47 -27.54 -11.60
CA LEU B 147 22.72 -26.35 -11.20
C LEU B 147 22.78 -26.12 -9.70
N THR B 148 22.64 -27.18 -8.90
CA THR B 148 22.56 -27.03 -7.46
C THR B 148 23.92 -26.95 -6.79
N PHE B 149 25.01 -27.11 -7.52
CA PHE B 149 26.35 -27.06 -6.95
C PHE B 149 26.97 -25.69 -7.21
N ASN B 150 28.01 -25.39 -6.43
CA ASN B 150 28.85 -24.23 -6.67
C ASN B 150 28.04 -22.97 -6.99
N PRO B 151 27.19 -22.52 -6.06
CA PRO B 151 26.31 -21.38 -6.33
C PRO B 151 27.08 -20.20 -6.89
N PRO B 152 26.77 -19.76 -8.11
CA PRO B 152 27.44 -18.57 -8.65
C PRO B 152 26.92 -17.31 -7.98
N ILE B 153 27.63 -16.22 -8.23
CA ILE B 153 27.20 -14.90 -7.80
C ILE B 153 26.72 -14.16 -9.05
N TYR B 154 25.57 -13.53 -8.95
CA TYR B 154 24.96 -12.83 -10.07
C TYR B 154 24.89 -11.35 -9.72
N GLY B 155 25.60 -10.53 -10.49
CA GLY B 155 25.57 -9.10 -10.28
C GLY B 155 24.37 -8.50 -10.96
N ALA B 156 23.18 -8.77 -10.43
CA ALA B 156 21.93 -8.46 -11.10
C ALA B 156 21.31 -7.18 -10.55
N ASP B 157 20.39 -6.63 -11.35
CA ASP B 157 19.55 -5.50 -10.93
C ASP B 157 20.39 -4.31 -10.50
N VAL B 158 21.44 -4.02 -11.26
CA VAL B 158 22.28 -2.85 -11.03
C VAL B 158 21.65 -1.69 -11.80
N ASN B 159 21.17 -0.68 -11.08
CA ASN B 159 20.70 0.51 -11.75
C ASN B 159 21.82 1.12 -12.57
N GLY B 160 21.49 1.55 -13.77
CA GLY B 160 22.46 2.18 -14.63
C GLY B 160 22.37 1.72 -16.06
N THR B 161 23.09 2.41 -16.92
CA THR B 161 23.12 2.09 -18.34
C THR B 161 24.57 2.17 -18.80
N LEU B 162 24.94 1.27 -19.70
CA LEU B 162 26.24 1.38 -20.35
C LEU B 162 26.16 2.09 -21.69
N TYR B 163 24.96 2.47 -22.12
CA TYR B 163 24.83 3.26 -23.33
C TYR B 163 25.50 4.61 -23.17
N GLU B 164 26.30 5.01 -24.15
CA GLU B 164 26.84 6.35 -24.16
C GLU B 164 25.73 7.35 -24.44
N LYS B 165 25.88 8.53 -23.85
CA LYS B 165 24.76 9.47 -23.77
C LYS B 165 24.15 9.75 -25.14
N HIS B 166 24.99 10.03 -26.14
CA HIS B 166 24.50 10.46 -27.45
C HIS B 166 24.41 9.26 -28.40
N VAL B 167 23.49 8.36 -28.06
CA VAL B 167 23.10 7.22 -28.89
C VAL B 167 21.58 7.21 -28.91
N ASP B 168 20.99 7.51 -30.06
CA ASP B 168 19.55 7.67 -30.16
C ASP B 168 18.84 6.44 -30.70
N GLU B 169 19.54 5.33 -30.92
CA GLU B 169 18.93 4.12 -31.48
C GLU B 169 19.01 2.99 -30.47
N TRP B 170 17.84 2.44 -30.11
CA TRP B 170 17.73 1.29 -29.20
C TRP B 170 18.41 1.59 -27.87
N ASN B 171 18.23 2.82 -27.41
CA ASN B 171 18.70 3.25 -26.10
C ASN B 171 17.73 2.73 -25.04
N ILE B 172 18.18 1.74 -24.27
CA ILE B 172 17.33 1.13 -23.26
C ILE B 172 16.92 2.16 -22.22
N GLY B 173 17.78 3.15 -21.97
CA GLY B 173 17.40 4.24 -21.08
C GLY B 173 16.18 5.03 -21.51
N ARG B 174 15.92 5.10 -22.84
CA ARG B 174 14.84 5.97 -23.32
C ARG B 174 14.28 5.45 -24.66
N LEU B 175 13.56 4.33 -24.61
CA LEU B 175 13.00 3.74 -25.82
C LEU B 175 11.81 4.52 -26.39
N ARG B 176 11.22 5.44 -25.62
CA ARG B 176 10.15 6.29 -26.12
C ARG B 176 8.92 5.49 -26.55
N THR B 177 8.66 4.36 -25.90
CA THR B 177 7.44 3.60 -26.14
C THR B 177 6.30 4.18 -25.29
N ILE B 178 5.09 3.65 -25.50
CA ILE B 178 3.96 4.18 -24.74
C ILE B 178 4.03 3.83 -23.26
N LEU B 179 4.92 2.92 -22.85
CA LEU B 179 5.13 2.69 -21.43
C LEU B 179 5.41 4.01 -20.72
N ASP B 180 6.16 4.89 -21.38
CA ASP B 180 6.51 6.18 -20.80
C ASP B 180 5.30 6.92 -20.25
N LEU B 181 4.10 6.63 -20.77
CA LEU B 181 2.93 7.36 -20.33
C LEU B 181 2.81 7.34 -18.81
N VAL B 182 3.13 6.21 -18.17
CA VAL B 182 2.89 6.15 -16.73
C VAL B 182 3.79 7.14 -16.01
N GLU B 183 5.05 7.30 -16.46
CA GLU B 183 5.88 8.35 -15.88
C GLU B 183 5.42 9.73 -16.33
N LYS B 184 4.87 9.83 -17.55
CA LYS B 184 4.43 11.13 -18.05
C LYS B 184 3.25 11.68 -17.28
N GLU B 185 2.35 10.80 -16.81
CA GLU B 185 1.16 11.26 -16.12
C GLU B 185 1.31 11.30 -14.61
N SER B 186 2.18 10.47 -14.03
CA SER B 186 2.37 10.45 -12.58
C SER B 186 3.78 10.79 -12.14
N GLY B 187 4.79 10.60 -12.99
CA GLY B 187 6.17 10.78 -12.59
C GLY B 187 6.77 9.58 -11.90
N ILE B 188 5.97 8.57 -11.58
CA ILE B 188 6.47 7.39 -10.87
C ILE B 188 7.32 6.56 -11.82
N THR B 189 8.46 6.10 -11.33
CA THR B 189 9.29 5.15 -12.03
C THR B 189 9.45 3.89 -11.20
N ILE B 190 9.56 2.77 -11.89
CA ILE B 190 9.78 1.46 -11.28
C ILE B 190 11.10 0.95 -11.81
N GLU B 191 12.06 0.74 -10.92
CA GLU B 191 13.40 0.36 -11.35
C GLU B 191 13.35 -0.91 -12.19
N GLY B 192 14.13 -0.93 -13.26
CA GLY B 192 14.19 -2.06 -14.16
C GLY B 192 12.99 -2.20 -15.07
N VAL B 193 11.93 -1.44 -14.86
CA VAL B 193 10.72 -1.53 -15.66
C VAL B 193 10.69 -0.35 -16.64
N ASN B 194 10.69 0.87 -16.12
CA ASN B 194 10.83 2.06 -16.95
C ASN B 194 12.18 2.74 -16.76
N THR B 195 13.14 2.05 -16.16
CA THR B 195 14.53 2.48 -16.10
C THR B 195 15.42 1.28 -16.40
N PRO B 196 16.63 1.52 -16.89
CA PRO B 196 17.51 0.40 -17.25
C PRO B 196 18.13 -0.31 -16.05
N TYR B 197 18.44 -1.59 -16.25
CA TYR B 197 19.13 -2.44 -15.30
C TYR B 197 20.34 -3.06 -15.98
N LEU B 198 21.43 -3.21 -15.24
CA LEU B 198 22.60 -3.94 -15.70
C LEU B 198 22.72 -5.25 -14.94
N TYR B 199 23.17 -6.29 -15.64
CA TYR B 199 23.33 -7.63 -15.09
C TYR B 199 24.72 -8.12 -15.44
N PHE B 200 25.56 -8.30 -14.43
CA PHE B 200 26.86 -8.92 -14.63
C PHE B 200 26.72 -10.39 -14.25
N GLY B 201 26.75 -11.25 -15.24
CA GLY B 201 26.59 -12.67 -15.04
C GLY B 201 27.93 -13.39 -15.08
N MET B 202 27.93 -14.60 -14.56
CA MET B 202 29.04 -15.53 -14.68
C MET B 202 28.47 -16.87 -15.10
N TRP B 203 29.35 -17.86 -15.23
CA TRP B 203 28.89 -19.20 -15.58
C TRP B 203 27.83 -19.67 -14.60
N LYS B 204 26.73 -20.18 -15.13
CA LYS B 204 25.68 -20.88 -14.39
C LYS B 204 24.75 -19.94 -13.66
N THR B 205 24.94 -18.62 -13.75
CA THR B 205 23.94 -17.70 -13.22
C THR B 205 22.70 -17.78 -14.10
N SER B 206 21.55 -17.96 -13.46
CA SER B 206 20.33 -18.29 -14.18
C SER B 206 19.23 -17.32 -13.81
N PHE B 207 18.26 -17.19 -14.70
CA PHE B 207 17.04 -16.47 -14.43
C PHE B 207 15.87 -17.41 -14.62
N ALA B 208 14.99 -17.46 -13.63
CA ALA B 208 13.95 -18.48 -13.58
C ALA B 208 12.84 -18.19 -14.60
N TRP B 209 11.98 -19.19 -14.78
CA TRP B 209 10.83 -19.03 -15.63
C TRP B 209 9.96 -17.88 -15.15
N HIS B 210 9.63 -16.98 -16.05
CA HIS B 210 8.81 -15.83 -15.69
C HIS B 210 8.37 -15.13 -16.97
N THR B 211 7.29 -14.38 -16.84
CA THR B 211 6.98 -13.30 -17.76
C THR B 211 7.43 -12.00 -17.12
N GLU B 212 7.46 -10.94 -17.92
CA GLU B 212 7.82 -9.65 -17.36
C GLU B 212 6.72 -9.16 -16.42
N ASP B 213 7.11 -8.30 -15.50
CA ASP B 213 6.12 -7.62 -14.67
C ASP B 213 5.05 -7.02 -15.57
N MET B 214 3.80 -7.13 -15.14
CA MET B 214 2.66 -6.63 -15.92
C MET B 214 2.60 -7.28 -17.31
N ASP B 215 3.27 -8.41 -17.48
CA ASP B 215 3.35 -9.09 -18.78
C ASP B 215 3.76 -8.12 -19.88
N LEU B 216 4.73 -7.27 -19.57
CA LEU B 216 5.24 -6.27 -20.50
C LEU B 216 6.15 -6.91 -21.54
N TYR B 217 6.58 -6.08 -22.49
CA TYR B 217 7.70 -6.43 -23.34
C TYR B 217 8.99 -6.25 -22.58
N SER B 218 10.01 -7.02 -22.94
CA SER B 218 11.32 -6.85 -22.34
C SER B 218 12.35 -6.71 -23.45
N ILE B 219 13.34 -5.86 -23.20
CA ILE B 219 14.47 -5.69 -24.10
C ILE B 219 15.72 -6.01 -23.31
N ASN B 220 16.59 -6.82 -23.90
CA ASN B 220 17.82 -7.25 -23.25
C ASN B 220 18.94 -7.16 -24.29
N TYR B 221 19.98 -6.41 -23.97
CA TYR B 221 21.12 -6.22 -24.86
C TYR B 221 22.37 -6.74 -24.18
N LEU B 222 23.00 -7.73 -24.79
CA LEU B 222 24.22 -8.27 -24.20
C LEU B 222 25.39 -7.37 -24.63
N HIS B 223 25.86 -6.53 -23.70
CA HIS B 223 26.91 -5.57 -24.02
C HIS B 223 28.19 -6.28 -24.43
N PHE B 224 28.64 -7.24 -23.62
CA PHE B 224 29.91 -7.89 -23.86
C PHE B 224 29.95 -9.20 -23.09
N GLY B 225 30.98 -9.99 -23.36
CA GLY B 225 31.24 -11.19 -22.61
C GLY B 225 30.61 -12.43 -23.20
N GLU B 226 30.53 -13.45 -22.37
CA GLU B 226 30.05 -14.75 -22.82
C GLU B 226 28.56 -14.72 -23.14
N PRO B 227 28.07 -15.71 -23.88
CA PRO B 227 26.66 -15.70 -24.31
C PRO B 227 25.68 -15.94 -23.16
N LYS B 228 24.42 -15.63 -23.43
CA LYS B 228 23.31 -15.94 -22.54
C LYS B 228 22.34 -16.84 -23.29
N SER B 229 22.06 -18.02 -22.74
CA SER B 229 21.08 -18.93 -23.32
C SER B 229 19.70 -18.66 -22.76
N TRP B 230 18.71 -18.73 -23.64
CA TRP B 230 17.31 -18.48 -23.34
C TRP B 230 16.45 -19.65 -23.74
N TYR B 231 15.44 -19.88 -22.93
CA TYR B 231 14.32 -20.75 -23.19
C TYR B 231 13.08 -19.87 -23.26
N SER B 232 12.24 -20.11 -24.24
CA SER B 232 11.01 -19.37 -24.40
C SER B 232 9.87 -20.36 -24.60
N VAL B 233 8.77 -20.12 -23.89
CA VAL B 233 7.53 -20.85 -24.11
C VAL B 233 6.57 -19.91 -24.82
N PRO B 234 5.98 -20.31 -25.94
CA PRO B 234 5.09 -19.41 -26.68
C PRO B 234 3.96 -18.91 -25.80
N PRO B 235 3.62 -17.63 -25.88
CA PRO B 235 2.44 -17.13 -25.15
C PRO B 235 1.20 -17.99 -25.32
N GLU B 236 0.95 -18.53 -26.53
CA GLU B 236 -0.18 -19.43 -26.74
C GLU B 236 -0.25 -20.50 -25.67
N HIS B 237 0.91 -21.06 -25.32
CA HIS B 237 1.00 -22.17 -24.37
C HIS B 237 1.43 -21.70 -22.98
N GLY B 238 1.54 -20.39 -22.76
CA GLY B 238 1.98 -19.91 -21.47
C GLY B 238 1.15 -20.49 -20.35
N LYS B 239 -0.18 -20.48 -20.52
CA LYS B 239 -1.07 -20.99 -19.48
C LYS B 239 -0.70 -22.42 -19.11
N ARG B 240 -0.42 -23.25 -20.11
CA ARG B 240 -0.06 -24.63 -19.81
C ARG B 240 1.13 -24.67 -18.87
N LEU B 241 2.16 -23.88 -19.18
CA LEU B 241 3.31 -23.80 -18.29
C LEU B 241 2.86 -23.52 -16.86
N GLU B 242 2.03 -22.50 -16.69
CA GLU B 242 1.56 -22.17 -15.35
C GLU B 242 0.96 -23.40 -14.69
N ARG B 243 0.02 -24.05 -15.37
CA ARG B 243 -0.57 -25.25 -14.81
C ARG B 243 0.52 -26.22 -14.40
N LEU B 244 1.43 -26.52 -15.33
CA LEU B 244 2.50 -27.46 -15.01
C LEU B 244 3.22 -27.01 -13.74
N ALA B 245 3.63 -25.74 -13.69
CA ALA B 245 4.32 -25.25 -12.51
C ALA B 245 3.46 -25.45 -11.27
N LYS B 246 2.18 -25.10 -11.37
CA LYS B 246 1.29 -25.27 -10.23
C LYS B 246 1.28 -26.72 -9.77
N GLY B 247 1.28 -27.65 -10.72
CA GLY B 247 1.29 -29.06 -10.35
C GLY B 247 2.53 -29.47 -9.61
N PHE B 248 3.67 -28.86 -9.94
CA PHE B 248 4.93 -29.24 -9.32
C PHE B 248 5.17 -28.51 -8.00
N PHE B 249 4.62 -27.32 -7.84
CA PHE B 249 4.80 -26.52 -6.63
C PHE B 249 3.43 -26.14 -6.09
N PRO B 250 2.66 -27.13 -5.63
CA PRO B 250 1.31 -26.83 -5.15
C PRO B 250 1.33 -25.92 -3.93
N GLY B 251 2.27 -26.12 -3.01
CA GLY B 251 2.38 -25.19 -1.89
C GLY B 251 2.62 -23.76 -2.36
N SER B 252 3.59 -23.58 -3.26
CA SER B 252 3.87 -22.25 -3.78
C SER B 252 2.67 -21.68 -4.51
N ALA B 253 1.90 -22.54 -5.20
CA ALA B 253 0.75 -22.05 -5.95
C ALA B 253 -0.41 -21.70 -5.03
N GLN B 254 -0.54 -22.37 -3.89
CA GLN B 254 -1.54 -22.01 -2.90
C GLN B 254 -1.18 -20.69 -2.22
N SER B 255 0.12 -20.49 -1.95
CA SER B 255 0.52 -19.25 -1.28
C SER B 255 0.35 -18.04 -2.20
N CYS B 256 0.66 -18.17 -3.48
CA CYS B 256 0.61 -17.04 -4.39
C CYS B 256 -0.06 -17.44 -5.70
N GLU B 257 -0.97 -16.59 -6.18
CA GLU B 257 -1.60 -16.81 -7.48
C GLU B 257 -0.56 -16.95 -8.58
N ALA B 258 0.42 -16.04 -8.60
CA ALA B 258 1.42 -16.01 -9.64
C ALA B 258 2.80 -16.18 -9.04
N PHE B 259 3.07 -17.35 -8.44
CA PHE B 259 4.34 -17.56 -7.76
C PHE B 259 5.51 -17.55 -8.74
N LEU B 260 5.27 -17.85 -10.02
CA LEU B 260 6.35 -17.74 -10.99
C LEU B 260 6.93 -16.35 -11.02
N ARG B 261 6.14 -15.32 -10.70
CA ARG B 261 6.65 -13.96 -10.71
C ARG B 261 7.73 -13.74 -9.66
N HIS B 262 7.86 -14.64 -8.68
CA HIS B 262 8.97 -14.57 -7.75
C HIS B 262 10.30 -14.83 -8.44
N LYS B 263 10.27 -15.44 -9.62
CA LYS B 263 11.47 -15.74 -10.39
C LYS B 263 12.41 -16.65 -9.60
N MET B 264 11.81 -17.68 -9.00
CA MET B 264 12.55 -18.69 -8.25
C MET B 264 12.46 -20.08 -8.86
N THR B 265 11.61 -20.29 -9.85
CA THR B 265 11.27 -21.63 -10.31
C THR B 265 12.05 -21.98 -11.57
N LEU B 266 12.92 -22.98 -11.46
CA LEU B 266 13.69 -23.46 -12.60
C LEU B 266 13.13 -24.80 -13.05
N ILE B 267 12.84 -24.91 -14.34
CA ILE B 267 12.31 -26.13 -14.93
C ILE B 267 13.19 -26.49 -16.13
N SER B 268 13.73 -27.70 -16.13
CA SER B 268 14.62 -28.09 -17.20
C SER B 268 13.84 -28.34 -18.50
N PRO B 269 14.48 -28.12 -19.65
CA PRO B 269 13.80 -28.41 -20.93
C PRO B 269 13.28 -29.83 -21.02
N LEU B 270 14.05 -30.81 -20.52
CA LEU B 270 13.56 -32.18 -20.48
C LEU B 270 12.19 -32.26 -19.84
N MET B 271 12.02 -31.56 -18.71
CA MET B 271 10.73 -31.59 -18.02
C MET B 271 9.63 -31.00 -18.88
N LEU B 272 9.91 -29.88 -19.56
CA LEU B 272 8.91 -29.29 -20.45
C LEU B 272 8.52 -30.27 -21.55
N LYS B 273 9.52 -30.89 -22.18
CA LYS B 273 9.25 -31.85 -23.25
C LYS B 273 8.39 -32.99 -22.75
N LYS B 274 8.76 -33.56 -21.60
CA LYS B 274 8.04 -34.68 -21.02
C LYS B 274 6.54 -34.38 -20.87
N TYR B 275 6.21 -33.16 -20.45
CA TYR B 275 4.82 -32.77 -20.25
C TYR B 275 4.27 -31.98 -21.43
N GLY B 276 4.96 -32.01 -22.58
CA GLY B 276 4.41 -31.47 -23.80
C GLY B 276 4.28 -29.97 -23.85
N ILE B 277 5.09 -29.24 -23.09
CA ILE B 277 5.07 -27.78 -23.16
C ILE B 277 5.92 -27.38 -24.35
N PRO B 278 5.36 -26.75 -25.39
CA PRO B 278 6.20 -26.28 -26.49
C PRO B 278 7.16 -25.22 -26.00
N PHE B 279 8.39 -25.30 -26.48
CA PHE B 279 9.39 -24.32 -26.10
C PHE B 279 10.46 -24.28 -27.19
N ASP B 280 11.22 -23.21 -27.18
CA ASP B 280 12.35 -23.05 -28.08
C ASP B 280 13.52 -22.50 -27.28
N LYS B 281 14.72 -22.70 -27.81
CA LYS B 281 15.92 -22.21 -27.15
C LYS B 281 16.73 -21.41 -28.15
N VAL B 282 17.43 -20.40 -27.63
CA VAL B 282 18.26 -19.55 -28.46
C VAL B 282 19.40 -19.01 -27.61
N THR B 283 20.59 -18.95 -28.17
CA THR B 283 21.71 -18.35 -27.49
C THR B 283 21.94 -16.94 -28.03
N GLN B 284 22.02 -15.99 -27.12
CA GLN B 284 22.28 -14.59 -27.42
C GLN B 284 23.78 -14.34 -27.24
N GLU B 285 24.44 -13.99 -28.34
CA GLU B 285 25.84 -13.63 -28.31
C GLU B 285 25.99 -12.17 -27.88
N ALA B 286 27.22 -11.77 -27.56
CA ALA B 286 27.46 -10.39 -27.20
C ALA B 286 27.17 -9.46 -28.37
N GLY B 287 26.69 -8.26 -28.05
CA GLY B 287 26.29 -7.31 -29.07
C GLY B 287 24.94 -7.59 -29.68
N GLU B 288 24.16 -8.48 -29.08
CA GLU B 288 22.89 -8.94 -29.64
C GLU B 288 21.75 -8.52 -28.72
N PHE B 289 20.61 -8.25 -29.34
CA PHE B 289 19.38 -7.92 -28.64
C PHE B 289 18.46 -9.14 -28.57
N MET B 290 17.76 -9.25 -27.45
CA MET B 290 16.62 -10.15 -27.30
C MET B 290 15.41 -9.32 -26.94
N ILE B 291 14.29 -9.66 -27.57
CA ILE B 291 12.99 -9.06 -27.29
C ILE B 291 12.13 -10.15 -26.69
N THR B 292 11.53 -9.84 -25.55
CA THR B 292 10.60 -10.72 -24.86
C THR B 292 9.20 -10.16 -25.08
N PHE B 293 8.29 -11.01 -25.43
CA PHE B 293 6.98 -10.51 -25.81
C PHE B 293 5.97 -10.74 -24.70
N PRO B 294 4.91 -9.94 -24.69
CA PRO B 294 3.93 -10.03 -23.60
C PRO B 294 3.48 -11.45 -23.37
N TYR B 295 3.52 -11.86 -22.10
CA TYR B 295 3.14 -13.19 -21.67
C TYR B 295 4.02 -14.28 -22.28
N GLY B 296 5.23 -13.91 -22.71
CA GLY B 296 6.19 -14.89 -23.15
C GLY B 296 7.06 -15.38 -22.00
N TYR B 297 6.78 -16.57 -21.49
CA TYR B 297 7.61 -17.14 -20.46
C TYR B 297 9.00 -17.44 -20.99
N HIS B 298 10.01 -17.11 -20.20
CA HIS B 298 11.38 -17.39 -20.61
C HIS B 298 12.23 -17.61 -19.37
N ALA B 299 13.32 -18.35 -19.57
CA ALA B 299 14.28 -18.64 -18.53
C ALA B 299 15.62 -18.83 -19.21
N GLY B 300 16.68 -19.05 -18.45
CA GLY B 300 17.95 -19.31 -19.08
C GLY B 300 19.11 -19.09 -18.13
N PHE B 301 20.31 -19.02 -18.73
CA PHE B 301 21.52 -18.94 -17.93
C PHE B 301 22.63 -18.28 -18.73
N ASN B 302 23.61 -17.74 -18.01
CA ASN B 302 24.77 -17.13 -18.63
C ASN B 302 25.87 -18.16 -18.78
N HIS B 303 26.56 -18.10 -19.93
CA HIS B 303 27.64 -19.06 -20.19
C HIS B 303 28.86 -18.78 -19.35
N GLY B 304 29.12 -17.51 -19.08
CA GLY B 304 30.28 -17.11 -18.33
C GLY B 304 30.19 -15.64 -18.07
N PHE B 305 31.33 -15.06 -17.68
CA PHE B 305 31.31 -13.64 -17.36
C PHE B 305 30.75 -12.83 -18.51
N ASN B 306 29.71 -12.05 -18.24
CA ASN B 306 29.15 -11.18 -19.25
C ASN B 306 28.40 -10.04 -18.56
N CYS B 307 27.91 -9.11 -19.37
CA CYS B 307 27.16 -7.95 -18.88
C CYS B 307 26.04 -7.65 -19.86
N ALA B 308 24.81 -7.65 -19.38
CA ALA B 308 23.63 -7.36 -20.18
C ALA B 308 22.91 -6.16 -19.59
N GLU B 309 22.12 -5.49 -20.42
CA GLU B 309 21.33 -4.35 -19.98
C GLU B 309 19.90 -4.58 -20.44
N SER B 310 18.93 -4.35 -19.56
CA SER B 310 17.56 -4.64 -19.94
C SER B 310 16.62 -3.61 -19.34
N THR B 311 15.44 -3.53 -19.95
CA THR B 311 14.33 -2.77 -19.39
C THR B 311 13.06 -3.32 -20.00
N ASN B 312 11.94 -2.82 -19.52
CA ASN B 312 10.65 -3.18 -20.07
C ASN B 312 10.16 -2.09 -21.01
N PHE B 313 9.22 -2.47 -21.86
CA PHE B 313 8.57 -1.50 -22.72
C PHE B 313 7.22 -2.07 -23.13
N ALA B 314 6.45 -1.28 -23.87
CA ALA B 314 5.09 -1.65 -24.21
C ALA B 314 4.77 -1.23 -25.63
N THR B 315 3.67 -1.79 -26.12
CA THR B 315 3.01 -1.37 -27.34
C THR B 315 1.52 -1.30 -27.05
N ARG B 316 0.75 -0.85 -28.05
CA ARG B 316 -0.70 -0.86 -27.88
C ARG B 316 -1.22 -2.26 -27.59
N ARG B 317 -0.60 -3.28 -28.18
CA ARG B 317 -1.03 -4.65 -27.93
C ARG B 317 -0.91 -5.01 -26.45
N TRP B 318 0.13 -4.48 -25.79
CA TRP B 318 0.37 -4.84 -24.40
C TRP B 318 -0.79 -4.47 -23.49
N ILE B 319 -1.53 -3.41 -23.83
CA ILE B 319 -2.55 -2.89 -22.91
C ILE B 319 -3.43 -4.02 -22.39
N GLU B 320 -3.97 -4.82 -23.30
CA GLU B 320 -4.88 -5.90 -22.87
C GLU B 320 -4.16 -6.84 -21.92
N TYR B 321 -2.95 -7.28 -22.28
CA TYR B 321 -2.16 -8.07 -21.35
C TYR B 321 -2.09 -7.39 -19.99
N GLY B 322 -1.74 -6.11 -19.97
CA GLY B 322 -1.65 -5.40 -18.71
C GLY B 322 -2.95 -5.43 -17.94
N LYS B 323 -4.08 -5.36 -18.65
CA LYS B 323 -5.36 -5.44 -17.98
C LYS B 323 -5.60 -6.82 -17.41
N GLN B 324 -5.19 -7.86 -18.12
CA GLN B 324 -5.48 -9.24 -17.73
C GLN B 324 -4.31 -9.91 -17.00
N ALA B 325 -3.25 -9.18 -16.71
CA ALA B 325 -2.07 -9.79 -16.09
C ALA B 325 -2.41 -10.26 -14.68
N VAL B 326 -2.12 -11.54 -14.41
CA VAL B 326 -2.29 -12.08 -13.05
C VAL B 326 -1.02 -11.75 -12.27
N LEU B 327 -1.16 -10.90 -11.26
CA LEU B 327 -0.02 -10.39 -10.52
C LEU B 327 0.19 -11.15 -9.22
N CYS B 328 1.40 -10.99 -8.67
CA CYS B 328 1.73 -11.59 -7.40
C CYS B 328 0.86 -10.99 -6.29
N SER B 329 0.17 -11.86 -5.56
CA SER B 329 -0.74 -11.43 -4.50
C SER B 329 -0.15 -11.51 -3.11
N CYS B 330 1.05 -12.07 -2.95
CA CYS B 330 1.60 -12.35 -1.62
C CYS B 330 2.67 -11.37 -1.19
N ARG B 331 3.07 -10.41 -2.04
CA ARG B 331 4.09 -9.43 -1.67
C ARG B 331 3.63 -8.03 -2.08
N LYS B 332 3.81 -7.07 -1.17
CA LYS B 332 3.49 -5.68 -1.46
C LYS B 332 4.53 -5.01 -2.34
N ASP B 333 5.76 -5.51 -2.35
CA ASP B 333 6.83 -4.95 -3.17
C ASP B 333 6.75 -5.36 -4.63
N MET B 334 5.81 -6.22 -5.00
CA MET B 334 5.68 -6.65 -6.38
C MET B 334 5.28 -5.48 -7.26
N VAL B 335 5.70 -5.53 -8.52
CA VAL B 335 5.46 -4.42 -9.44
C VAL B 335 4.00 -4.43 -9.88
N LYS B 336 3.35 -3.28 -9.75
CA LYS B 336 1.98 -3.09 -10.21
C LYS B 336 1.91 -1.74 -10.90
N ILE B 337 1.42 -1.71 -12.13
CA ILE B 337 1.21 -0.48 -12.88
C ILE B 337 -0.29 -0.25 -12.98
N SER B 338 -0.69 1.00 -12.79
CA SER B 338 -2.10 1.37 -12.92
C SER B 338 -2.45 1.44 -14.40
N MET B 339 -3.44 0.66 -14.83
CA MET B 339 -3.81 0.59 -16.23
C MET B 339 -4.72 1.72 -16.67
N ASP B 340 -5.22 2.54 -15.74
CA ASP B 340 -6.21 3.55 -16.08
C ASP B 340 -5.72 4.50 -17.17
N VAL B 341 -4.46 4.94 -17.08
CA VAL B 341 -3.92 5.82 -18.12
C VAL B 341 -4.08 5.17 -19.49
N PHE B 342 -3.59 3.93 -19.61
CA PHE B 342 -3.56 3.25 -20.90
C PHE B 342 -4.97 2.98 -21.41
N VAL B 343 -5.84 2.44 -20.56
CA VAL B 343 -7.20 2.16 -20.98
C VAL B 343 -7.89 3.43 -21.44
N ARG B 344 -7.82 4.48 -20.62
CA ARG B 344 -8.50 5.71 -20.95
C ARG B 344 -8.02 6.28 -22.28
N LYS B 345 -6.70 6.27 -22.51
CA LYS B 345 -6.17 6.91 -23.70
C LYS B 345 -6.38 6.05 -24.96
N PHE B 346 -6.10 4.76 -24.88
CA PHE B 346 -6.12 3.89 -26.05
C PHE B 346 -7.35 2.99 -26.14
N GLN B 347 -8.12 2.88 -25.07
CA GLN B 347 -9.33 2.06 -25.12
C GLN B 347 -10.50 2.82 -24.47
N PRO B 348 -10.76 4.06 -24.89
CA PRO B 348 -11.92 4.80 -24.35
C PRO B 348 -13.22 4.02 -24.47
N GLU B 349 -13.41 3.36 -25.62
CA GLU B 349 -14.63 2.63 -25.90
C GLU B 349 -14.92 1.57 -24.83
N ARG B 350 -13.88 0.90 -24.35
CA ARG B 350 -14.07 -0.10 -23.32
C ARG B 350 -13.90 0.46 -21.92
N TYR B 351 -13.50 1.72 -21.76
CA TYR B 351 -13.16 2.24 -20.43
C TYR B 351 -14.27 2.00 -19.43
N LYS B 352 -15.49 2.45 -19.75
CA LYS B 352 -16.59 2.30 -18.80
C LYS B 352 -16.82 0.84 -18.42
N LEU B 353 -16.79 -0.06 -19.40
CA LEU B 353 -16.98 -1.48 -19.12
C LEU B 353 -15.83 -2.04 -18.29
N TRP B 354 -14.61 -1.63 -18.61
CA TRP B 354 -13.42 -2.15 -17.94
C TRP B 354 -13.39 -1.71 -16.48
N LYS B 355 -13.60 -0.42 -16.23
CA LYS B 355 -13.77 0.04 -14.86
C LYS B 355 -14.95 -0.63 -14.20
N ALA B 356 -15.99 -0.96 -14.97
CA ALA B 356 -17.14 -1.68 -14.45
C ALA B 356 -16.79 -3.14 -14.14
N GLY B 357 -15.77 -3.69 -14.78
CA GLY B 357 -15.48 -5.10 -14.68
C GLY B 357 -16.21 -5.95 -15.69
N LYS B 358 -16.80 -5.34 -16.71
CA LYS B 358 -17.54 -6.04 -17.74
C LYS B 358 -16.73 -6.24 -19.01
N ASP B 359 -15.42 -6.01 -18.95
CA ASP B 359 -14.54 -6.15 -20.11
C ASP B 359 -14.12 -7.60 -20.22
N ASN B 360 -14.69 -8.31 -21.19
CA ASN B 360 -14.43 -9.74 -21.39
C ASN B 360 -13.63 -9.98 -22.66
N THR B 361 -12.71 -9.07 -22.97
CA THR B 361 -11.83 -9.30 -24.12
C THR B 361 -11.03 -10.57 -23.90
N VAL B 362 -10.93 -11.38 -24.95
CA VAL B 362 -10.10 -12.57 -24.96
C VAL B 362 -8.91 -12.29 -25.86
N ILE B 363 -7.71 -12.51 -25.34
CA ILE B 363 -6.50 -12.16 -26.08
C ILE B 363 -6.20 -13.25 -27.09
N ASP B 364 -5.99 -12.84 -28.34
CA ASP B 364 -5.45 -13.72 -29.38
C ASP B 364 -3.95 -13.48 -29.40
N HIS B 365 -3.19 -14.37 -28.73
CA HIS B 365 -1.75 -14.20 -28.67
C HIS B 365 -1.11 -14.22 -30.05
N THR B 366 -1.82 -14.72 -31.06
CA THR B 366 -1.31 -14.74 -32.43
C THR B 366 -1.32 -13.35 -33.06
N LEU B 367 -2.28 -12.51 -32.70
CA LEU B 367 -2.46 -11.25 -33.41
C LEU B 367 -1.28 -10.32 -33.16
N PRO B 368 -0.81 -9.62 -34.19
CA PRO B 368 0.27 -8.64 -34.00
C PRO B 368 -0.25 -7.32 -33.47
N THR B 369 0.69 -6.42 -33.20
CA THR B 369 0.35 -5.11 -32.68
C THR B 369 -0.39 -4.29 -33.74
N PRO B 370 -1.42 -3.54 -33.38
CA PRO B 370 -2.05 -2.64 -34.36
C PRO B 370 -1.04 -1.81 -35.14
N GLU B 371 0.03 -1.37 -34.48
CA GLU B 371 1.06 -0.59 -35.13
C GLU B 371 1.69 -1.32 -36.31
N ALA B 372 1.53 -2.65 -36.39
CA ALA B 372 2.07 -3.43 -37.48
C ALA B 372 1.29 -3.23 -38.79
N ALA B 373 0.23 -2.43 -38.77
CA ALA B 373 -0.60 -2.23 -39.96
C ALA B 373 0.22 -1.94 -41.21
N GLU B 374 1.37 -1.27 -41.05
CA GLU B 374 2.15 -0.87 -42.22
C GLU B 374 2.65 -2.09 -43.00
N PHE B 375 3.11 -3.11 -42.28
CA PHE B 375 3.69 -4.28 -42.92
C PHE B 375 2.68 -5.41 -43.08
N LEU B 376 1.39 -5.06 -43.14
CA LEU B 376 0.32 -6.03 -43.27
C LEU B 376 0.30 -6.98 -42.08
N SER C 27 15.05 14.68 29.04
CA SER C 27 14.44 14.85 27.72
C SER C 27 13.52 16.06 27.70
N GLU C 28 12.83 16.29 28.82
CA GLU C 28 11.95 17.45 28.94
C GLU C 28 12.71 18.77 29.00
N THR C 29 14.04 18.73 29.13
CA THR C 29 14.84 19.95 29.09
C THR C 29 15.00 20.48 27.68
N LEU C 30 14.83 19.62 26.67
CA LEU C 30 14.94 20.02 25.27
C LEU C 30 13.61 20.54 24.74
N ASN C 31 13.67 21.64 24.00
CA ASN C 31 12.52 22.32 23.43
C ASN C 31 11.39 22.38 24.47
N PRO C 32 11.65 22.94 25.66
CA PRO C 32 10.60 23.01 26.68
C PRO C 32 9.36 23.74 26.18
N SER C 33 9.57 24.79 25.40
CA SER C 33 8.49 25.58 24.80
C SER C 33 7.59 24.74 23.90
N ALA C 34 8.10 23.64 23.37
CA ALA C 34 7.36 22.84 22.39
C ALA C 34 7.03 23.64 21.14
N ARG C 35 7.90 24.57 20.76
CA ARG C 35 7.70 25.42 19.61
C ARG C 35 8.22 24.74 18.35
N ILE C 36 7.61 25.08 17.21
CA ILE C 36 8.06 24.52 15.95
C ILE C 36 9.49 24.97 15.70
N MET C 37 10.38 24.01 15.45
CA MET C 37 11.77 24.31 15.21
C MET C 37 12.08 24.19 13.72
N THR C 38 13.08 24.96 13.28
CA THR C 38 13.54 24.95 11.90
C THR C 38 15.00 24.56 11.88
N PHE C 39 15.35 23.68 10.95
CA PHE C 39 16.70 23.15 10.85
C PHE C 39 17.29 23.49 9.48
N TYR C 40 18.57 23.81 9.47
CA TYR C 40 19.30 24.16 8.26
C TYR C 40 20.49 23.20 8.12
N PRO C 41 20.22 21.93 7.82
CA PRO C 41 21.31 20.96 7.69
C PRO C 41 22.25 21.31 6.54
N THR C 42 23.54 21.10 6.78
CA THR C 42 24.48 21.14 5.68
C THR C 42 24.28 19.90 4.81
N MET C 43 24.98 19.88 3.67
CA MET C 43 24.77 18.79 2.73
C MET C 43 25.11 17.44 3.35
N GLU C 44 26.12 17.38 4.21
CA GLU C 44 26.49 16.11 4.84
C GLU C 44 25.56 15.75 5.99
N GLU C 45 25.07 16.75 6.72
CA GLU C 45 24.07 16.49 7.76
C GLU C 45 22.75 16.04 7.13
N PHE C 46 22.44 16.57 5.96
CA PHE C 46 21.16 16.31 5.30
C PHE C 46 21.09 14.91 4.69
N ARG C 47 22.24 14.35 4.32
CA ARG C 47 22.25 13.21 3.40
C ARG C 47 21.46 12.03 3.93
N ASN C 48 21.71 11.63 5.18
CA ASN C 48 21.01 10.47 5.76
C ASN C 48 19.73 10.97 6.42
N PHE C 49 18.60 10.71 5.76
CA PHE C 49 17.32 11.24 6.22
C PHE C 49 16.94 10.69 7.59
N SER C 50 16.94 9.36 7.74
CA SER C 50 16.56 8.76 9.03
C SER C 50 17.43 9.30 10.15
N ARG C 51 18.74 9.32 9.93
CA ARG C 51 19.66 9.82 10.95
C ARG C 51 19.31 11.26 11.31
N TYR C 52 18.89 12.06 10.32
CA TYR C 52 18.58 13.45 10.59
C TYR C 52 17.25 13.60 11.32
N ILE C 53 16.27 12.76 11.02
CA ILE C 53 15.05 12.74 11.83
C ILE C 53 15.41 12.49 13.28
N ALA C 54 16.27 11.50 13.51
CA ALA C 54 16.71 11.22 14.87
C ALA C 54 17.43 12.41 15.47
N TYR C 55 18.21 13.13 14.66
CA TYR C 55 18.91 14.31 15.18
C TYR C 55 17.92 15.37 15.63
N ILE C 56 16.98 15.75 14.77
CA ILE C 56 16.05 16.81 15.14
C ILE C 56 15.20 16.38 16.31
N GLU C 57 15.00 15.08 16.49
CA GLU C 57 14.33 14.63 17.72
C GLU C 57 15.26 14.77 18.92
N SER C 58 16.56 14.60 18.73
CA SER C 58 17.50 14.87 19.82
C SER C 58 17.54 16.34 20.21
N GLN C 59 17.04 17.23 19.36
CA GLN C 59 16.91 18.65 19.71
C GLN C 59 15.51 18.99 20.21
N GLY C 60 14.63 18.00 20.38
CA GLY C 60 13.29 18.24 20.87
C GLY C 60 12.29 18.68 19.82
N ALA C 61 12.65 18.62 18.53
CA ALA C 61 11.75 19.10 17.48
C ALA C 61 10.39 18.43 17.56
N HIS C 62 10.36 17.13 17.85
CA HIS C 62 9.11 16.38 17.83
C HIS C 62 8.09 16.89 18.84
N ARG C 63 8.52 17.67 19.84
CA ARG C 63 7.57 18.12 20.86
C ARG C 63 6.55 19.10 20.29
N ALA C 64 6.95 19.87 19.28
CA ALA C 64 5.98 20.73 18.61
C ALA C 64 4.96 19.92 17.82
N GLY C 65 5.31 18.70 17.45
CA GLY C 65 4.50 17.91 16.54
C GLY C 65 4.76 18.19 15.09
N LEU C 66 5.51 19.26 14.81
CA LEU C 66 5.74 19.76 13.48
C LEU C 66 7.11 20.41 13.47
N ALA C 67 7.87 20.21 12.40
CA ALA C 67 9.19 20.80 12.31
C ALA C 67 9.47 21.15 10.86
N LYS C 68 10.30 22.15 10.65
CA LYS C 68 10.72 22.54 9.32
C LYS C 68 12.19 22.17 9.12
N VAL C 69 12.49 21.67 7.94
CA VAL C 69 13.86 21.36 7.55
C VAL C 69 14.11 22.06 6.22
N VAL C 70 15.05 23.00 6.23
CA VAL C 70 15.48 23.69 5.02
C VAL C 70 16.68 22.94 4.46
N PRO C 71 16.57 22.29 3.30
CA PRO C 71 17.70 21.55 2.77
C PRO C 71 18.74 22.51 2.21
N PRO C 72 19.98 22.09 2.10
CA PRO C 72 21.01 22.98 1.54
C PRO C 72 20.61 23.44 0.14
N LYS C 73 20.92 24.71 -0.15
CA LYS C 73 20.52 25.29 -1.43
C LYS C 73 21.02 24.46 -2.60
N GLU C 74 22.19 23.84 -2.47
CA GLU C 74 22.73 23.04 -3.57
C GLU C 74 21.80 21.88 -3.93
N TRP C 75 21.05 21.36 -2.97
CA TRP C 75 20.22 20.18 -3.20
C TRP C 75 18.95 20.55 -3.95
N LYS C 76 18.64 19.78 -5.00
CA LYS C 76 17.40 19.93 -5.75
C LYS C 76 16.84 18.54 -6.04
N PRO C 77 15.58 18.27 -5.71
CA PRO C 77 14.98 16.98 -6.11
C PRO C 77 14.71 16.88 -7.58
N ARG C 78 14.60 18.02 -8.27
CA ARG C 78 14.26 18.06 -9.69
C ARG C 78 14.92 19.29 -10.30
N ALA C 79 15.34 19.15 -11.56
CA ALA C 79 16.09 20.23 -12.20
C ALA C 79 15.17 21.41 -12.54
N SER C 80 13.95 21.13 -12.97
CA SER C 80 12.98 22.19 -13.25
C SER C 80 11.58 21.60 -13.17
N TYR C 81 10.59 22.48 -13.12
CA TYR C 81 9.18 22.10 -13.02
C TYR C 81 8.39 22.58 -14.23
N ASP C 82 9.00 22.54 -15.42
CA ASP C 82 8.32 22.94 -16.64
C ASP C 82 7.83 21.76 -17.48
N ASP C 83 7.99 20.54 -16.99
CA ASP C 83 7.55 19.35 -17.71
C ASP C 83 6.43 18.60 -17.00
N ILE C 84 5.69 19.28 -16.12
CA ILE C 84 4.65 18.64 -15.32
C ILE C 84 3.25 19.06 -15.76
N ASP C 85 3.12 19.81 -16.86
CA ASP C 85 1.80 20.21 -17.32
C ASP C 85 0.96 19.01 -17.70
N ASP C 86 1.59 17.93 -18.15
CA ASP C 86 0.87 16.73 -18.56
C ASP C 86 0.50 15.83 -17.38
N LEU C 87 1.05 16.09 -16.20
CA LEU C 87 0.65 15.33 -15.02
C LEU C 87 -0.86 15.41 -14.84
N VAL C 88 -1.48 14.27 -14.60
CA VAL C 88 -2.93 14.17 -14.50
C VAL C 88 -3.31 14.08 -13.03
N ILE C 89 -4.27 14.90 -12.63
CA ILE C 89 -4.90 14.81 -11.31
C ILE C 89 -6.14 13.96 -11.48
N PRO C 90 -6.11 12.66 -11.13
CA PRO C 90 -7.27 11.81 -11.45
C PRO C 90 -8.55 12.23 -10.74
N ALA C 91 -8.46 12.70 -9.50
CA ALA C 91 -9.64 12.92 -8.67
C ALA C 91 -9.51 14.25 -7.91
N PRO C 92 -9.50 15.36 -8.64
CA PRO C 92 -9.51 16.66 -7.95
C PRO C 92 -10.73 16.75 -7.06
N ILE C 93 -10.61 17.53 -6.00
CA ILE C 93 -11.68 17.66 -5.01
C ILE C 93 -11.99 19.13 -4.83
N GLN C 94 -13.26 19.48 -5.00
CA GLN C 94 -13.75 20.81 -4.66
C GLN C 94 -14.09 20.80 -3.19
N GLN C 95 -13.56 21.76 -2.46
CA GLN C 95 -13.65 21.76 -1.00
C GLN C 95 -14.76 22.70 -0.58
N LEU C 96 -15.94 22.14 -0.32
CA LEU C 96 -17.02 22.90 0.25
C LEU C 96 -16.83 22.96 1.76
N VAL C 97 -16.97 24.15 2.34
CA VAL C 97 -16.80 24.29 3.77
C VAL C 97 -18.08 24.90 4.33
N THR C 98 -18.55 24.32 5.43
CA THR C 98 -19.72 24.82 6.12
C THR C 98 -19.33 25.10 7.57
N GLY C 99 -19.80 26.20 8.11
CA GLY C 99 -19.55 26.48 9.51
C GLY C 99 -19.40 27.96 9.77
N GLN C 100 -19.09 28.27 11.02
CA GLN C 100 -19.01 29.64 11.48
C GLN C 100 -18.28 29.64 12.82
N SER C 101 -17.93 30.83 13.29
CA SER C 101 -17.33 30.99 14.61
C SER C 101 -16.10 30.11 14.76
N GLY C 102 -15.32 30.02 13.68
CA GLY C 102 -14.08 29.25 13.70
C GLY C 102 -14.25 27.75 13.71
N LEU C 103 -15.47 27.23 13.57
CA LEU C 103 -15.72 25.80 13.53
C LEU C 103 -16.34 25.47 12.19
N PHE C 104 -15.66 24.62 11.42
CA PHE C 104 -16.09 24.28 10.08
C PHE C 104 -15.94 22.79 9.84
N THR C 105 -16.71 22.31 8.88
CA THR C 105 -16.64 20.96 8.35
C THR C 105 -16.42 21.08 6.87
N GLN C 106 -15.42 20.35 6.37
CA GLN C 106 -15.03 20.40 4.97
C GLN C 106 -15.49 19.13 4.28
N TYR C 107 -16.06 19.29 3.09
CA TYR C 107 -16.56 18.20 2.27
C TYR C 107 -15.81 18.24 0.95
N ASN C 108 -15.06 17.18 0.68
CA ASN C 108 -14.26 17.06 -0.54
C ASN C 108 -15.09 16.36 -1.59
N ILE C 109 -15.49 17.09 -2.63
CA ILE C 109 -16.29 16.54 -3.71
C ILE C 109 -15.38 16.20 -4.88
N GLN C 110 -15.35 14.92 -5.23
CA GLN C 110 -14.57 14.48 -6.38
C GLN C 110 -15.06 15.15 -7.65
N LYS C 111 -14.14 15.72 -8.41
CA LYS C 111 -14.47 16.35 -9.68
C LYS C 111 -13.81 15.61 -10.82
N LYS C 112 -14.11 16.08 -12.03
CA LYS C 112 -13.59 15.46 -13.24
C LYS C 112 -12.08 15.61 -13.32
N ALA C 113 -11.40 14.55 -13.75
CA ALA C 113 -9.95 14.56 -13.85
C ALA C 113 -9.48 15.72 -14.71
N MET C 114 -8.31 16.24 -14.37
CA MET C 114 -7.74 17.36 -15.10
C MET C 114 -6.22 17.29 -15.03
N THR C 115 -5.56 18.03 -15.92
CA THR C 115 -4.11 18.11 -15.96
C THR C 115 -3.62 19.27 -15.10
N VAL C 116 -2.36 19.16 -14.66
CA VAL C 116 -1.75 20.26 -13.90
C VAL C 116 -1.87 21.56 -14.67
N ARG C 117 -1.77 21.52 -16.00
CA ARG C 117 -1.93 22.74 -16.78
C ARG C 117 -3.32 23.33 -16.59
N GLU C 118 -4.34 22.49 -16.73
CA GLU C 118 -5.71 22.93 -16.49
C GLU C 118 -5.85 23.44 -15.06
N PHE C 119 -5.29 22.70 -14.09
CA PHE C 119 -5.42 23.10 -12.69
C PHE C 119 -4.76 24.44 -12.46
N ARG C 120 -3.57 24.65 -13.03
CA ARG C 120 -2.87 25.92 -12.89
C ARG C 120 -3.68 27.05 -13.50
N LYS C 121 -4.31 26.79 -14.65
CA LYS C 121 -5.12 27.83 -15.27
C LYS C 121 -6.27 28.26 -14.37
N ILE C 122 -6.95 27.28 -13.74
CA ILE C 122 -8.00 27.64 -12.79
C ILE C 122 -7.40 28.35 -11.58
N ALA C 123 -6.39 27.73 -10.96
CA ALA C 123 -5.80 28.26 -9.74
C ALA C 123 -5.39 29.71 -9.90
N ASN C 124 -4.77 30.05 -11.02
CA ASN C 124 -4.30 31.41 -11.26
C ASN C 124 -5.38 32.33 -11.79
N SER C 125 -6.56 31.81 -12.12
CA SER C 125 -7.62 32.63 -12.69
C SER C 125 -8.14 33.62 -11.65
N ASP C 126 -8.82 34.67 -12.15
CA ASP C 126 -9.36 35.69 -11.27
C ASP C 126 -10.27 35.09 -10.21
N LYS C 127 -11.05 34.09 -10.58
CA LYS C 127 -12.06 33.56 -9.67
C LYS C 127 -11.43 32.92 -8.43
N TYR C 128 -10.29 32.26 -8.62
CA TYR C 128 -9.70 31.44 -7.57
C TYR C 128 -8.35 31.91 -7.07
N CYS C 129 -7.76 32.93 -7.66
CA CYS C 129 -6.37 33.27 -7.35
C CYS C 129 -6.26 33.90 -5.97
N THR C 130 -5.03 33.92 -5.47
CA THR C 130 -4.74 34.47 -4.14
C THR C 130 -5.16 35.94 -4.08
N PRO C 131 -5.78 36.38 -2.99
CA PRO C 131 -6.08 37.81 -2.83
C PRO C 131 -4.81 38.62 -2.61
N ARG C 132 -4.97 39.93 -2.73
CA ARG C 132 -3.88 40.86 -2.44
C ARG C 132 -3.63 40.90 -0.94
N TYR C 133 -2.35 40.86 -0.54
CA TYR C 133 -2.02 40.95 0.86
C TYR C 133 -0.58 41.37 1.03
N SER C 134 -0.31 42.07 2.13
CA SER C 134 1.03 42.50 2.50
C SER C 134 1.64 41.64 3.61
N GLU C 135 0.94 41.50 4.73
CA GLU C 135 1.40 40.72 5.86
C GLU C 135 0.73 39.35 5.85
N PHE C 136 1.46 38.33 6.32
CA PHE C 136 0.89 36.99 6.37
C PHE C 136 -0.40 36.99 7.17
N GLU C 137 -0.40 37.62 8.35
CA GLU C 137 -1.59 37.62 9.19
C GLU C 137 -2.80 38.13 8.44
N GLU C 138 -2.61 39.03 7.48
CA GLU C 138 -3.72 39.48 6.65
C GLU C 138 -4.26 38.33 5.81
N LEU C 139 -3.38 37.55 5.19
CA LEU C 139 -3.83 36.46 4.34
C LEU C 139 -4.48 35.36 5.18
N GLU C 140 -3.96 35.13 6.38
CA GLU C 140 -4.59 34.21 7.32
C GLU C 140 -6.00 34.68 7.67
N ARG C 141 -6.13 35.97 7.99
CA ARG C 141 -7.44 36.55 8.28
C ARG C 141 -8.40 36.33 7.11
N LYS C 142 -7.93 36.59 5.89
CA LYS C 142 -8.77 36.40 4.72
C LYS C 142 -9.15 34.96 4.55
N TYR C 143 -8.22 34.04 4.82
CA TYR C 143 -8.54 32.62 4.72
C TYR C 143 -9.66 32.26 5.67
N TRP C 144 -9.52 32.59 6.95
CA TRP C 144 -10.56 32.23 7.91
C TRP C 144 -11.85 32.99 7.68
N LYS C 145 -11.81 34.13 6.98
CA LYS C 145 -13.03 34.86 6.67
C LYS C 145 -13.77 34.28 5.47
N ASN C 146 -13.05 33.87 4.44
CA ASN C 146 -13.64 33.49 3.16
C ASN C 146 -13.65 31.98 2.95
N LEU C 147 -13.25 31.21 3.96
CA LEU C 147 -13.18 29.76 3.88
C LEU C 147 -14.41 29.12 3.25
N THR C 148 -15.60 29.61 3.59
CA THR C 148 -16.84 29.01 3.12
C THR C 148 -17.29 29.48 1.74
N PHE C 149 -16.62 30.46 1.14
CA PHE C 149 -17.06 31.04 -0.12
C PHE C 149 -16.13 30.59 -1.25
N ASN C 150 -16.69 30.59 -2.47
CA ASN C 150 -15.97 30.24 -3.69
C ASN C 150 -15.13 28.99 -3.48
N PRO C 151 -15.76 27.83 -3.27
CA PRO C 151 -15.02 26.62 -2.90
C PRO C 151 -13.95 26.28 -3.92
N PRO C 152 -12.69 26.14 -3.49
CA PRO C 152 -11.59 25.91 -4.44
C PRO C 152 -11.50 24.43 -4.82
N ILE C 153 -10.58 24.15 -5.73
CA ILE C 153 -10.26 22.79 -6.15
C ILE C 153 -8.88 22.46 -5.59
N TYR C 154 -8.77 21.29 -4.96
CA TYR C 154 -7.49 20.78 -4.48
C TYR C 154 -7.12 19.59 -5.34
N GLY C 155 -5.98 19.67 -6.00
CA GLY C 155 -5.45 18.52 -6.71
C GLY C 155 -4.69 17.64 -5.75
N ALA C 156 -5.42 16.94 -4.89
CA ALA C 156 -4.83 16.23 -3.75
C ALA C 156 -4.76 14.73 -4.02
N ASP C 157 -3.85 14.08 -3.29
CA ASP C 157 -3.73 12.63 -3.26
C ASP C 157 -3.43 12.02 -4.63
N VAL C 158 -2.59 12.71 -5.40
CA VAL C 158 -2.14 12.17 -6.67
C VAL C 158 -0.99 11.21 -6.40
N ASN C 159 -1.16 9.95 -6.78
CA ASN C 159 -0.04 9.02 -6.74
C ASN C 159 1.03 9.51 -7.70
N GLY C 160 2.20 9.79 -7.17
CA GLY C 160 3.24 10.35 -8.01
C GLY C 160 4.35 10.97 -7.20
N THR C 161 5.39 11.35 -7.93
CA THR C 161 6.51 12.07 -7.36
C THR C 161 7.02 13.02 -8.40
N LEU C 162 7.57 14.14 -7.96
CA LEU C 162 8.30 15.04 -8.84
C LEU C 162 9.81 14.90 -8.67
N TYR C 163 10.25 13.99 -7.80
CA TYR C 163 11.67 13.71 -7.66
C TYR C 163 12.20 13.03 -8.93
N GLU C 164 13.44 13.32 -9.25
CA GLU C 164 14.14 12.60 -10.31
C GLU C 164 14.72 11.31 -9.75
N LYS C 165 14.90 10.32 -10.63
CA LYS C 165 15.25 8.97 -10.19
C LYS C 165 16.56 8.96 -9.40
N HIS C 166 17.52 9.81 -9.78
CA HIS C 166 18.86 9.74 -9.21
C HIS C 166 18.97 10.35 -7.81
N VAL C 167 17.95 11.06 -7.35
CA VAL C 167 18.04 11.78 -6.07
C VAL C 167 17.89 10.76 -4.95
N ASP C 168 18.95 10.57 -4.17
CA ASP C 168 18.95 9.59 -3.10
C ASP C 168 18.74 10.18 -1.71
N GLU C 169 18.71 11.50 -1.58
CA GLU C 169 18.54 12.14 -0.27
C GLU C 169 17.10 12.62 -0.12
N TRP C 170 16.48 12.22 0.99
CA TRP C 170 15.14 12.69 1.33
C TRP C 170 14.16 12.44 0.19
N ASN C 171 14.30 11.27 -0.44
CA ASN C 171 13.42 10.89 -1.53
C ASN C 171 12.12 10.37 -0.94
N ILE C 172 11.08 11.20 -0.99
CA ILE C 172 9.80 10.84 -0.41
C ILE C 172 9.26 9.56 -1.04
N GLY C 173 9.62 9.29 -2.29
CA GLY C 173 9.21 8.06 -2.93
C GLY C 173 9.82 6.81 -2.31
N ARG C 174 10.99 6.94 -1.70
CA ARG C 174 11.70 5.77 -1.14
C ARG C 174 12.59 6.20 0.02
N LEU C 175 11.96 6.51 1.16
CA LEU C 175 12.71 6.90 2.34
C LEU C 175 13.37 5.71 3.05
N ARG C 176 12.87 4.50 2.84
CA ARG C 176 13.49 3.28 3.39
C ARG C 176 13.52 3.30 4.92
N THR C 177 12.42 3.71 5.54
CA THR C 177 12.28 3.61 6.98
C THR C 177 11.68 2.26 7.36
N ILE C 178 11.66 1.97 8.67
CA ILE C 178 11.09 0.70 9.11
C ILE C 178 9.64 0.57 8.68
N LEU C 179 8.99 1.67 8.30
CA LEU C 179 7.63 1.59 7.79
C LEU C 179 7.54 0.69 6.56
N ASP C 180 8.65 0.46 5.86
CA ASP C 180 8.63 -0.44 4.71
C ASP C 180 8.27 -1.87 5.11
N LEU C 181 8.36 -2.20 6.41
CA LEU C 181 8.05 -3.55 6.87
C LEU C 181 6.58 -3.92 6.78
N VAL C 182 5.69 -2.96 6.52
CA VAL C 182 4.26 -3.27 6.48
C VAL C 182 4.02 -4.41 5.52
N GLU C 183 3.28 -5.43 5.97
CA GLU C 183 3.04 -6.64 5.17
C GLU C 183 1.58 -6.73 4.75
N GLY C 192 -1.09 2.61 -0.33
CA GLY C 192 0.28 2.58 0.17
C GLY C 192 0.63 3.78 1.04
N VAL C 193 0.81 3.54 2.34
CA VAL C 193 1.19 4.62 3.25
C VAL C 193 2.58 5.14 2.94
N ASN C 194 3.48 4.28 2.45
CA ASN C 194 4.87 4.68 2.23
C ASN C 194 5.13 5.07 0.77
N THR C 195 4.08 5.26 -0.03
CA THR C 195 4.26 5.71 -1.40
C THR C 195 4.10 7.23 -1.48
N PRO C 196 4.59 7.86 -2.54
CA PRO C 196 4.55 9.33 -2.61
C PRO C 196 3.23 9.84 -3.16
N TYR C 197 2.80 10.99 -2.64
CA TYR C 197 1.57 11.63 -3.08
C TYR C 197 1.82 13.09 -3.40
N LEU C 198 1.28 13.54 -4.52
CA LEU C 198 1.41 14.92 -4.95
C LEU C 198 0.14 15.70 -4.61
N TYR C 199 0.32 16.96 -4.24
CA TYR C 199 -0.75 17.85 -3.80
C TYR C 199 -0.64 19.14 -4.58
N PHE C 200 -1.58 19.39 -5.45
CA PHE C 200 -1.60 20.61 -6.24
C PHE C 200 -2.61 21.53 -5.58
N GLY C 201 -2.11 22.50 -4.85
CA GLY C 201 -2.96 23.41 -4.14
C GLY C 201 -3.24 24.66 -4.92
N MET C 202 -4.33 25.31 -4.56
CA MET C 202 -4.62 26.67 -4.96
C MET C 202 -5.02 27.44 -3.72
N TRP C 203 -5.29 28.73 -3.88
CA TRP C 203 -5.55 29.59 -2.74
C TRP C 203 -6.69 29.03 -1.88
N LYS C 204 -6.43 29.00 -0.57
CA LYS C 204 -7.36 28.57 0.49
C LYS C 204 -7.89 27.15 0.26
N THR C 205 -7.10 26.31 -0.39
CA THR C 205 -7.24 24.87 -0.22
C THR C 205 -6.72 24.49 1.15
N SER C 206 -7.44 23.61 1.84
CA SER C 206 -7.19 23.35 3.25
C SER C 206 -6.96 21.88 3.51
N PHE C 207 -6.18 21.59 4.55
CA PHE C 207 -6.20 20.27 5.17
C PHE C 207 -6.67 20.42 6.61
N ALA C 208 -7.65 19.59 6.98
CA ALA C 208 -8.31 19.67 8.27
C ALA C 208 -7.37 19.18 9.38
N TRP C 209 -7.78 19.47 10.61
CA TRP C 209 -7.04 18.99 11.77
C TRP C 209 -6.98 17.48 11.76
N HIS C 210 -5.79 16.94 11.95
CA HIS C 210 -5.65 15.49 12.02
C HIS C 210 -4.24 15.16 12.48
N THR C 211 -4.09 13.93 12.95
CA THR C 211 -2.81 13.26 12.99
C THR C 211 -2.70 12.37 11.76
N GLU C 212 -1.50 11.82 11.54
CA GLU C 212 -1.35 10.89 10.44
C GLU C 212 -2.09 9.59 10.73
N ASP C 213 -2.40 8.87 9.66
CA ASP C 213 -2.94 7.53 9.82
C ASP C 213 -1.96 6.70 10.64
N MET C 214 -2.50 5.92 11.58
CA MET C 214 -1.71 5.12 12.52
C MET C 214 -0.76 5.98 13.35
N ASP C 215 -1.03 7.28 13.45
CA ASP C 215 -0.17 8.22 14.19
C ASP C 215 1.28 8.14 13.70
N LEU C 216 1.44 8.01 12.39
CA LEU C 216 2.74 7.90 11.77
C LEU C 216 3.42 9.26 11.65
N TYR C 217 4.67 9.24 11.17
CA TYR C 217 5.33 10.46 10.75
C TYR C 217 4.84 10.88 9.38
N SER C 218 4.95 12.16 9.11
CA SER C 218 4.67 12.73 7.80
C SER C 218 5.90 13.50 7.34
N ILE C 219 6.19 13.41 6.05
CA ILE C 219 7.13 14.29 5.39
C ILE C 219 6.41 14.95 4.24
N ASN C 220 6.59 16.26 4.12
CA ASN C 220 5.91 17.10 3.13
C ASN C 220 6.95 18.04 2.55
N TYR C 221 7.15 18.00 1.25
CA TYR C 221 8.11 18.86 0.58
C TYR C 221 7.37 19.79 -0.36
N LEU C 222 7.68 21.07 -0.30
CA LEU C 222 7.01 22.03 -1.19
C LEU C 222 7.91 22.24 -2.41
N HIS C 223 7.54 21.60 -3.51
CA HIS C 223 8.34 21.65 -4.73
C HIS C 223 8.43 23.06 -5.28
N PHE C 224 7.29 23.72 -5.47
CA PHE C 224 7.27 25.03 -6.09
C PHE C 224 5.97 25.72 -5.70
N GLY C 225 5.89 27.00 -6.05
CA GLY C 225 4.67 27.74 -5.93
C GLY C 225 4.55 28.48 -4.62
N GLU C 226 3.32 28.86 -4.31
CA GLU C 226 3.05 29.69 -3.15
C GLU C 226 3.15 28.87 -1.87
N PRO C 227 3.21 29.54 -0.72
CA PRO C 227 3.44 28.82 0.54
C PRO C 227 2.24 28.00 0.98
N LYS C 228 2.52 27.14 1.96
CA LYS C 228 1.52 26.38 2.68
C LYS C 228 1.64 26.73 4.15
N SER C 229 0.58 27.25 4.75
CA SER C 229 0.61 27.59 6.17
C SER C 229 0.07 26.43 6.99
N TRP C 230 0.74 26.19 8.11
CA TRP C 230 0.52 25.06 8.99
C TRP C 230 0.19 25.55 10.40
N TYR C 231 -0.74 24.85 11.01
CA TYR C 231 -1.04 24.91 12.43
C TYR C 231 -0.71 23.55 13.02
N SER C 232 -0.20 23.55 14.24
CA SER C 232 0.16 22.29 14.88
C SER C 232 -0.08 22.41 16.36
N VAL C 233 -0.52 21.31 16.95
CA VAL C 233 -0.71 21.18 18.40
C VAL C 233 0.33 20.18 18.89
N PRO C 234 1.11 20.51 19.91
CA PRO C 234 2.10 19.56 20.44
C PRO C 234 1.45 18.23 20.77
N PRO C 235 2.09 17.11 20.41
CA PRO C 235 1.55 15.81 20.84
C PRO C 235 1.17 15.78 22.31
N GLU C 236 1.98 16.41 23.17
CA GLU C 236 1.68 16.45 24.60
C GLU C 236 0.25 16.94 24.86
N HIS C 237 -0.25 17.83 24.02
CA HIS C 237 -1.55 18.44 24.21
C HIS C 237 -2.57 17.95 23.19
N GLY C 238 -2.24 16.93 22.39
CA GLY C 238 -3.19 16.44 21.41
C GLY C 238 -4.53 16.09 22.01
N LYS C 239 -4.51 15.35 23.12
CA LYS C 239 -5.76 14.99 23.80
C LYS C 239 -6.63 16.20 24.01
N ARG C 240 -6.05 17.30 24.47
CA ARG C 240 -6.85 18.50 24.72
C ARG C 240 -7.59 18.90 23.45
N LEU C 241 -6.87 19.00 22.33
CA LEU C 241 -7.53 19.29 21.07
C LEU C 241 -8.69 18.33 20.85
N GLU C 242 -8.43 17.03 20.99
CA GLU C 242 -9.49 16.06 20.81
C GLU C 242 -10.68 16.39 21.70
N ARG C 243 -10.42 16.64 22.98
CA ARG C 243 -11.51 17.00 23.86
C ARG C 243 -12.28 18.17 23.27
N LEU C 244 -11.57 19.24 22.94
CA LEU C 244 -12.24 20.39 22.35
C LEU C 244 -13.04 19.97 21.14
N ALA C 245 -12.42 19.21 20.24
CA ALA C 245 -13.12 18.80 19.03
C ALA C 245 -14.40 18.04 19.40
N LYS C 246 -14.28 17.08 20.32
CA LYS C 246 -15.46 16.30 20.70
C LYS C 246 -16.55 17.20 21.25
N GLY C 247 -16.16 18.27 21.94
CA GLY C 247 -17.16 19.18 22.49
C GLY C 247 -17.90 19.93 21.41
N PHE C 248 -17.22 20.26 20.31
CA PHE C 248 -17.84 21.07 19.27
C PHE C 248 -18.62 20.25 18.26
N PHE C 249 -18.23 18.99 18.05
CA PHE C 249 -18.93 18.08 17.14
C PHE C 249 -19.36 16.82 17.89
N PRO C 250 -20.22 16.96 18.90
CA PRO C 250 -20.65 15.77 19.66
C PRO C 250 -21.29 14.69 18.81
N GLY C 251 -22.04 15.06 17.77
CA GLY C 251 -22.63 14.04 16.91
C GLY C 251 -21.57 13.21 16.20
N SER C 252 -20.61 13.89 15.58
CA SER C 252 -19.52 13.19 14.90
C SER C 252 -18.76 12.30 15.88
N ALA C 253 -18.51 12.79 17.09
CA ALA C 253 -17.78 12.00 18.08
C ALA C 253 -18.58 10.78 18.50
N GLN C 254 -19.90 10.93 18.67
CA GLN C 254 -20.73 9.78 19.00
C GLN C 254 -20.70 8.75 17.88
N SER C 255 -20.73 9.21 16.63
CA SER C 255 -20.67 8.30 15.49
C SER C 255 -19.29 7.70 15.28
N CYS C 256 -18.24 8.29 15.85
CA CYS C 256 -16.88 7.81 15.63
C CYS C 256 -15.98 8.43 16.68
N GLU C 257 -15.33 7.59 17.49
CA GLU C 257 -14.37 8.10 18.47
C GLU C 257 -13.31 8.96 17.77
N ALA C 258 -12.70 8.42 16.72
CA ALA C 258 -11.63 9.09 15.99
C ALA C 258 -12.16 9.87 14.80
N PHE C 259 -13.20 10.68 15.01
CA PHE C 259 -13.83 11.35 13.88
C PHE C 259 -12.89 12.35 13.20
N LEU C 260 -11.92 12.90 13.93
CA LEU C 260 -10.95 13.77 13.30
C LEU C 260 -10.22 13.07 12.17
N ARG C 261 -10.11 11.73 12.23
CA ARG C 261 -9.43 11.01 11.16
C ARG C 261 -10.16 11.10 9.83
N HIS C 262 -11.41 11.56 9.81
CA HIS C 262 -12.07 11.81 8.54
C HIS C 262 -11.45 12.99 7.80
N LYS C 263 -10.68 13.81 8.49
CA LYS C 263 -10.01 14.97 7.88
C LYS C 263 -11.04 15.94 7.30
N MET C 264 -12.15 16.12 8.01
CA MET C 264 -13.18 17.07 7.61
C MET C 264 -13.31 18.24 8.57
N THR C 265 -12.56 18.25 9.67
CA THR C 265 -12.80 19.16 10.78
C THR C 265 -11.81 20.31 10.73
N LEU C 266 -12.32 21.52 10.51
CA LEU C 266 -11.52 22.73 10.51
C LEU C 266 -11.82 23.52 11.77
N ILE C 267 -10.77 23.93 12.48
CA ILE C 267 -10.88 24.71 13.70
C ILE C 267 -9.89 25.85 13.59
N SER C 268 -10.38 27.08 13.66
CA SER C 268 -9.49 28.21 13.48
C SER C 268 -8.56 28.37 14.69
N PRO C 269 -7.38 28.94 14.47
CA PRO C 269 -6.47 29.18 15.61
C PRO C 269 -7.06 30.08 16.67
N LEU C 270 -7.87 31.07 16.29
CA LEU C 270 -8.53 31.91 17.29
C LEU C 270 -9.36 31.07 18.24
N MET C 271 -10.01 30.04 17.71
CA MET C 271 -10.82 29.15 18.53
C MET C 271 -9.96 28.33 19.48
N LEU C 272 -8.79 27.89 19.01
CA LEU C 272 -7.86 27.16 19.87
C LEU C 272 -7.32 28.05 20.98
N LYS C 273 -7.01 29.30 20.63
CA LYS C 273 -6.52 30.26 21.62
C LYS C 273 -7.59 30.59 22.64
N LYS C 274 -8.84 30.69 22.19
CA LYS C 274 -9.95 30.98 23.08
C LYS C 274 -10.08 29.93 24.17
N TYR C 275 -9.74 28.67 23.87
CA TYR C 275 -9.87 27.59 24.84
C TYR C 275 -8.52 27.12 25.34
N GLY C 276 -7.49 27.96 25.20
CA GLY C 276 -6.22 27.72 25.86
C GLY C 276 -5.49 26.49 25.36
N ILE C 277 -5.72 26.10 24.12
CA ILE C 277 -5.05 24.93 23.55
C ILE C 277 -3.73 25.40 22.97
N PRO C 278 -2.59 24.92 23.47
CA PRO C 278 -1.31 25.36 22.91
C PRO C 278 -1.21 24.91 21.46
N PHE C 279 -0.85 25.85 20.60
CA PHE C 279 -0.61 25.53 19.21
C PHE C 279 0.46 26.47 18.71
N ASP C 280 1.02 26.13 17.57
CA ASP C 280 2.01 26.95 16.91
C ASP C 280 1.63 26.99 15.44
N LYS C 281 2.14 27.98 14.74
CA LYS C 281 1.95 28.03 13.30
C LYS C 281 3.29 28.27 12.64
N VAL C 282 3.36 27.87 11.38
CA VAL C 282 4.57 28.04 10.58
C VAL C 282 4.15 28.04 9.13
N THR C 283 4.77 28.92 8.34
CA THR C 283 4.51 28.93 6.91
C THR C 283 5.68 28.24 6.20
N GLN C 284 5.33 27.28 5.37
CA GLN C 284 6.26 26.50 4.57
C GLN C 284 6.37 27.13 3.20
N GLU C 285 7.59 27.38 2.75
CA GLU C 285 7.84 28.00 1.45
C GLU C 285 8.50 26.98 0.53
N ALA C 286 8.52 27.32 -0.75
CA ALA C 286 9.05 26.41 -1.76
C ALA C 286 10.47 25.99 -1.40
N GLY C 287 10.76 24.71 -1.60
CA GLY C 287 12.06 24.16 -1.28
C GLY C 287 12.21 23.70 0.15
N GLU C 288 11.13 23.69 0.93
CA GLU C 288 11.21 23.39 2.35
C GLU C 288 10.44 22.13 2.69
N PHE C 289 10.97 21.42 3.68
CA PHE C 289 10.38 20.20 4.22
C PHE C 289 9.64 20.52 5.50
N MET C 290 8.45 19.98 5.63
CA MET C 290 7.75 19.90 6.90
C MET C 290 7.70 18.45 7.33
N ILE C 291 7.92 18.24 8.62
CA ILE C 291 7.89 16.92 9.24
C ILE C 291 6.81 16.96 10.30
N THR C 292 5.81 16.11 10.19
CA THR C 292 4.86 15.96 11.29
C THR C 292 5.22 14.71 12.06
N PHE C 293 5.15 14.81 13.37
CA PHE C 293 5.60 13.73 14.23
C PHE C 293 4.41 12.93 14.75
N PRO C 294 4.65 11.70 15.20
CA PRO C 294 3.57 10.87 15.74
C PRO C 294 2.65 11.62 16.69
N TYR C 295 1.35 11.55 16.39
CA TYR C 295 0.32 12.17 17.21
C TYR C 295 0.44 13.69 17.24
N GLY C 296 1.03 14.27 16.20
CA GLY C 296 1.01 15.70 16.04
C GLY C 296 -0.22 16.12 15.26
N TYR C 297 -1.15 16.81 15.91
CA TYR C 297 -2.30 17.34 15.19
C TYR C 297 -1.85 18.55 14.41
N HIS C 298 -2.23 18.61 13.13
CA HIS C 298 -1.88 19.75 12.33
C HIS C 298 -3.00 20.00 11.33
N ALA C 299 -2.99 21.20 10.78
CA ALA C 299 -3.98 21.64 9.81
C ALA C 299 -3.34 22.76 9.03
N GLY C 300 -4.00 23.24 7.99
CA GLY C 300 -3.47 24.39 7.30
C GLY C 300 -4.14 24.62 5.97
N PHE C 301 -3.52 25.50 5.19
CA PHE C 301 -4.11 25.96 3.95
C PHE C 301 -3.01 26.44 3.02
N ASN C 302 -3.26 26.35 1.72
CA ASN C 302 -2.30 26.80 0.72
C ASN C 302 -2.58 28.25 0.34
N HIS C 303 -1.51 29.02 0.18
CA HIS C 303 -1.63 30.44 -0.18
C HIS C 303 -2.00 30.65 -1.62
N GLY C 304 -1.73 29.67 -2.47
CA GLY C 304 -2.02 29.80 -3.88
C GLY C 304 -1.56 28.56 -4.59
N PHE C 305 -1.41 28.68 -5.90
CA PHE C 305 -1.02 27.53 -6.70
C PHE C 305 0.33 27.00 -6.23
N ASN C 306 0.37 25.72 -5.85
CA ASN C 306 1.63 25.10 -5.45
C ASN C 306 1.55 23.60 -5.67
N CYS C 307 2.70 22.94 -5.57
CA CYS C 307 2.76 21.50 -5.56
C CYS C 307 3.62 21.04 -4.39
N ALA C 308 3.07 20.14 -3.59
CA ALA C 308 3.76 19.52 -2.49
C ALA C 308 3.78 18.01 -2.72
N GLU C 309 4.73 17.34 -2.10
CA GLU C 309 4.86 15.89 -2.20
C GLU C 309 5.04 15.36 -0.79
N SER C 310 4.24 14.36 -0.41
CA SER C 310 4.33 13.89 0.95
C SER C 310 4.14 12.38 1.00
N THR C 311 4.63 11.82 2.09
CA THR C 311 4.44 10.42 2.39
C THR C 311 4.49 10.27 3.91
N ASN C 312 4.13 9.09 4.37
CA ASN C 312 4.29 8.77 5.78
C ASN C 312 5.56 7.96 5.97
N PHE C 313 6.13 8.06 7.16
CA PHE C 313 7.30 7.26 7.46
C PHE C 313 7.28 6.96 8.95
N ALA C 314 8.25 6.17 9.40
CA ALA C 314 8.28 5.75 10.77
C ALA C 314 9.71 5.75 11.30
N THR C 315 9.79 5.78 12.62
CA THR C 315 10.99 5.48 13.37
C THR C 315 10.60 4.46 14.42
N ARG C 316 11.59 3.94 15.15
CA ARG C 316 11.24 2.96 16.17
C ARG C 316 10.29 3.56 17.20
N ARG C 317 10.45 4.85 17.51
CA ARG C 317 9.53 5.51 18.43
C ARG C 317 8.08 5.34 18.00
N TRP C 318 7.82 5.29 16.68
CA TRP C 318 6.45 5.24 16.22
C TRP C 318 5.74 3.98 16.65
N ILE C 319 6.47 2.89 16.87
CA ILE C 319 5.80 1.60 17.03
C ILE C 319 4.78 1.69 18.16
N GLU C 320 5.18 2.19 19.32
CA GLU C 320 4.25 2.34 20.43
C GLU C 320 3.04 3.18 20.00
N TYR C 321 3.30 4.33 19.37
CA TYR C 321 2.20 5.12 18.82
C TYR C 321 1.29 4.25 17.96
N GLY C 322 1.88 3.53 17.00
CA GLY C 322 1.08 2.68 16.15
C GLY C 322 0.23 1.70 16.95
N LYS C 323 0.82 1.13 18.01
CA LYS C 323 0.08 0.18 18.83
C LYS C 323 -1.10 0.84 19.55
N GLN C 324 -0.97 2.11 19.89
CA GLN C 324 -1.95 2.79 20.73
C GLN C 324 -2.84 3.76 19.98
N ALA C 325 -2.67 3.88 18.66
CA ALA C 325 -3.42 4.87 17.90
C ALA C 325 -4.91 4.54 17.93
N VAL C 326 -5.74 5.53 18.21
CA VAL C 326 -7.18 5.35 18.19
C VAL C 326 -7.67 5.52 16.76
N LEU C 327 -8.23 4.45 16.21
CA LEU C 327 -8.53 4.39 14.79
C LEU C 327 -10.00 4.69 14.53
N CYS C 328 -10.29 5.04 13.28
CA CYS C 328 -11.65 5.30 12.84
C CYS C 328 -12.46 4.01 12.83
N SER C 329 -13.52 3.96 13.63
CA SER C 329 -14.31 2.74 13.73
C SER C 329 -15.27 2.57 12.55
N CYS C 330 -15.81 3.68 12.03
CA CYS C 330 -17.03 3.62 11.24
C CYS C 330 -16.83 3.25 9.78
N ARG C 331 -15.60 3.15 9.26
CA ARG C 331 -15.39 2.83 7.85
C ARG C 331 -14.49 1.61 7.68
N LYS C 332 -14.93 0.69 6.81
CA LYS C 332 -14.18 -0.53 6.55
C LYS C 332 -12.89 -0.27 5.78
N ASP C 333 -12.79 0.85 5.05
CA ASP C 333 -11.63 1.13 4.23
C ASP C 333 -10.72 2.18 4.86
N MET C 334 -10.77 2.34 6.18
CA MET C 334 -9.83 3.22 6.85
C MET C 334 -8.43 2.62 6.77
N VAL C 335 -7.42 3.47 6.99
CA VAL C 335 -6.04 3.01 6.95
C VAL C 335 -5.70 2.39 8.30
N LYS C 336 -5.52 1.07 8.29
CA LYS C 336 -5.18 0.31 9.49
C LYS C 336 -3.98 -0.56 9.16
N ILE C 337 -2.88 -0.36 9.86
CA ILE C 337 -1.68 -1.17 9.69
C ILE C 337 -1.62 -2.16 10.82
N SER C 338 -1.39 -3.43 10.49
CA SER C 338 -1.15 -4.41 11.52
C SER C 338 0.19 -4.13 12.17
N MET C 339 0.18 -3.94 13.48
CA MET C 339 1.41 -3.66 14.22
C MET C 339 2.18 -4.93 14.56
N ASP C 340 1.63 -6.09 14.24
CA ASP C 340 2.19 -7.36 14.68
C ASP C 340 3.66 -7.49 14.28
N VAL C 341 3.97 -7.29 13.00
CA VAL C 341 5.33 -7.47 12.52
C VAL C 341 6.29 -6.55 13.29
N PHE C 342 5.83 -5.34 13.61
CA PHE C 342 6.66 -4.40 14.34
C PHE C 342 6.88 -4.84 15.79
N VAL C 343 5.86 -5.40 16.43
CA VAL C 343 6.02 -5.85 17.80
C VAL C 343 6.96 -7.05 17.85
N ARG C 344 6.79 -8.00 16.95
CA ARG C 344 7.72 -9.13 16.88
C ARG C 344 9.15 -8.64 16.73
N LYS C 345 9.38 -7.82 15.71
CA LYS C 345 10.75 -7.52 15.33
C LYS C 345 11.43 -6.60 16.34
N PHE C 346 10.69 -5.63 16.90
CA PHE C 346 11.31 -4.61 17.73
C PHE C 346 10.96 -4.71 19.20
N GLN C 347 9.90 -5.43 19.56
CA GLN C 347 9.58 -5.68 20.96
C GLN C 347 9.25 -7.16 21.16
N PRO C 348 10.15 -8.05 20.74
CA PRO C 348 9.87 -9.49 20.91
C PRO C 348 9.52 -9.82 22.34
N GLU C 349 10.28 -9.26 23.29
CA GLU C 349 10.06 -9.54 24.71
C GLU C 349 8.64 -9.21 25.14
N ARG C 350 7.97 -8.29 24.45
CA ARG C 350 6.62 -7.88 24.81
C ARG C 350 5.56 -8.49 23.92
N TYR C 351 5.93 -9.23 22.87
CA TYR C 351 4.95 -9.69 21.91
C TYR C 351 3.78 -10.36 22.61
N LYS C 352 4.06 -11.42 23.37
CA LYS C 352 3.03 -12.12 24.12
C LYS C 352 2.17 -11.13 24.88
N LEU C 353 2.80 -10.31 25.73
CA LEU C 353 2.06 -9.36 26.56
C LEU C 353 1.18 -8.48 25.69
N TRP C 354 1.71 -7.99 24.58
CA TRP C 354 0.92 -7.11 23.72
C TRP C 354 -0.24 -7.85 23.10
N LYS C 355 -0.01 -9.10 22.69
CA LYS C 355 -1.07 -9.87 22.04
C LYS C 355 -2.19 -10.21 23.02
N ALA C 356 -1.86 -10.32 24.31
CA ALA C 356 -2.82 -10.54 25.36
C ALA C 356 -3.52 -9.27 25.81
N GLY C 357 -3.33 -8.15 25.10
CA GLY C 357 -3.94 -6.90 25.49
C GLY C 357 -3.45 -6.33 26.80
N LYS C 358 -2.27 -6.74 27.26
CA LYS C 358 -1.76 -6.34 28.57
C LYS C 358 -0.48 -5.52 28.48
N ASP C 359 -0.11 -5.03 27.30
CA ASP C 359 1.05 -4.15 27.14
C ASP C 359 0.58 -2.72 27.32
N ASN C 360 0.48 -2.30 28.58
CA ASN C 360 0.00 -0.97 28.94
C ASN C 360 1.16 0.00 29.13
N THR C 361 2.04 0.05 28.14
CA THR C 361 3.08 1.06 28.11
C THR C 361 2.46 2.43 27.93
N VAL C 362 2.99 3.40 28.66
CA VAL C 362 2.53 4.79 28.55
C VAL C 362 3.54 5.54 27.71
N ILE C 363 3.05 6.24 26.69
CA ILE C 363 3.93 6.99 25.79
C ILE C 363 4.34 8.29 26.44
N ASP C 364 5.64 8.57 26.41
CA ASP C 364 6.19 9.86 26.83
C ASP C 364 6.49 10.66 25.56
N HIS C 365 5.65 11.66 25.27
CA HIS C 365 5.75 12.38 24.01
C HIS C 365 7.02 13.21 23.92
N THR C 366 7.66 13.53 25.04
CA THR C 366 8.90 14.31 25.00
C THR C 366 10.09 13.44 24.64
N LEU C 367 9.97 12.13 24.74
CA LEU C 367 11.11 11.24 24.62
C LEU C 367 11.56 11.14 23.16
N PRO C 368 12.83 11.36 22.85
CA PRO C 368 13.30 11.18 21.48
C PRO C 368 13.27 9.72 21.07
N THR C 369 13.30 9.50 19.76
CA THR C 369 13.38 8.15 19.24
C THR C 369 14.73 7.54 19.63
N PRO C 370 14.76 6.26 20.00
CA PRO C 370 16.06 5.65 20.39
C PRO C 370 17.19 5.93 19.41
N GLU C 371 16.89 6.06 18.11
CA GLU C 371 17.93 6.33 17.13
C GLU C 371 18.66 7.64 17.38
N ALA C 372 18.13 8.50 18.25
CA ALA C 372 18.77 9.76 18.58
C ALA C 372 19.88 9.60 19.61
N ALA C 373 20.15 8.38 20.08
CA ALA C 373 21.13 8.19 21.14
C ALA C 373 22.48 8.82 20.78
N GLU C 374 22.93 8.66 19.54
CA GLU C 374 24.25 9.17 19.16
C GLU C 374 24.34 10.68 19.21
N PHE C 375 23.21 11.38 19.33
CA PHE C 375 23.20 12.83 19.46
C PHE C 375 22.88 13.30 20.87
N LEU C 376 22.75 12.37 21.82
CA LEU C 376 22.40 12.72 23.18
C LEU C 376 23.62 12.59 24.10
N LEU D 30 -45.60 40.87 -6.03
CA LEU D 30 -45.71 42.31 -6.21
C LEU D 30 -46.64 42.66 -7.38
N ASN D 31 -47.84 42.06 -7.37
CA ASN D 31 -48.89 42.39 -8.34
C ASN D 31 -50.17 41.63 -8.01
N PRO D 32 -51.33 42.29 -8.03
CA PRO D 32 -52.55 41.65 -7.51
C PRO D 32 -52.90 40.34 -8.19
N SER D 33 -52.81 40.28 -9.52
CA SER D 33 -53.11 39.03 -10.23
C SER D 33 -51.98 38.02 -10.14
N ALA D 34 -50.83 38.40 -9.60
CA ALA D 34 -49.69 37.51 -9.46
C ALA D 34 -49.66 36.79 -8.11
N ARG D 35 -50.69 36.94 -7.28
CA ARG D 35 -50.68 36.33 -5.96
C ARG D 35 -51.13 34.87 -6.02
N ILE D 36 -50.52 34.06 -5.16
CA ILE D 36 -50.82 32.63 -5.12
C ILE D 36 -52.23 32.44 -4.59
N MET D 37 -53.04 31.71 -5.33
CA MET D 37 -54.40 31.41 -4.94
C MET D 37 -54.48 30.00 -4.36
N THR D 38 -55.33 29.84 -3.35
CA THR D 38 -55.66 28.54 -2.79
C THR D 38 -57.07 28.17 -3.20
N PHE D 39 -57.26 26.90 -3.55
CA PHE D 39 -58.56 26.41 -3.99
C PHE D 39 -59.03 25.28 -3.10
N TYR D 40 -60.33 25.26 -2.83
CA TYR D 40 -60.96 24.28 -1.94
C TYR D 40 -62.07 23.58 -2.72
N PRO D 41 -61.71 22.71 -3.66
CA PRO D 41 -62.74 22.03 -4.45
C PRO D 41 -63.57 21.08 -3.62
N THR D 42 -64.79 20.85 -4.09
CA THR D 42 -65.57 19.73 -3.60
C THR D 42 -65.08 18.44 -4.24
N MET D 43 -65.50 17.32 -3.67
CA MET D 43 -65.16 16.02 -4.25
C MET D 43 -65.61 15.94 -5.72
N GLU D 44 -66.77 16.52 -6.04
CA GLU D 44 -67.25 16.51 -7.42
C GLU D 44 -66.37 17.34 -8.33
N GLU D 45 -65.96 18.53 -7.88
CA GLU D 45 -65.03 19.34 -8.64
C GLU D 45 -63.67 18.67 -8.76
N PHE D 46 -63.30 17.90 -7.72
CA PHE D 46 -61.95 17.37 -7.57
C PHE D 46 -61.67 16.20 -8.51
N ARG D 47 -62.71 15.49 -8.94
CA ARG D 47 -62.51 14.21 -9.63
C ARG D 47 -61.66 14.37 -10.88
N ASN D 48 -62.13 15.17 -11.83
CA ASN D 48 -61.40 15.34 -13.10
C ASN D 48 -60.28 16.34 -12.88
N PHE D 49 -59.06 15.81 -12.76
CA PHE D 49 -57.89 16.65 -12.48
C PHE D 49 -57.66 17.68 -13.58
N SER D 50 -57.48 17.22 -14.82
CA SER D 50 -57.19 18.13 -15.93
C SER D 50 -58.22 19.24 -15.99
N ARG D 51 -59.49 18.89 -15.78
CA ARG D 51 -60.57 19.87 -15.82
C ARG D 51 -60.43 20.87 -14.68
N TYR D 52 -60.01 20.43 -13.49
CA TYR D 52 -59.83 21.38 -12.40
C TYR D 52 -58.66 22.31 -12.67
N ILE D 53 -57.60 21.79 -13.29
CA ILE D 53 -56.50 22.66 -13.68
C ILE D 53 -57.00 23.73 -14.65
N ALA D 54 -57.82 23.33 -15.62
CA ALA D 54 -58.42 24.30 -16.52
C ALA D 54 -59.25 25.32 -15.74
N TYR D 55 -60.00 24.86 -14.73
CA TYR D 55 -60.82 25.77 -13.94
C TYR D 55 -59.95 26.81 -13.23
N ILE D 56 -58.99 26.36 -12.42
CA ILE D 56 -58.16 27.30 -11.69
C ILE D 56 -57.45 28.24 -12.66
N GLU D 57 -57.18 27.79 -13.90
CA GLU D 57 -56.61 28.72 -14.87
C GLU D 57 -57.64 29.73 -15.36
N SER D 58 -58.92 29.33 -15.44
CA SER D 58 -59.96 30.29 -15.74
C SER D 58 -60.05 31.35 -14.65
N GLN D 59 -59.66 31.00 -13.43
CA GLN D 59 -59.64 31.89 -12.29
C GLN D 59 -58.33 32.68 -12.18
N GLY D 60 -57.41 32.53 -13.14
CA GLY D 60 -56.17 33.27 -13.13
C GLY D 60 -55.09 32.73 -12.22
N ALA D 61 -55.24 31.52 -11.70
CA ALA D 61 -54.23 30.97 -10.78
C ALA D 61 -52.86 30.94 -11.43
N HIS D 62 -52.79 30.46 -12.67
CA HIS D 62 -51.50 30.25 -13.33
C HIS D 62 -50.66 31.52 -13.40
N ARG D 63 -51.27 32.70 -13.25
CA ARG D 63 -50.49 33.92 -13.34
C ARG D 63 -49.53 34.07 -12.18
N ALA D 64 -49.86 33.51 -11.01
CA ALA D 64 -48.89 33.52 -9.92
C ALA D 64 -47.76 32.54 -10.17
N GLY D 65 -47.92 31.62 -11.12
CA GLY D 65 -46.96 30.57 -11.36
C GLY D 65 -47.04 29.43 -10.38
N LEU D 66 -47.80 29.59 -9.30
CA LEU D 66 -47.91 28.62 -8.23
C LEU D 66 -49.31 28.75 -7.66
N ALA D 67 -49.91 27.61 -7.31
CA ALA D 67 -51.26 27.64 -6.76
C ALA D 67 -51.41 26.50 -5.77
N LYS D 68 -52.18 26.72 -4.73
CA LYS D 68 -52.45 25.68 -3.74
C LYS D 68 -53.85 25.14 -3.97
N VAL D 69 -53.99 23.82 -3.82
CA VAL D 69 -55.28 23.15 -3.95
C VAL D 69 -55.44 22.27 -2.72
N VAL D 70 -56.41 22.59 -1.87
CA VAL D 70 -56.72 21.80 -0.69
C VAL D 70 -57.78 20.78 -1.07
N PRO D 71 -57.48 19.48 -1.05
CA PRO D 71 -58.48 18.49 -1.44
C PRO D 71 -59.57 18.38 -0.38
N PRO D 72 -60.73 17.83 -0.74
CA PRO D 72 -61.79 17.66 0.26
C PRO D 72 -61.30 16.85 1.46
N LYS D 73 -61.88 17.15 2.62
CA LYS D 73 -61.42 16.52 3.86
C LYS D 73 -61.55 15.00 3.81
N GLU D 74 -62.60 14.50 3.14
CA GLU D 74 -62.80 13.06 3.09
C GLU D 74 -61.72 12.36 2.26
N TRP D 75 -61.20 13.03 1.24
CA TRP D 75 -60.29 12.40 0.30
C TRP D 75 -58.94 12.10 0.95
N LYS D 76 -58.43 10.89 0.72
CA LYS D 76 -57.11 10.47 1.14
C LYS D 76 -56.51 9.63 0.02
N PRO D 77 -55.22 9.78 -0.26
CA PRO D 77 -54.57 8.90 -1.25
C PRO D 77 -54.07 7.60 -0.65
N ARG D 78 -54.12 7.46 0.67
CA ARG D 78 -53.55 6.30 1.35
C ARG D 78 -54.11 6.26 2.77
N ALA D 79 -54.42 5.05 3.23
CA ALA D 79 -55.07 4.93 4.54
C ALA D 79 -54.11 5.26 5.68
N SER D 80 -52.87 4.78 5.61
CA SER D 80 -51.90 5.00 6.67
C SER D 80 -50.50 5.12 6.08
N TYR D 81 -49.61 5.74 6.84
CA TYR D 81 -48.21 5.86 6.47
C TYR D 81 -47.31 5.09 7.44
N ASP D 82 -47.84 4.08 8.11
CA ASP D 82 -47.06 3.29 9.05
C ASP D 82 -46.14 2.30 8.34
N ASP D 83 -46.57 1.76 7.21
CA ASP D 83 -45.81 0.73 6.50
C ASP D 83 -44.61 1.27 5.74
N ILE D 84 -44.43 2.59 5.65
CA ILE D 84 -43.36 3.14 4.83
C ILE D 84 -42.03 3.24 5.57
N ASP D 85 -41.99 2.95 6.87
CA ASP D 85 -40.76 3.17 7.64
C ASP D 85 -39.59 2.36 7.10
N ASP D 86 -39.86 1.18 6.54
CA ASP D 86 -38.81 0.35 5.97
C ASP D 86 -38.52 0.70 4.53
N LEU D 87 -39.16 1.74 4.00
CA LEU D 87 -38.90 2.18 2.63
C LEU D 87 -37.48 2.71 2.52
N VAL D 88 -36.84 2.42 1.39
CA VAL D 88 -35.44 2.73 1.17
C VAL D 88 -35.33 3.98 0.33
N ILE D 89 -34.40 4.85 0.73
CA ILE D 89 -34.04 6.04 -0.03
C ILE D 89 -32.70 5.74 -0.69
N PRO D 90 -32.67 5.34 -1.97
CA PRO D 90 -31.40 4.90 -2.56
C PRO D 90 -30.26 5.91 -2.45
N ALA D 91 -30.53 7.19 -2.69
CA ALA D 91 -29.47 8.20 -2.81
C ALA D 91 -29.88 9.45 -2.06
N PRO D 92 -29.82 9.42 -0.73
CA PRO D 92 -30.04 10.65 0.02
C PRO D 92 -28.97 11.67 -0.34
N ILE D 93 -29.34 12.93 -0.24
CA ILE D 93 -28.50 14.04 -0.68
C ILE D 93 -28.29 14.96 0.50
N GLN D 94 -27.03 15.24 0.81
CA GLN D 94 -26.67 16.23 1.80
C GLN D 94 -26.48 17.56 1.07
N GLN D 95 -27.26 18.56 1.49
CA GLN D 95 -27.34 19.83 0.77
C GLN D 95 -26.35 20.80 1.38
N LEU D 96 -25.19 20.91 0.75
CA LEU D 96 -24.17 21.86 1.19
C LEU D 96 -24.35 23.17 0.45
N VAL D 97 -24.53 24.25 1.19
CA VAL D 97 -24.82 25.53 0.59
C VAL D 97 -23.68 26.48 0.89
N THR D 98 -23.18 27.13 -0.17
CA THR D 98 -22.14 28.13 -0.06
C THR D 98 -22.67 29.45 -0.59
N GLY D 99 -22.34 30.54 0.07
CA GLY D 99 -22.74 31.84 -0.44
C GLY D 99 -22.94 32.81 0.70
N GLN D 100 -23.46 33.98 0.34
CA GLN D 100 -23.66 35.07 1.28
C GLN D 100 -24.55 36.11 0.62
N SER D 101 -24.96 37.10 1.41
CA SER D 101 -25.73 38.24 0.91
C SER D 101 -26.93 37.77 0.07
N GLY D 102 -27.60 36.72 0.54
CA GLY D 102 -28.81 36.26 -0.10
C GLY D 102 -28.61 35.56 -1.42
N LEU D 103 -27.36 35.25 -1.77
CA LEU D 103 -27.03 34.53 -2.99
C LEU D 103 -26.25 33.28 -2.61
N PHE D 104 -26.70 32.12 -3.07
CA PHE D 104 -26.12 30.87 -2.64
C PHE D 104 -26.13 29.85 -3.78
N THR D 105 -25.16 28.94 -3.71
CA THR D 105 -25.09 27.77 -4.58
C THR D 105 -25.16 26.52 -3.72
N GLN D 106 -26.08 25.63 -4.07
CA GLN D 106 -26.29 24.39 -3.34
C GLN D 106 -25.65 23.23 -4.10
N TYR D 107 -24.87 22.43 -3.38
CA TYR D 107 -24.22 21.23 -3.89
C TYR D 107 -24.85 20.01 -3.23
N ASN D 108 -25.25 19.05 -4.05
CA ASN D 108 -25.91 17.84 -3.59
C ASN D 108 -24.87 16.73 -3.45
N ILE D 109 -24.56 16.37 -2.21
CA ILE D 109 -23.56 15.34 -1.93
C ILE D 109 -24.29 14.03 -1.66
N GLN D 110 -24.00 13.00 -2.45
CA GLN D 110 -24.70 11.75 -2.27
C GLN D 110 -24.28 11.09 -0.96
N LYS D 111 -25.24 10.47 -0.29
CA LYS D 111 -25.01 9.77 0.96
C LYS D 111 -25.35 8.30 0.81
N LYS D 112 -24.98 7.53 1.83
CA LYS D 112 -25.33 6.12 1.87
C LYS D 112 -26.85 5.97 1.84
N ALA D 113 -27.32 4.95 1.14
CA ALA D 113 -28.74 4.66 1.16
C ALA D 113 -29.19 4.48 2.59
N MET D 114 -30.48 4.71 2.82
CA MET D 114 -31.02 4.56 4.16
C MET D 114 -32.54 4.42 4.05
N THR D 115 -33.15 3.91 5.12
CA THR D 115 -34.59 3.85 5.20
C THR D 115 -35.15 5.18 5.69
N VAL D 116 -36.46 5.35 5.53
CA VAL D 116 -37.09 6.54 6.09
C VAL D 116 -37.08 6.49 7.62
N ARG D 117 -36.83 5.32 8.21
CA ARG D 117 -36.64 5.24 9.67
C ARG D 117 -35.32 5.89 10.07
N GLU D 118 -34.23 5.56 9.37
CA GLU D 118 -32.95 6.22 9.63
C GLU D 118 -33.05 7.70 9.31
N PHE D 119 -33.73 8.03 8.21
CA PHE D 119 -33.92 9.42 7.82
C PHE D 119 -34.71 10.17 8.88
N ARG D 120 -35.77 9.56 9.39
CA ARG D 120 -36.59 10.23 10.39
C ARG D 120 -35.82 10.42 11.69
N LYS D 121 -35.04 9.41 12.09
CA LYS D 121 -34.19 9.59 13.26
C LYS D 121 -33.31 10.82 13.08
N ILE D 122 -32.55 10.88 11.99
CA ILE D 122 -31.65 12.02 11.79
C ILE D 122 -32.45 13.32 11.75
N ALA D 123 -33.57 13.31 11.04
CA ALA D 123 -34.37 14.52 10.87
C ALA D 123 -34.85 15.06 12.22
N ASN D 124 -35.33 14.19 13.08
CA ASN D 124 -35.88 14.60 14.36
C ASN D 124 -34.82 14.74 15.45
N SER D 125 -33.56 14.41 15.15
CA SER D 125 -32.50 14.56 16.13
C SER D 125 -32.26 16.04 16.43
N ASP D 126 -31.42 16.29 17.43
CA ASP D 126 -31.19 17.67 17.87
C ASP D 126 -30.45 18.48 16.82
N LYS D 127 -29.54 17.86 16.08
CA LYS D 127 -28.74 18.63 15.13
C LYS D 127 -29.56 19.07 13.93
N TYR D 128 -30.59 18.32 13.56
CA TYR D 128 -31.33 18.59 12.33
C TYR D 128 -32.81 18.86 12.54
N CYS D 129 -33.29 18.91 13.79
CA CYS D 129 -34.71 19.17 14.01
C CYS D 129 -35.03 20.63 13.73
N THR D 130 -36.32 20.88 13.51
CA THR D 130 -36.79 22.24 13.28
C THR D 130 -36.43 23.13 14.47
N PRO D 131 -36.02 24.38 14.24
CA PRO D 131 -35.84 25.31 15.35
C PRO D 131 -37.17 25.64 16.00
N ARG D 132 -37.09 26.21 17.20
CA ARG D 132 -38.27 26.65 17.93
C ARG D 132 -38.74 27.98 17.36
N TYR D 133 -39.99 28.05 16.93
CA TYR D 133 -40.50 29.27 16.30
C TYR D 133 -41.97 29.45 16.63
N SER D 134 -42.42 30.70 16.54
CA SER D 134 -43.80 31.10 16.79
C SER D 134 -44.58 31.32 15.50
N GLU D 135 -44.05 32.15 14.61
CA GLU D 135 -44.69 32.47 13.34
C GLU D 135 -43.78 32.05 12.20
N PHE D 136 -44.39 31.82 11.03
CA PHE D 136 -43.61 31.41 9.87
C PHE D 136 -42.44 32.36 9.63
N GLU D 137 -42.70 33.67 9.71
CA GLU D 137 -41.67 34.65 9.37
C GLU D 137 -40.38 34.40 10.13
N GLU D 138 -40.48 33.97 11.40
CA GLU D 138 -39.29 33.65 12.17
C GLU D 138 -38.58 32.42 11.60
N LEU D 139 -39.36 31.42 11.18
CA LEU D 139 -38.75 30.22 10.60
C LEU D 139 -38.08 30.54 9.28
N GLU D 140 -38.68 31.42 8.48
CA GLU D 140 -38.09 31.85 7.23
C GLU D 140 -36.77 32.58 7.49
N ARG D 141 -36.77 33.51 8.45
CA ARG D 141 -35.55 34.21 8.79
C ARG D 141 -34.47 33.24 9.25
N LYS D 142 -34.84 32.21 10.02
CA LYS D 142 -33.85 31.23 10.44
C LYS D 142 -33.35 30.41 9.27
N TYR D 143 -34.24 30.07 8.34
CA TYR D 143 -33.80 29.35 7.16
C TYR D 143 -32.74 30.13 6.40
N TRP D 144 -33.04 31.39 6.07
CA TRP D 144 -32.10 32.19 5.30
C TRP D 144 -30.86 32.55 6.10
N LYS D 145 -30.95 32.50 7.43
CA LYS D 145 -29.79 32.82 8.26
C LYS D 145 -28.86 31.63 8.39
N ASN D 146 -29.40 30.41 8.48
CA ASN D 146 -28.62 29.21 8.73
C ASN D 146 -28.49 28.33 7.51
N LEU D 147 -28.83 28.86 6.33
CA LEU D 147 -28.85 28.07 5.10
C LEU D 147 -27.53 27.33 4.88
N THR D 148 -26.41 27.97 5.18
CA THR D 148 -25.10 27.42 4.88
C THR D 148 -24.50 26.63 6.04
N PHE D 149 -25.25 26.45 7.13
CA PHE D 149 -24.78 25.70 8.29
C PHE D 149 -25.53 24.38 8.42
N ASN D 150 -24.86 23.39 9.02
CA ASN D 150 -25.41 22.08 9.31
C ASN D 150 -26.17 21.53 8.11
N PRO D 151 -25.46 21.17 7.05
CA PRO D 151 -26.10 20.68 5.82
C PRO D 151 -27.09 19.56 6.13
N PRO D 152 -28.36 19.72 5.79
CA PRO D 152 -29.33 18.64 6.00
C PRO D 152 -29.18 17.58 4.92
N ILE D 153 -29.80 16.42 5.19
CA ILE D 153 -29.92 15.36 4.21
C ILE D 153 -31.32 15.40 3.64
N TYR D 154 -31.41 15.26 2.32
CA TYR D 154 -32.69 15.28 1.62
C TYR D 154 -32.90 13.93 0.96
N GLY D 155 -33.93 13.22 1.40
CA GLY D 155 -34.31 11.99 0.74
C GLY D 155 -35.11 12.30 -0.50
N ALA D 156 -34.42 12.80 -1.52
CA ALA D 156 -35.07 13.34 -2.71
C ALA D 156 -35.01 12.35 -3.88
N ASP D 157 -35.89 12.56 -4.84
CA ASP D 157 -35.89 11.84 -6.11
C ASP D 157 -36.01 10.32 -5.91
N VAL D 158 -36.87 9.92 -4.99
CA VAL D 158 -37.10 8.51 -4.71
C VAL D 158 -38.24 8.02 -5.60
N ASN D 159 -37.93 7.07 -6.49
CA ASN D 159 -38.96 6.52 -7.37
C ASN D 159 -40.01 5.79 -6.54
N GLY D 160 -41.26 5.93 -6.94
CA GLY D 160 -42.37 5.28 -6.28
C GLY D 160 -43.48 6.26 -5.95
N THR D 161 -44.61 5.69 -5.57
CA THR D 161 -45.77 6.45 -5.15
C THR D 161 -46.19 5.98 -3.77
N LEU D 162 -46.81 6.88 -3.02
CA LEU D 162 -47.49 6.50 -1.80
C LEU D 162 -49.00 6.52 -1.98
N TYR D 163 -49.48 6.85 -3.17
CA TYR D 163 -50.89 6.64 -3.50
C TYR D 163 -51.18 5.16 -3.55
N GLU D 164 -52.34 4.78 -3.01
CA GLU D 164 -52.85 3.45 -3.27
C GLU D 164 -53.31 3.38 -4.71
N LYS D 165 -53.11 2.20 -5.32
CA LYS D 165 -53.36 2.07 -6.75
C LYS D 165 -54.82 2.29 -7.11
N HIS D 166 -55.73 2.20 -6.13
CA HIS D 166 -57.16 2.30 -6.38
C HIS D 166 -57.71 3.72 -6.29
N VAL D 167 -56.86 4.72 -6.12
CA VAL D 167 -57.31 6.10 -5.96
C VAL D 167 -57.27 6.77 -7.33
N ASP D 168 -58.45 7.10 -7.87
CA ASP D 168 -58.56 7.66 -9.21
C ASP D 168 -58.51 9.18 -9.24
N GLU D 169 -58.66 9.84 -8.09
CA GLU D 169 -58.68 11.30 -8.04
C GLU D 169 -57.28 11.81 -7.73
N TRP D 170 -56.72 12.59 -8.67
CA TRP D 170 -55.45 13.29 -8.46
C TRP D 170 -54.32 12.30 -8.16
N ASN D 171 -54.34 11.15 -8.83
CA ASN D 171 -53.28 10.17 -8.67
C ASN D 171 -52.03 10.66 -9.40
N ILE D 172 -50.98 11.00 -8.63
CA ILE D 172 -49.74 11.46 -9.24
C ILE D 172 -49.16 10.37 -10.15
N GLY D 173 -49.44 9.10 -9.83
CA GLY D 173 -48.96 8.01 -10.67
C GLY D 173 -49.64 7.94 -12.03
N ARG D 174 -50.89 8.40 -12.13
CA ARG D 174 -51.63 8.32 -13.39
C ARG D 174 -52.58 9.52 -13.50
N LEU D 175 -52.00 10.68 -13.82
CA LEU D 175 -52.82 11.88 -13.96
C LEU D 175 -53.63 11.89 -15.26
N ARG D 176 -53.29 11.05 -16.22
CA ARG D 176 -54.05 10.94 -17.47
C ARG D 176 -54.06 12.28 -18.22
N THR D 177 -52.93 12.98 -18.17
CA THR D 177 -52.76 14.23 -18.88
C THR D 177 -52.16 13.98 -20.26
N ILE D 178 -52.20 15.00 -21.12
CA ILE D 178 -51.66 14.82 -22.47
C ILE D 178 -50.16 14.58 -22.45
N LEU D 179 -49.48 14.89 -21.34
CA LEU D 179 -48.08 14.52 -21.20
C LEU D 179 -47.87 13.04 -21.44
N ASP D 180 -48.90 12.22 -21.15
CA ASP D 180 -48.80 10.78 -21.39
C ASP D 180 -48.31 10.46 -22.80
N LEU D 181 -48.56 11.35 -23.75
CA LEU D 181 -48.15 11.08 -25.12
C LEU D 181 -46.67 10.75 -25.22
N VAL D 182 -45.85 11.21 -24.27
CA VAL D 182 -44.43 10.89 -24.33
C VAL D 182 -44.22 9.39 -24.14
N GLU D 183 -44.83 8.80 -23.11
CA GLU D 183 -44.65 7.37 -22.91
C GLU D 183 -45.48 6.56 -23.90
N LYS D 184 -46.71 7.02 -24.19
CA LYS D 184 -47.60 6.26 -25.04
C LYS D 184 -47.12 6.22 -26.49
N GLU D 185 -46.67 7.36 -27.01
CA GLU D 185 -46.24 7.44 -28.40
C GLU D 185 -44.72 7.25 -28.55
N SER D 186 -43.94 7.96 -27.75
CA SER D 186 -42.48 7.87 -27.85
C SER D 186 -41.92 6.63 -27.14
N GLY D 187 -42.64 6.07 -26.17
CA GLY D 187 -42.12 4.99 -25.38
C GLY D 187 -41.07 5.40 -24.36
N ILE D 188 -40.82 6.70 -24.23
CA ILE D 188 -39.79 7.20 -23.32
C ILE D 188 -40.39 7.30 -21.92
N THR D 189 -39.69 6.75 -20.94
CA THR D 189 -40.02 6.99 -19.53
C THR D 189 -38.95 7.91 -18.95
N ILE D 190 -39.39 9.05 -18.42
CA ILE D 190 -38.51 10.01 -17.78
C ILE D 190 -38.89 10.04 -16.30
N GLU D 191 -38.03 9.46 -15.45
CA GLU D 191 -38.34 9.36 -14.04
C GLU D 191 -38.45 10.75 -13.42
N GLY D 192 -39.51 10.96 -12.65
CA GLY D 192 -39.82 12.23 -12.07
C GLY D 192 -40.67 13.15 -12.93
N VAL D 193 -40.72 12.91 -14.24
CA VAL D 193 -41.47 13.76 -15.16
C VAL D 193 -42.83 13.13 -15.45
N ASN D 194 -42.83 11.94 -16.05
CA ASN D 194 -44.06 11.17 -16.22
C ASN D 194 -44.17 10.02 -15.24
N THR D 195 -43.30 9.96 -14.23
CA THR D 195 -43.39 8.99 -13.16
C THR D 195 -43.40 9.71 -11.83
N PRO D 196 -43.93 9.08 -10.78
CA PRO D 196 -43.97 9.74 -9.47
C PRO D 196 -42.63 9.72 -8.77
N TYR D 197 -42.32 10.81 -8.10
CA TYR D 197 -41.13 10.95 -7.26
C TYR D 197 -41.57 11.20 -5.83
N LEU D 198 -40.79 10.65 -4.89
CA LEU D 198 -41.02 10.90 -3.48
C LEU D 198 -39.85 11.66 -2.89
N TYR D 199 -40.16 12.51 -1.91
CA TYR D 199 -39.22 13.44 -1.31
C TYR D 199 -39.38 13.37 0.19
N PHE D 200 -38.35 12.91 0.88
CA PHE D 200 -38.35 12.90 2.33
C PHE D 200 -37.50 14.07 2.78
N GLY D 201 -38.16 15.07 3.34
CA GLY D 201 -37.46 16.29 3.70
C GLY D 201 -37.23 16.39 5.18
N MET D 202 -36.29 17.23 5.58
CA MET D 202 -36.10 17.63 6.96
C MET D 202 -35.92 19.14 6.98
N TRP D 203 -35.71 19.68 8.16
CA TRP D 203 -35.58 21.12 8.30
C TRP D 203 -34.39 21.63 7.48
N LYS D 204 -34.58 22.76 6.81
CA LYS D 204 -33.60 23.45 5.97
C LYS D 204 -33.32 22.73 4.65
N THR D 205 -33.93 21.58 4.38
CA THR D 205 -33.82 21.03 3.03
C THR D 205 -34.61 21.92 2.09
N SER D 206 -34.00 22.27 0.96
CA SER D 206 -34.58 23.29 0.11
C SER D 206 -34.46 22.87 -1.35
N PHE D 207 -35.34 23.46 -2.17
CA PHE D 207 -35.26 23.32 -3.62
C PHE D 207 -34.95 24.68 -4.21
N ALA D 208 -33.96 24.71 -5.09
CA ALA D 208 -33.44 25.95 -5.65
C ALA D 208 -34.44 26.54 -6.64
N TRP D 209 -34.18 27.78 -7.05
CA TRP D 209 -35.02 28.45 -8.03
C TRP D 209 -34.98 27.69 -9.34
N HIS D 210 -36.15 27.35 -9.87
CA HIS D 210 -36.18 26.60 -11.12
C HIS D 210 -37.60 26.59 -11.66
N THR D 211 -37.68 26.42 -12.97
CA THR D 211 -38.88 25.92 -13.63
C THR D 211 -38.73 24.42 -13.84
N GLU D 212 -39.84 23.78 -14.12
CA GLU D 212 -39.81 22.35 -14.39
C GLU D 212 -39.08 22.07 -15.69
N ASP D 213 -38.60 20.84 -15.83
CA ASP D 213 -38.08 20.39 -17.12
C ASP D 213 -39.10 20.69 -18.21
N MET D 214 -38.61 21.22 -19.32
CA MET D 214 -39.45 21.57 -20.47
C MET D 214 -40.53 22.58 -20.09
N ASP D 215 -40.34 23.30 -18.98
CA ASP D 215 -41.31 24.29 -18.49
C ASP D 215 -42.69 23.67 -18.37
N LEU D 216 -42.73 22.42 -17.91
CA LEU D 216 -43.97 21.69 -17.71
C LEU D 216 -44.73 22.19 -16.48
N TYR D 217 -45.95 21.69 -16.32
CA TYR D 217 -46.64 21.81 -15.05
C TYR D 217 -46.03 20.82 -14.06
N SER D 218 -46.17 21.14 -12.78
CA SER D 218 -45.76 20.21 -11.72
C SER D 218 -46.86 20.10 -10.70
N ILE D 219 -46.96 18.92 -10.11
CA ILE D 219 -47.89 18.66 -9.03
C ILE D 219 -47.09 18.12 -7.86
N ASN D 220 -47.42 18.62 -6.67
CA ASN D 220 -46.72 18.30 -5.44
C ASN D 220 -47.77 18.06 -4.37
N TYR D 221 -47.80 16.87 -3.81
CA TYR D 221 -48.71 16.56 -2.72
C TYR D 221 -47.88 16.32 -1.48
N LEU D 222 -48.21 17.00 -0.38
CA LEU D 222 -47.48 16.76 0.85
C LEU D 222 -48.23 15.70 1.64
N HIS D 223 -47.72 14.46 1.59
CA HIS D 223 -48.39 13.33 2.22
C HIS D 223 -48.52 13.53 3.72
N PHE D 224 -47.42 13.82 4.40
CA PHE D 224 -47.44 13.92 5.86
C PHE D 224 -46.23 14.69 6.33
N GLY D 225 -46.30 15.14 7.58
CA GLY D 225 -45.19 15.79 8.22
C GLY D 225 -45.26 17.31 8.17
N GLU D 226 -44.09 17.92 8.35
CA GLU D 226 -43.99 19.35 8.48
C GLU D 226 -44.20 20.05 7.13
N PRO D 227 -44.52 21.34 7.16
CA PRO D 227 -44.83 22.05 5.92
C PRO D 227 -43.62 22.26 5.02
N LYS D 228 -43.93 22.55 3.76
CA LYS D 228 -42.97 22.99 2.76
C LYS D 228 -43.37 24.39 2.34
N SER D 229 -42.49 25.36 2.57
CA SER D 229 -42.75 26.73 2.13
C SER D 229 -42.17 26.95 0.74
N TRP D 230 -42.94 27.67 -0.06
CA TRP D 230 -42.67 27.93 -1.46
C TRP D 230 -42.60 29.43 -1.74
N TYR D 231 -41.73 29.75 -2.68
CA TYR D 231 -41.61 31.05 -3.32
C TYR D 231 -41.94 30.86 -4.79
N SER D 232 -42.68 31.80 -5.34
CA SER D 232 -43.06 31.77 -6.74
C SER D 232 -42.80 33.12 -7.37
N VAL D 233 -42.26 33.11 -8.58
CA VAL D 233 -42.14 34.31 -9.40
C VAL D 233 -43.15 34.15 -10.55
N PRO D 234 -44.05 35.10 -10.75
CA PRO D 234 -45.03 34.95 -11.83
C PRO D 234 -44.33 34.75 -13.16
N PRO D 235 -44.79 33.79 -13.98
CA PRO D 235 -44.15 33.56 -15.29
C PRO D 235 -43.90 34.84 -16.08
N GLU D 236 -44.79 35.82 -15.97
CA GLU D 236 -44.60 37.08 -16.70
C GLU D 236 -43.27 37.72 -16.35
N HIS D 237 -42.77 37.50 -15.14
CA HIS D 237 -41.52 38.08 -14.69
C HIS D 237 -40.39 37.06 -14.66
N GLY D 238 -40.61 35.87 -15.20
CA GLY D 238 -39.58 34.85 -15.18
C GLY D 238 -38.30 35.30 -15.84
N LYS D 239 -38.41 35.88 -17.05
CA LYS D 239 -37.22 36.37 -17.74
C LYS D 239 -36.45 37.34 -16.87
N ARG D 240 -37.15 38.15 -16.08
CA ARG D 240 -36.45 39.08 -15.21
C ARG D 240 -35.60 38.32 -14.19
N LEU D 241 -36.19 37.29 -13.58
CA LEU D 241 -35.44 36.51 -12.59
C LEU D 241 -34.18 35.91 -13.20
N GLU D 242 -34.31 35.17 -14.30
CA GLU D 242 -33.10 34.60 -14.88
C GLU D 242 -32.12 35.71 -15.22
N ARG D 243 -32.63 36.84 -15.70
CA ARG D 243 -31.75 37.98 -15.95
C ARG D 243 -30.94 38.28 -14.69
N LEU D 244 -31.64 38.55 -13.58
CA LEU D 244 -30.97 38.77 -12.32
C LEU D 244 -29.98 37.65 -12.03
N ALA D 245 -30.43 36.40 -12.18
CA ALA D 245 -29.55 35.28 -11.89
C ALA D 245 -28.30 35.35 -12.76
N LYS D 246 -28.48 35.60 -14.06
CA LYS D 246 -27.33 35.73 -14.95
C LYS D 246 -26.36 36.78 -14.43
N GLY D 247 -26.88 37.90 -13.93
CA GLY D 247 -26.01 38.96 -13.47
C GLY D 247 -25.22 38.57 -12.24
N PHE D 248 -25.76 37.65 -11.42
CA PHE D 248 -25.12 37.29 -10.18
C PHE D 248 -24.30 36.03 -10.25
N PHE D 249 -24.54 35.19 -11.26
CA PHE D 249 -23.74 33.99 -11.50
C PHE D 249 -23.26 34.01 -12.95
N PRO D 250 -22.43 35.00 -13.30
CA PRO D 250 -22.01 35.13 -14.71
C PRO D 250 -21.19 33.95 -15.20
N GLY D 251 -20.34 33.36 -14.35
CA GLY D 251 -19.63 32.16 -14.77
C GLY D 251 -20.58 31.04 -15.11
N SER D 252 -21.52 30.74 -14.21
CA SER D 252 -22.52 29.72 -14.47
C SER D 252 -23.35 30.05 -15.70
N ALA D 253 -23.59 31.34 -15.94
CA ALA D 253 -24.39 31.74 -17.10
C ALA D 253 -23.62 31.55 -18.40
N GLN D 254 -22.33 31.86 -18.41
CA GLN D 254 -21.52 31.64 -19.60
C GLN D 254 -21.34 30.16 -19.88
N SER D 255 -21.20 29.34 -18.83
CA SER D 255 -21.08 27.90 -19.02
C SER D 255 -22.36 27.32 -19.59
N CYS D 256 -23.51 27.79 -19.12
CA CYS D 256 -24.78 27.22 -19.52
C CYS D 256 -25.84 28.30 -19.53
N GLU D 257 -26.58 28.39 -20.64
CA GLU D 257 -27.66 29.36 -20.76
C GLU D 257 -28.75 29.11 -19.72
N ALA D 258 -29.16 27.86 -19.57
CA ALA D 258 -30.21 27.49 -18.61
C ALA D 258 -29.61 26.92 -17.33
N PHE D 259 -28.62 27.62 -16.75
CA PHE D 259 -27.90 27.07 -15.61
C PHE D 259 -28.81 26.93 -14.39
N LEU D 260 -29.86 27.74 -14.29
CA LEU D 260 -30.83 27.54 -13.21
C LEU D 260 -31.43 26.14 -13.24
N ARG D 261 -31.40 25.48 -14.41
CA ARG D 261 -31.95 24.12 -14.47
C ARG D 261 -31.11 23.13 -13.69
N HIS D 262 -29.87 23.49 -13.33
CA HIS D 262 -29.08 22.62 -12.46
C HIS D 262 -29.70 22.52 -11.06
N LYS D 263 -30.58 23.46 -10.72
CA LYS D 263 -31.27 23.45 -9.43
C LYS D 263 -30.28 23.59 -8.28
N MET D 264 -29.29 24.47 -8.46
CA MET D 264 -28.29 24.75 -7.46
C MET D 264 -28.33 26.18 -6.94
N THR D 265 -29.20 27.02 -7.48
CA THR D 265 -29.13 28.46 -7.23
C THR D 265 -30.21 28.87 -6.25
N LEU D 266 -29.80 29.39 -5.11
CA LEU D 266 -30.69 29.88 -4.07
C LEU D 266 -30.56 31.40 -3.99
N ILE D 267 -31.70 32.08 -4.06
CA ILE D 267 -31.75 33.53 -3.99
C ILE D 267 -32.80 33.89 -2.94
N SER D 268 -32.42 34.76 -2.01
CA SER D 268 -33.29 35.07 -0.89
C SER D 268 -34.40 36.03 -1.30
N PRO D 269 -35.52 36.01 -0.58
CA PRO D 269 -36.57 37.01 -0.82
C PRO D 269 -36.07 38.43 -0.74
N LEU D 270 -35.10 38.72 0.13
CA LEU D 270 -34.58 40.07 0.24
C LEU D 270 -33.89 40.50 -1.05
N MET D 271 -33.17 39.59 -1.71
CA MET D 271 -32.55 39.93 -2.98
C MET D 271 -33.59 40.13 -4.07
N LEU D 272 -34.60 39.26 -4.12
CA LEU D 272 -35.70 39.45 -5.07
C LEU D 272 -36.33 40.81 -4.90
N LYS D 273 -36.66 41.19 -3.66
CA LYS D 273 -37.28 42.49 -3.40
C LYS D 273 -36.33 43.61 -3.81
N LYS D 274 -35.06 43.48 -3.47
CA LYS D 274 -34.08 44.50 -3.78
C LYS D 274 -33.99 44.78 -5.28
N TYR D 275 -34.09 43.73 -6.10
CA TYR D 275 -33.96 43.88 -7.54
C TYR D 275 -35.31 43.92 -8.24
N GLY D 276 -36.38 44.23 -7.52
CA GLY D 276 -37.67 44.47 -8.12
C GLY D 276 -38.27 43.28 -8.85
N ILE D 277 -38.05 42.08 -8.33
CA ILE D 277 -38.65 40.87 -8.89
C ILE D 277 -39.90 40.57 -8.09
N PRO D 278 -41.10 40.65 -8.68
CA PRO D 278 -42.28 40.27 -7.92
C PRO D 278 -42.24 38.80 -7.58
N PHE D 279 -42.61 38.48 -6.36
CA PHE D 279 -42.70 37.09 -5.94
C PHE D 279 -43.82 36.99 -4.93
N ASP D 280 -44.18 35.76 -4.62
CA ASP D 280 -45.13 35.47 -3.57
C ASP D 280 -44.63 34.27 -2.81
N LYS D 281 -45.12 34.09 -1.59
CA LYS D 281 -44.76 32.94 -0.80
C LYS D 281 -46.01 32.31 -0.23
N VAL D 282 -46.00 30.98 -0.15
CA VAL D 282 -47.13 30.23 0.36
C VAL D 282 -46.56 29.04 1.10
N THR D 283 -47.25 28.60 2.15
CA THR D 283 -46.80 27.44 2.90
C THR D 283 -47.76 26.28 2.66
N GLN D 284 -47.19 25.14 2.31
CA GLN D 284 -47.92 23.93 1.99
C GLN D 284 -47.87 23.01 3.19
N GLU D 285 -49.03 22.71 3.76
CA GLU D 285 -49.11 21.79 4.88
C GLU D 285 -49.50 20.40 4.39
N ALA D 286 -49.32 19.42 5.27
CA ALA D 286 -49.62 18.05 4.91
C ALA D 286 -51.05 17.92 4.41
N GLY D 287 -51.24 17.09 3.41
CA GLY D 287 -52.55 16.89 2.83
C GLY D 287 -52.92 17.89 1.76
N GLU D 288 -52.05 18.83 1.43
CA GLU D 288 -52.35 19.86 0.46
C GLU D 288 -51.53 19.65 -0.81
N PHE D 289 -52.12 20.10 -1.91
CA PHE D 289 -51.53 20.06 -3.24
C PHE D 289 -50.94 21.42 -3.60
N MET D 290 -49.86 21.37 -4.35
CA MET D 290 -49.19 22.52 -4.89
C MET D 290 -49.06 22.30 -6.39
N ILE D 291 -49.54 23.26 -7.17
CA ILE D 291 -49.47 23.19 -8.61
C ILE D 291 -48.50 24.26 -9.08
N THR D 292 -47.57 23.83 -9.93
CA THR D 292 -46.58 24.69 -10.55
C THR D 292 -46.97 24.85 -12.01
N PHE D 293 -47.03 26.07 -12.46
CA PHE D 293 -47.49 26.30 -13.81
C PHE D 293 -46.31 26.55 -14.74
N PRO D 294 -46.51 26.34 -16.04
CA PRO D 294 -45.39 26.49 -16.99
C PRO D 294 -44.61 27.78 -16.79
N TYR D 295 -43.29 27.64 -16.77
CA TYR D 295 -42.36 28.75 -16.64
C TYR D 295 -42.58 29.54 -15.35
N GLY D 296 -43.15 28.88 -14.34
CA GLY D 296 -43.24 29.48 -13.02
C GLY D 296 -42.05 29.11 -12.18
N TYR D 297 -41.09 30.02 -12.05
CA TYR D 297 -39.96 29.78 -11.18
C TYR D 297 -40.41 29.68 -9.74
N HIS D 298 -39.89 28.68 -9.03
CA HIS D 298 -40.23 28.52 -7.64
C HIS D 298 -39.03 27.97 -6.89
N ALA D 299 -39.06 28.18 -5.58
CA ALA D 299 -38.01 27.71 -4.69
C ALA D 299 -38.65 27.51 -3.34
N GLY D 300 -37.92 26.95 -2.39
CA GLY D 300 -38.49 26.85 -1.06
C GLY D 300 -37.71 25.89 -0.19
N PHE D 301 -38.32 25.56 0.94
CA PHE D 301 -37.63 24.74 1.93
C PHE D 301 -38.66 23.99 2.77
N ASN D 302 -38.19 22.91 3.39
CA ASN D 302 -39.02 22.11 4.27
C ASN D 302 -38.83 22.55 5.71
N HIS D 303 -39.95 22.66 6.43
CA HIS D 303 -39.89 23.07 7.83
C HIS D 303 -39.28 21.98 8.69
N GLY D 304 -39.54 20.73 8.35
CA GLY D 304 -39.01 19.63 9.11
C GLY D 304 -39.29 18.33 8.40
N PHE D 305 -39.23 17.25 9.16
CA PHE D 305 -39.41 15.93 8.56
C PHE D 305 -40.76 15.85 7.86
N ASN D 306 -40.75 15.49 6.58
CA ASN D 306 -42.00 15.33 5.86
C ASN D 306 -41.76 14.43 4.64
N CYS D 307 -42.84 14.16 3.92
CA CYS D 307 -42.80 13.32 2.73
C CYS D 307 -43.75 13.93 1.70
N ALA D 308 -43.23 14.19 0.51
CA ALA D 308 -43.99 14.77 -0.59
C ALA D 308 -43.85 13.88 -1.81
N GLU D 309 -44.89 13.86 -2.62
CA GLU D 309 -44.87 13.13 -3.89
C GLU D 309 -45.13 14.13 -5.00
N SER D 310 -44.38 14.04 -6.09
CA SER D 310 -44.57 15.03 -7.14
C SER D 310 -44.31 14.38 -8.49
N THR D 311 -44.88 15.01 -9.51
CA THR D 311 -44.60 14.62 -10.88
C THR D 311 -44.90 15.82 -11.76
N ASN D 312 -44.61 15.68 -13.04
CA ASN D 312 -44.94 16.72 -14.00
C ASN D 312 -46.19 16.33 -14.76
N PHE D 313 -46.83 17.32 -15.35
CA PHE D 313 -47.99 17.08 -16.20
C PHE D 313 -48.09 18.26 -17.16
N ALA D 314 -49.03 18.18 -18.08
CA ALA D 314 -49.18 19.20 -19.09
C ALA D 314 -50.64 19.46 -19.37
N THR D 315 -50.87 20.56 -20.08
CA THR D 315 -52.12 20.87 -20.75
C THR D 315 -51.79 21.29 -22.17
N ARG D 316 -52.81 21.53 -22.96
CA ARG D 316 -52.58 22.05 -24.31
C ARG D 316 -51.75 23.33 -24.25
N ARG D 317 -52.04 24.20 -23.27
CA ARG D 317 -51.29 25.44 -23.14
C ARG D 317 -49.80 25.19 -23.03
N TRP D 318 -49.41 24.09 -22.36
CA TRP D 318 -47.99 23.85 -22.16
C TRP D 318 -47.26 23.59 -23.47
N ILE D 319 -47.95 23.10 -24.50
CA ILE D 319 -47.23 22.68 -25.70
C ILE D 319 -46.31 23.80 -26.17
N GLU D 320 -46.84 25.02 -26.27
CA GLU D 320 -46.03 26.14 -26.72
C GLU D 320 -44.82 26.33 -25.81
N TYR D 321 -45.03 26.34 -24.49
CA TYR D 321 -43.92 26.37 -23.55
C TYR D 321 -42.91 25.27 -23.89
N GLY D 322 -43.39 24.04 -24.08
CA GLY D 322 -42.49 22.96 -24.40
C GLY D 322 -41.66 23.27 -25.64
N LYS D 323 -42.28 23.90 -26.63
CA LYS D 323 -41.56 24.26 -27.85
C LYS D 323 -40.48 25.31 -27.59
N GLN D 324 -40.72 26.22 -26.65
CA GLN D 324 -39.86 27.38 -26.48
C GLN D 324 -38.97 27.29 -25.25
N ALA D 325 -39.01 26.18 -24.51
CA ALA D 325 -38.25 26.07 -23.27
C ALA D 325 -36.76 26.09 -23.56
N VAL D 326 -36.06 27.05 -22.96
CA VAL D 326 -34.60 27.07 -23.01
C VAL D 326 -34.08 26.04 -22.03
N LEU D 327 -33.27 25.11 -22.51
CA LEU D 327 -32.87 23.93 -21.75
C LEU D 327 -31.38 23.99 -21.43
N CYS D 328 -30.97 23.07 -20.56
CA CYS D 328 -29.57 22.94 -20.19
C CYS D 328 -28.76 22.42 -21.37
N SER D 329 -27.74 23.17 -21.77
CA SER D 329 -26.87 22.78 -22.87
C SER D 329 -25.58 22.11 -22.41
N CYS D 330 -25.28 22.15 -21.11
CA CYS D 330 -23.96 21.73 -20.61
C CYS D 330 -23.94 20.31 -20.06
N ARG D 331 -25.07 19.62 -20.02
CA ARG D 331 -25.12 18.24 -19.54
C ARG D 331 -25.91 17.40 -20.55
N LYS D 332 -25.32 16.27 -20.96
CA LYS D 332 -25.96 15.44 -21.97
C LYS D 332 -27.14 14.65 -21.43
N ASP D 333 -27.24 14.47 -20.12
CA ASP D 333 -28.28 13.67 -19.51
C ASP D 333 -29.54 14.46 -19.17
N MET D 334 -29.56 15.76 -19.46
CA MET D 334 -30.69 16.60 -19.08
C MET D 334 -31.96 16.17 -19.81
N VAL D 335 -33.10 16.50 -19.20
CA VAL D 335 -34.40 16.10 -19.73
C VAL D 335 -34.73 16.96 -20.95
N LYS D 336 -34.95 16.30 -22.09
CA LYS D 336 -35.43 16.95 -23.29
C LYS D 336 -36.53 16.08 -23.89
N ILE D 337 -37.70 16.66 -24.11
CA ILE D 337 -38.83 15.96 -24.68
C ILE D 337 -39.00 16.44 -26.12
N SER D 338 -39.17 15.48 -27.04
CA SER D 338 -39.47 15.82 -28.41
C SER D 338 -40.88 16.38 -28.50
N MET D 339 -41.00 17.61 -28.99
CA MET D 339 -42.31 18.25 -29.08
C MET D 339 -43.07 17.85 -30.33
N ASP D 340 -42.49 17.01 -31.18
CA ASP D 340 -43.12 16.62 -32.44
C ASP D 340 -44.54 16.10 -32.23
N VAL D 341 -44.68 15.06 -31.40
CA VAL D 341 -45.99 14.42 -31.22
C VAL D 341 -47.03 15.45 -30.79
N PHE D 342 -46.64 16.39 -29.93
CA PHE D 342 -47.59 17.36 -29.39
C PHE D 342 -48.02 18.36 -30.46
N VAL D 343 -47.06 18.90 -31.20
CA VAL D 343 -47.40 19.83 -32.27
C VAL D 343 -48.26 19.13 -33.31
N ARG D 344 -47.83 17.96 -33.75
CA ARG D 344 -48.56 17.20 -34.75
C ARG D 344 -50.00 16.98 -34.32
N LYS D 345 -50.21 16.56 -33.06
CA LYS D 345 -51.58 16.23 -32.63
C LYS D 345 -52.42 17.48 -32.40
N PHE D 346 -51.84 18.53 -31.81
CA PHE D 346 -52.62 19.68 -31.36
C PHE D 346 -52.41 20.94 -32.18
N GLN D 347 -51.30 21.07 -32.89
CA GLN D 347 -51.09 22.18 -33.83
C GLN D 347 -50.70 21.62 -35.19
N PRO D 348 -51.55 20.78 -35.78
CA PRO D 348 -51.21 20.24 -37.11
C PRO D 348 -50.90 21.32 -38.11
N GLU D 349 -51.74 22.37 -38.16
CA GLU D 349 -51.54 23.46 -39.11
C GLU D 349 -50.15 24.07 -38.99
N ARG D 350 -49.54 24.00 -37.81
CA ARG D 350 -48.23 24.61 -37.58
C ARG D 350 -47.09 23.64 -37.76
N TYR D 351 -47.35 22.34 -37.88
CA TYR D 351 -46.28 21.36 -37.74
C TYR D 351 -45.09 21.70 -38.64
N LYS D 352 -45.30 21.63 -39.95
CA LYS D 352 -44.22 21.93 -40.88
C LYS D 352 -43.58 23.26 -40.53
N LEU D 353 -44.42 24.29 -40.33
CA LEU D 353 -43.93 25.62 -40.00
C LEU D 353 -43.00 25.56 -38.80
N TRP D 354 -43.40 24.86 -37.74
CA TRP D 354 -42.55 24.76 -36.56
C TRP D 354 -41.30 23.93 -36.88
N LYS D 355 -41.47 22.84 -37.63
CA LYS D 355 -40.30 22.04 -37.99
C LYS D 355 -39.33 22.84 -38.84
N ALA D 356 -39.85 23.76 -39.65
CA ALA D 356 -39.01 24.65 -40.45
C ALA D 356 -38.28 25.70 -39.61
N GLY D 357 -38.63 25.84 -38.33
CA GLY D 357 -38.05 26.89 -37.53
C GLY D 357 -38.66 28.24 -37.77
N LYS D 358 -39.84 28.30 -38.37
CA LYS D 358 -40.53 29.55 -38.67
C LYS D 358 -41.74 29.78 -37.77
N ASP D 359 -41.90 28.98 -36.72
CA ASP D 359 -42.95 29.20 -35.73
C ASP D 359 -42.44 30.25 -34.75
N ASN D 360 -42.94 31.46 -34.87
CA ASN D 360 -42.48 32.59 -34.06
C ASN D 360 -43.60 33.10 -33.17
N THR D 361 -44.39 32.17 -32.65
CA THR D 361 -45.47 32.51 -31.72
C THR D 361 -44.91 33.13 -30.45
N VAL D 362 -45.58 34.19 -29.98
CA VAL D 362 -45.21 34.83 -28.72
C VAL D 362 -46.17 34.34 -27.64
N ILE D 363 -45.62 33.79 -26.56
CA ILE D 363 -46.44 33.25 -25.50
C ILE D 363 -47.00 34.38 -24.65
N ASP D 364 -48.29 34.32 -24.37
CA ASP D 364 -48.96 35.23 -23.46
C ASP D 364 -49.16 34.48 -22.14
N HIS D 365 -48.36 34.83 -21.13
CA HIS D 365 -48.39 34.11 -19.86
C HIS D 365 -49.70 34.33 -19.11
N THR D 366 -50.46 35.37 -19.45
CA THR D 366 -51.74 35.63 -18.79
C THR D 366 -52.83 34.70 -19.28
N LEU D 367 -52.76 34.25 -20.52
CA LEU D 367 -53.88 33.54 -21.13
C LEU D 367 -54.08 32.18 -20.47
N PRO D 368 -55.31 31.80 -20.14
CA PRO D 368 -55.55 30.47 -19.59
C PRO D 368 -55.46 29.40 -20.67
N THR D 369 -55.51 28.15 -20.23
CA THR D 369 -55.40 27.06 -21.19
C THR D 369 -56.72 26.85 -21.93
N PRO D 370 -56.67 26.49 -23.21
CA PRO D 370 -57.90 26.30 -23.99
C PRO D 370 -58.99 25.49 -23.29
N GLU D 371 -58.61 24.45 -22.54
CA GLU D 371 -59.62 23.64 -21.86
C GLU D 371 -60.45 24.44 -20.87
N ALA D 372 -60.02 25.66 -20.56
CA ALA D 372 -60.75 26.55 -19.65
C ALA D 372 -61.83 27.37 -20.33
N ALA D 373 -61.97 27.25 -21.65
CA ALA D 373 -63.06 27.95 -22.34
C ALA D 373 -64.42 27.53 -21.80
N GLU D 374 -64.52 26.30 -21.28
CA GLU D 374 -65.75 25.84 -20.65
C GLU D 374 -66.15 26.73 -19.48
N PHE D 375 -65.17 27.36 -18.82
CA PHE D 375 -65.41 28.18 -17.64
C PHE D 375 -65.35 29.68 -17.95
N LEU D 376 -65.45 30.06 -19.22
CA LEU D 376 -65.33 31.47 -19.59
C LEU D 376 -66.52 31.92 -20.43
N VAL E 3 -19.24 7.51 -0.59
CA VAL E 3 -17.93 7.94 -0.13
C VAL E 3 -16.84 6.86 -0.05
N TYR E 4 -15.58 7.23 -0.20
CA TYR E 4 -14.45 6.32 -0.06
C TYR E 4 -13.33 7.01 0.67
N ASN E 5 -12.53 6.26 1.40
CA ASN E 5 -11.45 6.87 2.13
C ASN E 5 -10.16 6.94 1.33
N THR E 6 -9.51 8.11 1.42
CA THR E 6 -8.26 8.47 0.74
C THR E 6 -7.27 9.09 1.71
N ARG E 7 -6.01 9.22 1.31
CA ARG E 7 -4.98 9.72 2.23
C ARG E 7 -5.34 11.07 2.81
N SER E 8 -5.92 11.91 1.99
CA SER E 8 -6.31 13.24 2.35
C SER E 8 -7.68 13.32 3.03
N GLY E 9 -8.30 12.19 3.30
CA GLY E 9 -9.59 12.22 3.96
C GLY E 9 -10.69 11.38 3.39
N TRP E 10 -11.91 11.84 3.57
CA TRP E 10 -13.07 11.19 3.05
C TRP E 10 -13.35 11.95 1.78
N ARG E 11 -13.43 11.24 0.65
CA ARG E 11 -13.68 11.85 -0.64
C ARG E 11 -15.07 11.44 -1.09
N TRP E 12 -15.91 12.40 -1.44
CA TRP E 12 -17.25 12.07 -1.83
C TRP E 12 -17.37 12.10 -3.32
N TYR E 13 -17.72 10.96 -3.90
CA TYR E 13 -17.88 10.91 -5.32
C TYR E 13 -19.35 10.90 -5.51
N THR E 14 -19.88 11.94 -6.13
CA THR E 14 -21.30 12.04 -6.28
C THR E 14 -21.70 11.11 -7.45
#